data_4DLP
#
_entry.id   4DLP
#
_cell.length_a   116.250
_cell.length_b   77.620
_cell.length_c   116.270
_cell.angle_alpha   90.00
_cell.angle_beta   119.67
_cell.angle_gamma   90.00
#
_symmetry.space_group_name_H-M   'P 1 21 1'
#
loop_
_entity.id
_entity.type
_entity.pdbx_description
1 polymer 'Aminoacyl-tRNA synthetase, class I:Aminoacyl-tRNA synthetase, class Ia:Methionyl-tRNA synthetase, class Ia'
2 non-polymer SELENOMETHIONINE
3 water water
#
_entity_poly.entity_id   1
_entity_poly.type   'polypeptide(L)'
_entity_poly.pdbx_seq_one_letter_code
;MAHHHHHHMGTLEAQTQGPGSMSREKYYITTAIAYPNGKPHIGHAYELIATDAMARFQRLNGMDVYFLTGTDEHGIKMLQ
SARKEGITPRDLADRNTSAFRRMAEVLNSSNDDYIRTSEERHYKASQAIWQAMVANGDIYKGGYAGWYSVRDEAYYGEEE
TEVRADGVRYGPQGTPVEWVEEESYFFRLSAYQDKLLDLYENNPGFIMPAERRNEIVSFVKSGLKDLSISRTTFDWGIPV
PGDEKHVMYVWVDALTNYITALGYPDTTDERWAYWPANAHIIGKDISRFHAVYWPAFLMSAQLPLPKRVFAHGFLFNRGE
KMSKSVGNVIDPFELVERYGLDQLRYFLMREVPFGQDGSYSHEAIVNRTNADLANDLGNLAQRSLSMIAKNCEGKVPQPG
AFSEADKAILDQADAALETARKAMDDQALHLALGAIFAVVAEANRYFAGQEPWALRKTDPARMGTVLYVTAEVLRRVGIM
VQPFIPQSAEKLLDILAVPADKRQFADVLASPLAGGTDLPAPQPVFPRYVEADEQN
;
_entity_poly.pdbx_strand_id   A,B,C
#
# COMPACT_ATOMS: atom_id res chain seq x y z
N ARG A 24 -5.85 -20.39 4.93
CA ARG A 24 -5.30 -21.27 3.79
C ARG A 24 -4.28 -20.47 2.96
N GLU A 25 -3.05 -20.96 2.93
CA GLU A 25 -1.92 -20.28 2.30
C GLU A 25 -2.16 -20.09 0.77
N LYS A 26 -1.81 -18.90 0.28
CA LYS A 26 -2.11 -18.49 -1.08
C LYS A 26 -1.01 -18.92 -2.04
N TYR A 27 -1.40 -19.37 -3.23
CA TYR A 27 -0.43 -19.84 -4.25
C TYR A 27 -0.82 -19.38 -5.65
N TYR A 28 0.06 -18.57 -6.26
CA TYR A 28 -0.24 -17.98 -7.57
C TYR A 28 0.77 -18.53 -8.57
N ILE A 29 0.25 -19.14 -9.65
CA ILE A 29 1.06 -19.66 -10.71
C ILE A 29 0.58 -19.21 -12.12
N THR A 30 1.54 -18.96 -13.01
CA THR A 30 1.23 -18.41 -14.32
C THR A 30 1.96 -19.17 -15.41
N THR A 31 1.37 -19.21 -16.61
CA THR A 31 2.11 -19.58 -17.81
C THR A 31 2.56 -18.34 -18.58
N ALA A 32 3.55 -18.47 -19.45
CA ALA A 32 3.82 -17.41 -20.44
C ALA A 32 2.55 -17.22 -21.25
N ILE A 33 2.34 -16.02 -21.76
CA ILE A 33 1.20 -15.75 -22.59
C ILE A 33 1.69 -15.80 -24.06
N ALA A 34 1.14 -16.71 -24.85
CA ALA A 34 1.62 -16.92 -26.21
C ALA A 34 1.16 -15.82 -27.15
N TYR A 35 2.03 -15.52 -28.12
CA TYR A 35 1.61 -14.71 -29.29
C TYR A 35 0.63 -15.56 -30.08
N PRO A 36 -0.56 -15.04 -30.37
CA PRO A 36 -1.54 -15.82 -31.08
C PRO A 36 -1.48 -15.47 -32.57
N ASN A 37 -0.29 -15.47 -33.17
CA ASN A 37 -0.17 -15.09 -34.56
C ASN A 37 -0.33 -16.26 -35.52
N GLY A 38 -0.52 -17.45 -34.97
CA GLY A 38 -0.94 -18.62 -35.73
C GLY A 38 -1.93 -19.54 -35.01
N LYS A 39 -1.77 -20.84 -35.26
CA LYS A 39 -2.56 -21.84 -34.58
C LYS A 39 -1.75 -22.30 -33.34
N PRO A 40 -2.41 -22.82 -32.31
CA PRO A 40 -1.71 -23.44 -31.17
C PRO A 40 -0.84 -24.60 -31.54
N HIS A 41 0.36 -24.62 -30.96
CA HIS A 41 1.35 -25.69 -31.16
C HIS A 41 1.56 -26.43 -29.90
N ILE A 42 2.28 -27.54 -29.99
CA ILE A 42 2.45 -28.45 -28.86
C ILE A 42 3.27 -27.83 -27.73
N GLY A 43 4.15 -26.89 -28.06
CA GLY A 43 4.89 -26.14 -27.03
C GLY A 43 3.92 -25.47 -26.07
N HIS A 44 2.91 -24.79 -26.64
CA HIS A 44 1.86 -24.12 -25.84
C HIS A 44 1.05 -25.13 -25.03
N ALA A 45 0.74 -26.26 -25.62
CA ALA A 45 -0.01 -27.29 -24.93
C ALA A 45 0.81 -27.88 -23.75
N TYR A 46 2.10 -28.14 -24.00
CA TYR A 46 3.00 -28.66 -22.99
C TYR A 46 3.08 -27.75 -21.78
N GLU A 47 3.33 -26.48 -22.02
CA GLU A 47 3.46 -25.52 -20.97
C GLU A 47 2.16 -25.47 -20.16
N LEU A 48 1.03 -25.50 -20.84
CA LEU A 48 -0.23 -25.36 -20.15
C LEU A 48 -0.50 -26.60 -19.31
N ILE A 49 -0.23 -27.79 -19.85
CA ILE A 49 -0.46 -29.03 -19.09
C ILE A 49 0.39 -29.06 -17.81
N ALA A 50 1.65 -28.72 -17.93
CA ALA A 50 2.57 -28.79 -16.80
C ALA A 50 2.14 -27.76 -15.73
N THR A 51 1.74 -26.57 -16.17
CA THR A 51 1.32 -25.54 -15.21
C THR A 51 0.00 -25.96 -14.56
N ASP A 52 -0.90 -26.54 -15.34
CA ASP A 52 -2.16 -27.07 -14.80
C ASP A 52 -1.92 -28.14 -13.74
N ALA A 53 -1.01 -29.08 -14.03
CA ALA A 53 -0.70 -30.10 -13.06
C ALA A 53 -0.23 -29.44 -11.77
N MET A 54 0.67 -28.47 -11.87
CA MET A 54 1.24 -27.85 -10.66
C MET A 54 0.17 -27.11 -9.87
N ALA A 55 -0.71 -26.44 -10.58
CA ALA A 55 -1.80 -25.73 -9.95
C ALA A 55 -2.75 -26.69 -9.22
N ARG A 56 -3.10 -27.78 -9.86
CA ARG A 56 -4.04 -28.72 -9.26
C ARG A 56 -3.38 -29.39 -8.07
N PHE A 57 -2.09 -29.70 -8.20
CA PHE A 57 -1.39 -30.33 -7.12
C PHE A 57 -1.53 -29.47 -5.88
N GLN A 58 -1.21 -28.18 -6.00
CA GLN A 58 -1.30 -27.32 -4.83
C GLN A 58 -2.74 -27.19 -4.32
N ARG A 59 -3.74 -27.18 -5.20
CA ARG A 59 -5.12 -27.16 -4.65
C ARG A 59 -5.35 -28.34 -3.70
N LEU A 60 -5.03 -29.54 -4.19
CA LEU A 60 -5.24 -30.79 -3.46
C LEU A 60 -4.36 -30.84 -2.20
N ASN A 61 -3.27 -30.06 -2.22
CA ASN A 61 -2.39 -29.96 -1.09
C ASN A 61 -2.87 -28.93 -0.07
N GLY A 62 -4.06 -28.39 -0.30
CA GLY A 62 -4.72 -27.48 0.62
C GLY A 62 -4.44 -25.99 0.44
N MET A 63 -3.86 -25.56 -0.69
CA MET A 63 -3.60 -24.12 -0.90
C MET A 63 -4.77 -23.38 -1.57
N ASP A 64 -4.75 -22.06 -1.44
CA ASP A 64 -5.69 -21.21 -2.14
C ASP A 64 -4.97 -20.75 -3.40
N VAL A 65 -5.37 -21.33 -4.51
CA VAL A 65 -4.65 -21.20 -5.75
C VAL A 65 -5.32 -20.24 -6.74
N TYR A 66 -4.49 -19.39 -7.38
CA TYR A 66 -4.89 -18.62 -8.57
C TYR A 66 -3.97 -18.98 -9.74
N PHE A 67 -4.55 -19.38 -10.86
CA PHE A 67 -3.81 -19.91 -12.00
C PHE A 67 -4.22 -19.15 -13.27
N LEU A 68 -3.24 -18.49 -13.87
CA LEU A 68 -3.40 -17.62 -15.02
C LEU A 68 -2.73 -18.21 -16.25
N THR A 69 -3.38 -18.03 -17.39
CA THR A 69 -2.74 -18.12 -18.68
C THR A 69 -3.43 -17.07 -19.56
N GLY A 70 -3.09 -17.00 -20.84
CA GLY A 70 -3.65 -15.93 -21.68
C GLY A 70 -2.88 -15.75 -22.98
N THR A 71 -3.12 -14.63 -23.65
CA THR A 71 -2.41 -14.32 -24.87
C THR A 71 -1.81 -12.91 -24.95
N ASP A 72 -0.66 -12.83 -25.63
CA ASP A 72 0.10 -11.60 -25.85
C ASP A 72 -0.19 -11.11 -27.25
N GLU A 73 -0.99 -10.06 -27.40
CA GLU A 73 -1.57 -9.68 -28.71
C GLU A 73 -0.96 -8.47 -29.42
N HIS A 74 -0.15 -7.67 -28.73
CA HIS A 74 0.60 -6.57 -29.35
C HIS A 74 1.92 -7.07 -29.92
N GLY A 75 2.76 -6.15 -30.39
CA GLY A 75 4.03 -6.52 -30.98
C GLY A 75 4.13 -6.37 -32.50
N ILE A 76 5.36 -6.21 -32.98
CA ILE A 76 5.66 -6.12 -34.41
C ILE A 76 5.44 -7.45 -35.12
N LYS A 77 5.64 -8.56 -34.41
CA LYS A 77 5.41 -9.87 -34.99
C LYS A 77 3.92 -10.10 -35.27
N MET A 78 3.03 -9.52 -34.46
CA MET A 78 1.59 -9.59 -34.72
C MET A 78 1.19 -8.66 -35.84
N LEU A 79 1.80 -7.49 -35.89
CA LEU A 79 1.56 -6.55 -36.94
C LEU A 79 1.87 -7.11 -38.32
N GLN A 80 3.04 -7.73 -38.44
CA GLN A 80 3.49 -8.35 -39.69
C GLN A 80 2.69 -9.58 -40.10
N SER A 81 2.21 -10.33 -39.14
CA SER A 81 1.35 -11.43 -39.47
C SER A 81 0.00 -10.92 -39.99
N ALA A 82 -0.47 -9.84 -39.38
CA ALA A 82 -1.71 -9.21 -39.79
C ALA A 82 -1.58 -8.70 -41.24
N ARG A 83 -0.45 -8.09 -41.57
CA ARG A 83 -0.27 -7.55 -42.91
C ARG A 83 -0.30 -8.66 -43.94
N LYS A 84 0.48 -9.71 -43.72
CA LYS A 84 0.53 -10.85 -44.63
C LYS A 84 -0.90 -11.34 -44.92
N GLU A 85 -1.69 -11.62 -43.89
CA GLU A 85 -3.11 -12.00 -44.07
C GLU A 85 -4.02 -10.88 -44.58
N GLY A 86 -3.54 -9.64 -44.66
CA GLY A 86 -4.34 -8.49 -45.12
C GLY A 86 -5.52 -8.10 -44.25
N ILE A 87 -5.35 -8.23 -42.91
CA ILE A 87 -6.34 -7.77 -41.94
C ILE A 87 -5.65 -6.93 -40.87
N THR A 88 -6.44 -6.42 -39.94
CA THR A 88 -5.86 -5.64 -38.84
C THR A 88 -5.37 -6.57 -37.75
N PRO A 89 -4.35 -6.15 -37.00
CA PRO A 89 -3.87 -6.96 -35.88
C PRO A 89 -4.92 -7.26 -34.80
N ARG A 90 -5.88 -6.34 -34.56
CA ARG A 90 -7.01 -6.66 -33.69
C ARG A 90 -7.88 -7.75 -34.28
N ASP A 91 -8.10 -7.70 -35.58
CA ASP A 91 -8.91 -8.68 -36.27
C ASP A 91 -8.24 -10.02 -36.04
N LEU A 92 -6.93 -10.11 -36.34
CA LEU A 92 -6.14 -11.36 -36.24
C LEU A 92 -6.09 -11.88 -34.82
N ALA A 93 -5.81 -10.98 -33.89
CA ALA A 93 -5.83 -11.34 -32.47
C ALA A 93 -7.16 -11.93 -32.05
N ASP A 94 -8.26 -11.24 -32.34
CA ASP A 94 -9.60 -11.77 -32.02
C ASP A 94 -9.87 -13.18 -32.62
N ARG A 95 -9.47 -13.39 -33.86
CA ARG A 95 -9.73 -14.67 -34.57
C ARG A 95 -8.91 -15.84 -34.04
N ASN A 96 -7.59 -15.66 -33.98
CA ASN A 96 -6.68 -16.69 -33.51
C ASN A 96 -6.77 -17.00 -32.03
N THR A 97 -7.21 -16.02 -31.22
CA THR A 97 -7.29 -16.24 -29.76
C THR A 97 -8.32 -17.32 -29.39
N SER A 98 -9.41 -17.40 -30.15
CA SER A 98 -10.44 -18.40 -29.85
C SER A 98 -9.86 -19.82 -29.84
N ALA A 99 -8.87 -20.05 -30.71
CA ALA A 99 -8.25 -21.36 -30.84
C ALA A 99 -7.44 -21.65 -29.58
N PHE A 100 -6.75 -20.64 -29.07
CA PHE A 100 -6.00 -20.78 -27.83
C PHE A 100 -6.94 -21.04 -26.65
N ARG A 101 -8.06 -20.37 -26.62
CA ARG A 101 -9.03 -20.62 -25.56
C ARG A 101 -9.62 -22.02 -25.67
N ARG A 102 -9.90 -22.45 -26.90
CA ARG A 102 -10.40 -23.79 -27.11
C ARG A 102 -9.34 -24.82 -26.70
N MET A 103 -8.05 -24.51 -26.91
CA MET A 103 -7.01 -25.43 -26.52
C MET A 103 -7.07 -25.65 -25.00
N ALA A 104 -7.23 -24.55 -24.27
CA ALA A 104 -7.33 -24.63 -22.84
C ALA A 104 -8.49 -25.55 -22.42
N GLU A 105 -9.65 -25.42 -23.05
CA GLU A 105 -10.77 -26.28 -22.67
C GLU A 105 -10.42 -27.77 -22.99
N VAL A 106 -9.82 -28.03 -24.15
CA VAL A 106 -9.53 -29.40 -24.56
C VAL A 106 -8.48 -30.07 -23.69
N LEU A 107 -7.49 -29.31 -23.23
CA LEU A 107 -6.46 -29.88 -22.33
C LEU A 107 -6.92 -29.97 -20.85
N ASN A 108 -8.19 -29.67 -20.58
CA ASN A 108 -8.74 -29.66 -19.23
C ASN A 108 -7.98 -28.73 -18.27
N SER A 109 -7.77 -27.48 -18.70
CA SER A 109 -7.02 -26.50 -17.91
C SER A 109 -7.90 -25.89 -16.83
N SER A 110 -7.37 -25.82 -15.62
CA SER A 110 -8.12 -25.34 -14.47
C SER A 110 -7.82 -23.88 -14.16
N ASN A 111 -7.32 -23.14 -15.14
CA ASN A 111 -7.03 -21.72 -14.94
C ASN A 111 -8.24 -20.94 -14.50
N ASP A 112 -8.01 -19.99 -13.59
CA ASP A 112 -9.04 -19.23 -12.91
C ASP A 112 -9.42 -17.95 -13.70
N ASP A 113 -8.59 -17.56 -14.66
CA ASP A 113 -8.80 -16.35 -15.44
C ASP A 113 -8.02 -16.58 -16.72
N TYR A 114 -8.34 -15.77 -17.72
CA TYR A 114 -7.71 -15.81 -19.02
C TYR A 114 -7.44 -14.38 -19.39
N ILE A 115 -6.17 -14.03 -19.60
CA ILE A 115 -5.80 -12.63 -19.86
C ILE A 115 -5.50 -12.42 -21.36
N ARG A 116 -5.99 -11.33 -21.92
CA ARG A 116 -5.67 -10.92 -23.27
C ARG A 116 -5.15 -9.50 -23.16
N THR A 117 -3.99 -9.23 -23.73
CA THR A 117 -3.40 -7.91 -23.51
C THR A 117 -4.05 -6.78 -24.28
N SER A 118 -5.13 -7.07 -25.01
CA SER A 118 -5.94 -6.04 -25.68
C SER A 118 -7.02 -5.49 -24.75
N GLU A 119 -7.23 -6.13 -23.61
CA GLU A 119 -8.24 -5.71 -22.66
C GLU A 119 -7.94 -4.32 -22.06
N GLU A 120 -8.98 -3.57 -21.68
CA GLU A 120 -8.78 -2.26 -21.07
C GLU A 120 -8.08 -2.33 -19.69
N ARG A 121 -8.38 -3.33 -18.87
CA ARG A 121 -7.67 -3.49 -17.62
C ARG A 121 -6.13 -3.51 -17.80
N HIS A 122 -5.65 -4.12 -18.90
CA HIS A 122 -4.23 -4.24 -19.15
C HIS A 122 -3.61 -2.95 -19.61
N TYR A 123 -4.36 -2.24 -20.40
CA TYR A 123 -3.91 -0.97 -20.94
C TYR A 123 -3.62 -0.06 -19.75
N LYS A 124 -4.54 -0.06 -18.77
CA LYS A 124 -4.45 0.82 -17.57
C LYS A 124 -3.30 0.30 -16.64
N ALA A 125 -3.23 -1.03 -16.46
CA ALA A 125 -2.11 -1.69 -15.72
C ALA A 125 -0.75 -1.29 -16.25
N SER A 126 -0.57 -1.43 -17.56
CA SER A 126 0.72 -1.19 -18.22
C SER A 126 1.10 0.27 -18.11
N GLN A 127 0.13 1.16 -18.29
CA GLN A 127 0.38 2.59 -18.07
C GLN A 127 0.64 2.94 -16.61
N ALA A 128 0.08 2.18 -15.69
CA ALA A 128 0.36 2.42 -14.26
C ALA A 128 1.81 1.97 -13.92
N ILE A 129 2.21 0.78 -14.34
CA ILE A 129 3.55 0.30 -13.99
C ILE A 129 4.59 1.20 -14.60
N TRP A 130 4.28 1.70 -15.80
CA TRP A 130 5.13 2.68 -16.47
C TRP A 130 5.29 3.94 -15.67
N GLN A 131 4.19 4.46 -15.18
CA GLN A 131 4.26 5.68 -14.39
C GLN A 131 5.03 5.45 -13.12
N ALA A 132 4.91 4.24 -12.57
CA ALA A 132 5.57 3.91 -11.32
C ALA A 132 7.09 3.96 -11.54
N MET A 133 7.54 3.49 -12.71
CA MET A 133 8.97 3.48 -13.00
C MET A 133 9.50 4.90 -13.26
N VAL A 134 8.66 5.73 -13.86
CA VAL A 134 9.01 7.13 -14.10
C VAL A 134 9.12 7.80 -12.72
N ALA A 135 8.15 7.55 -11.84
CA ALA A 135 8.19 8.17 -10.48
C ALA A 135 9.44 7.78 -9.72
N ASN A 136 9.98 6.58 -9.98
CA ASN A 136 11.22 6.11 -9.29
C ASN A 136 12.50 6.64 -9.94
N GLY A 137 12.36 7.40 -11.03
CA GLY A 137 13.51 7.94 -11.79
C GLY A 137 14.22 7.00 -12.75
N ASP A 138 13.55 5.90 -13.10
CA ASP A 138 14.19 4.86 -13.90
C ASP A 138 13.91 4.94 -15.39
N ILE A 139 13.26 6.00 -15.86
CA ILE A 139 12.86 6.10 -17.27
C ILE A 139 13.19 7.45 -17.86
N TYR A 140 13.83 7.46 -19.02
CA TYR A 140 14.18 8.71 -19.69
C TYR A 140 14.09 8.58 -21.21
N LYS A 141 13.96 9.69 -21.88
CA LYS A 141 13.94 9.72 -23.33
C LYS A 141 15.36 10.03 -23.77
N GLY A 142 15.87 9.26 -24.72
CA GLY A 142 17.24 9.44 -25.17
C GLY A 142 17.49 9.00 -26.59
N GLY A 143 18.73 9.26 -27.01
CA GLY A 143 19.22 8.93 -28.35
C GLY A 143 20.14 7.73 -28.30
N TYR A 144 19.87 6.74 -29.16
CA TYR A 144 20.81 5.64 -29.45
C TYR A 144 21.20 5.51 -30.91
N ALA A 145 22.35 4.88 -31.10
CA ALA A 145 22.92 4.63 -32.43
C ALA A 145 23.57 3.24 -32.43
N GLY A 146 22.86 2.27 -32.99
CA GLY A 146 23.34 0.89 -32.99
C GLY A 146 22.51 -0.05 -33.84
N TRP A 147 22.90 -1.30 -33.87
CA TRP A 147 22.12 -2.26 -34.64
C TRP A 147 20.78 -2.49 -34.01
N TYR A 148 19.69 -2.51 -34.78
CA TYR A 148 18.35 -2.76 -34.27
C TYR A 148 17.64 -3.82 -35.12
N SER A 149 16.89 -4.72 -34.48
CA SER A 149 16.07 -5.67 -35.17
C SER A 149 14.65 -5.21 -35.01
N VAL A 150 14.01 -4.91 -36.14
CA VAL A 150 12.63 -4.44 -36.16
C VAL A 150 11.75 -5.46 -35.48
N ARG A 151 11.97 -6.73 -35.80
CA ARG A 151 11.09 -7.76 -35.30
C ARG A 151 11.26 -8.10 -33.82
N ASP A 152 12.43 -7.85 -33.23
CA ASP A 152 12.61 -8.22 -31.81
C ASP A 152 12.41 -7.00 -30.91
N GLU A 153 12.20 -5.86 -31.58
CA GLU A 153 12.06 -4.54 -30.98
C GLU A 153 13.17 -4.21 -30.00
N ALA A 154 14.38 -4.67 -30.33
CA ALA A 154 15.59 -4.61 -29.48
C ALA A 154 16.84 -4.20 -30.26
N TYR A 155 17.65 -3.37 -29.64
CA TYR A 155 19.02 -3.09 -30.11
C TYR A 155 20.01 -4.20 -29.76
N TYR A 156 21.12 -4.29 -30.49
CA TYR A 156 22.19 -5.25 -30.19
C TYR A 156 23.57 -4.65 -30.38
N GLY A 157 24.53 -5.17 -29.63
CA GLY A 157 25.95 -4.82 -29.80
C GLY A 157 26.56 -5.62 -30.94
N GLU A 158 27.51 -5.00 -31.62
CA GLU A 158 28.12 -5.57 -32.79
C GLU A 158 28.56 -6.98 -32.46
N GLU A 159 29.09 -7.19 -31.26
CA GLU A 159 29.60 -8.53 -30.86
C GLU A 159 28.52 -9.63 -30.89
N GLU A 160 27.27 -9.26 -30.58
CA GLU A 160 26.15 -10.22 -30.57
C GLU A 160 25.59 -10.50 -31.98
N THR A 161 26.19 -9.90 -33.02
CA THR A 161 25.73 -10.05 -34.43
C THR A 161 26.69 -10.85 -35.41
N GLU A 162 26.12 -11.36 -36.50
CA GLU A 162 26.94 -12.02 -37.51
C GLU A 162 26.48 -11.66 -38.91
N VAL A 163 27.41 -11.56 -39.87
CA VAL A 163 27.08 -11.43 -41.26
C VAL A 163 27.15 -12.81 -41.93
N ARG A 164 26.03 -13.30 -42.44
CA ARG A 164 26.01 -14.61 -43.05
C ARG A 164 26.41 -14.57 -44.50
N ALA A 165 26.36 -15.70 -45.19
CA ALA A 165 26.88 -15.75 -46.56
C ALA A 165 26.07 -14.89 -47.56
N ASP A 166 24.78 -14.74 -47.30
CA ASP A 166 23.94 -13.82 -48.05
C ASP A 166 24.32 -12.33 -47.88
N GLY A 167 25.35 -12.00 -47.10
CA GLY A 167 25.78 -10.62 -46.86
C GLY A 167 24.92 -9.79 -45.89
N VAL A 168 24.03 -10.46 -45.16
CA VAL A 168 23.09 -9.77 -44.26
C VAL A 168 23.55 -9.98 -42.80
N ARG A 169 23.53 -8.91 -42.01
CA ARG A 169 23.84 -8.98 -40.59
C ARG A 169 22.61 -9.45 -39.81
N TYR A 170 22.75 -10.50 -39.01
CA TYR A 170 21.71 -11.05 -38.14
C TYR A 170 22.04 -10.86 -36.66
N GLY A 171 21.02 -10.54 -35.86
CA GLY A 171 21.15 -10.54 -34.42
C GLY A 171 21.09 -11.95 -33.83
N PRO A 172 21.23 -12.06 -32.51
CA PRO A 172 21.32 -13.38 -31.84
C PRO A 172 20.02 -14.17 -31.89
N GLN A 173 18.89 -13.44 -31.86
CA GLN A 173 17.55 -14.06 -31.83
C GLN A 173 17.09 -14.51 -33.24
N GLY A 174 18.07 -14.65 -34.19
CA GLY A 174 17.83 -15.14 -35.58
C GLY A 174 17.37 -14.15 -36.69
N THR A 175 17.03 -12.91 -36.33
CA THR A 175 16.41 -11.98 -37.24
C THR A 175 17.42 -10.90 -37.72
N PRO A 176 17.20 -10.32 -38.91
CA PRO A 176 18.04 -9.23 -39.42
C PRO A 176 18.09 -8.02 -38.53
N VAL A 177 19.24 -7.37 -38.51
CA VAL A 177 19.42 -6.11 -37.81
C VAL A 177 19.86 -5.07 -38.83
N GLU A 178 19.36 -3.86 -38.69
CA GLU A 178 19.80 -2.76 -39.51
C GLU A 178 20.30 -1.64 -38.57
N TRP A 179 21.13 -0.74 -39.09
CA TRP A 179 21.67 0.34 -38.29
C TRP A 179 20.64 1.41 -38.18
N VAL A 180 20.49 1.97 -36.99
CA VAL A 180 19.45 2.96 -36.68
C VAL A 180 19.98 4.00 -35.71
N GLU A 181 19.58 5.25 -35.91
CA GLU A 181 19.81 6.37 -34.96
C GLU A 181 18.49 7.06 -34.65
N GLU A 182 17.99 6.89 -33.44
CA GLU A 182 16.68 7.38 -33.05
C GLU A 182 16.61 7.80 -31.59
N GLU A 183 15.67 8.69 -31.28
CA GLU A 183 15.22 8.87 -29.89
C GLU A 183 14.20 7.72 -29.55
N SER A 184 14.23 7.31 -28.29
CA SER A 184 13.56 6.13 -27.71
C SER A 184 13.52 6.31 -26.18
N TYR A 185 12.47 5.85 -25.52
CA TYR A 185 12.47 5.78 -24.04
C TYR A 185 13.35 4.65 -23.56
N PHE A 186 14.05 4.86 -22.46
CA PHE A 186 14.90 3.85 -21.89
C PHE A 186 14.55 3.58 -20.43
N PHE A 187 14.82 2.35 -19.99
CA PHE A 187 14.75 1.96 -18.59
C PHE A 187 16.19 1.87 -18.09
N ARG A 188 16.44 2.35 -16.88
CA ARG A 188 17.80 2.41 -16.36
C ARG A 188 18.24 1.03 -15.81
N LEU A 189 18.27 0.03 -16.68
CA LEU A 189 18.65 -1.32 -16.28
C LEU A 189 20.06 -1.36 -15.70
N SER A 190 20.90 -0.41 -16.08
CA SER A 190 22.24 -0.33 -15.52
C SER A 190 22.21 -0.10 -14.01
N ALA A 191 21.18 0.55 -13.51
CA ALA A 191 21.07 0.80 -12.08
C ALA A 191 20.71 -0.44 -11.26
N TYR A 192 20.49 -1.60 -11.92
CA TYR A 192 20.01 -2.78 -11.20
C TYR A 192 20.93 -3.98 -11.21
N GLN A 193 22.07 -3.85 -11.86
CA GLN A 193 23.01 -4.96 -11.90
C GLN A 193 23.26 -5.54 -10.52
N ASP A 194 23.62 -4.70 -9.56
CA ASP A 194 24.01 -5.21 -8.23
C ASP A 194 22.82 -5.75 -7.44
N LYS A 195 21.67 -5.07 -7.50
CA LYS A 195 20.44 -5.56 -6.83
C LYS A 195 19.93 -6.88 -7.40
N LEU A 196 20.16 -7.11 -8.69
CA LEU A 196 19.88 -8.40 -9.32
C LEU A 196 20.84 -9.49 -8.85
N LEU A 197 22.14 -9.21 -8.85
CA LEU A 197 23.09 -10.20 -8.31
C LEU A 197 22.79 -10.57 -6.84
N ASP A 198 22.38 -9.62 -6.01
CA ASP A 198 21.97 -9.96 -4.64
C ASP A 198 20.76 -10.89 -4.63
N LEU A 199 19.78 -10.57 -5.48
CA LEU A 199 18.58 -11.39 -5.60
C LEU A 199 18.99 -12.83 -5.92
N TYR A 200 19.89 -13.01 -6.88
CA TYR A 200 20.37 -14.36 -7.20
C TYR A 200 21.14 -15.05 -6.02
N GLU A 201 21.94 -14.31 -5.25
CA GLU A 201 22.58 -14.92 -4.05
C GLU A 201 21.56 -15.29 -2.99
N ASN A 202 20.66 -14.38 -2.66
CA ASN A 202 19.75 -14.55 -1.54
C ASN A 202 18.60 -15.47 -1.83
N ASN A 203 18.31 -15.70 -3.10
CA ASN A 203 17.23 -16.57 -3.47
CA ASN A 203 17.23 -16.61 -3.50
C ASN A 203 17.81 -17.54 -4.54
N PRO A 204 18.45 -18.61 -4.10
CA PRO A 204 19.09 -19.51 -5.08
C PRO A 204 18.14 -20.24 -6.04
N GLY A 205 16.85 -20.22 -5.75
CA GLY A 205 15.84 -20.84 -6.64
C GLY A 205 15.01 -19.83 -7.45
N PHE A 206 15.52 -18.61 -7.59
CA PHE A 206 14.77 -17.57 -8.29
C PHE A 206 14.58 -17.88 -9.76
N ILE A 207 15.65 -18.35 -10.41
CA ILE A 207 15.59 -18.77 -11.80
C ILE A 207 16.15 -20.19 -11.94
N MET A 208 15.33 -21.10 -12.44
CA MET A 208 15.71 -22.50 -12.48
C MET A 208 15.24 -23.11 -13.80
N PRO A 209 15.82 -24.24 -14.18
CA PRO A 209 16.86 -25.02 -13.51
C PRO A 209 18.26 -24.43 -13.62
N ALA A 210 19.23 -25.14 -13.03
CA ALA A 210 20.63 -24.68 -12.88
C ALA A 210 21.24 -24.12 -14.15
N GLU A 211 21.05 -24.81 -15.27
CA GLU A 211 21.64 -24.36 -16.54
C GLU A 211 21.15 -22.93 -16.82
N ARG A 212 19.89 -22.65 -16.52
CA ARG A 212 19.32 -21.31 -16.70
C ARG A 212 19.90 -20.32 -15.72
N ARG A 213 20.00 -20.71 -14.45
CA ARG A 213 20.61 -19.88 -13.42
C ARG A 213 21.94 -19.34 -13.87
N ASN A 214 22.80 -20.23 -14.37
CA ASN A 214 24.16 -19.87 -14.78
C ASN A 214 24.16 -18.95 -16.02
N GLU A 215 23.35 -19.25 -17.03
CA GLU A 215 23.24 -18.31 -18.14
C GLU A 215 22.95 -16.91 -17.58
N ILE A 216 21.93 -16.79 -16.70
CA ILE A 216 21.46 -15.48 -16.24
C ILE A 216 22.49 -14.78 -15.37
N VAL A 217 23.01 -15.49 -14.37
CA VAL A 217 24.01 -14.93 -13.44
C VAL A 217 25.22 -14.40 -14.21
N SER A 218 25.69 -15.18 -15.15
CA SER A 218 26.81 -14.82 -15.98
C SER A 218 26.49 -13.62 -16.86
N PHE A 219 25.31 -13.63 -17.45
CA PHE A 219 24.91 -12.51 -18.29
C PHE A 219 24.89 -11.22 -17.48
N VAL A 220 24.30 -11.25 -16.28
CA VAL A 220 24.24 -10.04 -15.43
C VAL A 220 25.60 -9.63 -14.85
N LYS A 221 26.47 -10.60 -14.51
CA LYS A 221 27.83 -10.29 -14.03
C LYS A 221 28.66 -9.54 -15.06
N SER A 222 28.42 -9.82 -16.34
CA SER A 222 29.22 -9.24 -17.42
C SER A 222 28.73 -7.86 -17.86
N GLY A 223 27.74 -7.31 -17.17
CA GLY A 223 27.40 -5.89 -17.30
C GLY A 223 26.09 -5.64 -18.01
N LEU A 224 25.33 -4.68 -17.50
CA LEU A 224 23.99 -4.38 -18.01
C LEU A 224 23.91 -2.95 -18.55
N LYS A 225 23.46 -2.82 -19.80
CA LYS A 225 23.25 -1.51 -20.41
C LYS A 225 21.76 -1.12 -20.27
N ASP A 226 21.47 0.17 -20.16
CA ASP A 226 20.08 0.63 -20.16
C ASP A 226 19.29 0.03 -21.36
N LEU A 227 18.01 -0.22 -21.15
CA LEU A 227 17.18 -0.97 -22.07
C LEU A 227 16.15 -0.10 -22.76
N SER A 228 16.05 -0.22 -24.07
CA SER A 228 15.09 0.57 -24.84
C SER A 228 13.70 -0.02 -24.66
N ILE A 229 12.72 0.81 -24.32
CA ILE A 229 11.39 0.32 -23.95
C ILE A 229 10.25 1.02 -24.71
N SER A 230 10.56 1.70 -25.81
CA SER A 230 9.51 2.27 -26.65
C SER A 230 9.89 2.19 -28.12
N ARG A 231 8.88 2.27 -28.99
CA ARG A 231 9.13 2.52 -30.45
C ARG A 231 8.08 3.48 -30.99
N THR A 232 8.22 3.88 -32.25
CA THR A 232 7.45 4.95 -32.84
C THR A 232 7.26 4.78 -34.35
N ASP A 235 2.12 1.17 -34.88
CA ASP A 235 0.97 1.79 -34.19
C ASP A 235 0.01 0.73 -33.59
N TRP A 236 0.60 -0.25 -32.92
CA TRP A 236 -0.17 -1.37 -32.36
C TRP A 236 0.51 -1.79 -31.09
N GLY A 237 0.00 -1.22 -30.00
CA GLY A 237 0.65 -1.37 -28.72
C GLY A 237 0.06 -0.42 -27.73
N ILE A 238 0.62 -0.36 -26.52
CA ILE A 238 0.09 0.54 -25.53
C ILE A 238 0.83 1.87 -25.61
N PRO A 239 0.09 2.96 -25.78
CA PRO A 239 0.81 4.25 -25.88
C PRO A 239 1.50 4.61 -24.59
N VAL A 240 2.70 5.13 -24.73
CA VAL A 240 3.46 5.61 -23.62
C VAL A 240 2.67 6.77 -23.03
N PRO A 241 2.27 6.69 -21.76
CA PRO A 241 1.49 7.84 -21.21
C PRO A 241 2.24 9.16 -21.31
N GLY A 242 1.55 10.20 -21.78
CA GLY A 242 2.14 11.53 -21.91
C GLY A 242 2.91 11.75 -23.20
N ASP A 243 3.03 10.73 -24.04
CA ASP A 243 3.72 10.85 -25.34
C ASP A 243 3.24 9.77 -26.32
N GLU A 244 2.01 9.94 -26.82
CA GLU A 244 1.34 8.96 -27.67
C GLU A 244 2.01 8.66 -29.02
N LYS A 245 2.92 9.52 -29.50
CA LYS A 245 3.74 9.16 -30.68
C LYS A 245 4.56 7.86 -30.45
N HIS A 246 4.71 7.44 -29.19
CA HIS A 246 5.47 6.25 -28.84
C HIS A 246 4.58 5.17 -28.30
N VAL A 247 4.97 3.92 -28.50
CA VAL A 247 4.29 2.80 -27.89
C VAL A 247 5.29 1.97 -27.09
N MET A 248 4.77 1.31 -26.07
CA MET A 248 5.60 0.52 -25.22
C MET A 248 6.09 -0.73 -25.96
N TYR A 249 7.39 -0.97 -25.81
CA TYR A 249 8.03 -2.23 -26.18
C TYR A 249 7.17 -3.39 -25.71
N VAL A 250 7.04 -4.40 -26.55
CA VAL A 250 6.04 -5.44 -26.33
C VAL A 250 6.26 -6.23 -25.04
N TRP A 251 7.51 -6.32 -24.60
CA TRP A 251 7.83 -7.04 -23.36
C TRP A 251 7.38 -6.33 -22.09
N VAL A 252 7.43 -4.99 -22.06
CA VAL A 252 7.03 -4.27 -20.84
C VAL A 252 5.53 -4.56 -20.59
N ASP A 253 4.78 -4.27 -21.63
CA ASP A 253 3.42 -4.64 -21.77
C ASP A 253 3.20 -6.11 -21.41
N ALA A 254 3.84 -7.04 -22.10
CA ALA A 254 3.55 -8.46 -21.90
C ALA A 254 3.75 -8.90 -20.46
N LEU A 255 4.87 -8.51 -19.85
CA LEU A 255 5.19 -8.97 -18.47
C LEU A 255 4.16 -8.50 -17.46
N THR A 256 3.61 -7.30 -17.68
CA THR A 256 2.58 -6.75 -16.83
C THR A 256 1.30 -7.60 -16.75
N ASN A 257 1.11 -8.48 -17.72
CA ASN A 257 -0.03 -9.39 -17.69
C ASN A 257 -0.15 -10.05 -16.30
N TYR A 258 0.99 -10.44 -15.73
CA TYR A 258 0.96 -11.18 -14.48
C TYR A 258 0.38 -10.41 -13.30
N ILE A 259 0.53 -9.07 -13.29
CA ILE A 259 -0.09 -8.22 -12.26
C ILE A 259 -1.44 -7.59 -12.70
N THR A 260 -1.62 -7.39 -14.00
CA THR A 260 -2.97 -7.05 -14.51
C THR A 260 -4.03 -7.99 -13.98
N ALA A 261 -3.79 -9.29 -14.08
CA ALA A 261 -4.79 -10.31 -13.70
C ALA A 261 -5.23 -10.24 -12.24
N LEU A 262 -4.48 -9.53 -11.40
CA LEU A 262 -4.77 -9.40 -9.97
C LEU A 262 -5.42 -8.04 -9.59
N GLY A 263 -5.69 -7.21 -10.58
CA GLY A 263 -6.32 -5.92 -10.38
C GLY A 263 -5.39 -4.71 -10.31
N TYR A 264 -4.11 -4.89 -10.62
CA TYR A 264 -3.19 -3.77 -10.62
C TYR A 264 -3.71 -2.66 -11.52
N PRO A 265 -3.57 -1.40 -11.10
CA PRO A 265 -2.93 -0.85 -9.92
C PRO A 265 -3.76 -0.76 -8.65
N ASP A 266 -4.96 -1.33 -8.64
CA ASP A 266 -5.79 -1.29 -7.43
C ASP A 266 -5.26 -2.35 -6.45
N THR A 267 -4.44 -1.92 -5.49
CA THR A 267 -3.85 -2.84 -4.52
C THR A 267 -4.81 -3.22 -3.42
N THR A 268 -6.04 -2.72 -3.47
CA THR A 268 -7.08 -3.19 -2.51
C THR A 268 -8.00 -4.26 -3.11
N ASP A 269 -7.93 -4.48 -4.40
CA ASP A 269 -8.58 -5.64 -5.05
C ASP A 269 -8.31 -6.89 -4.22
N GLU A 270 -9.33 -7.73 -4.05
CA GLU A 270 -9.17 -8.96 -3.25
C GLU A 270 -8.14 -9.95 -3.82
N ARG A 271 -7.87 -9.85 -5.12
CA ARG A 271 -6.93 -10.75 -5.77
C ARG A 271 -5.48 -10.35 -5.53
N TRP A 272 -5.27 -9.12 -5.10
CA TRP A 272 -3.95 -8.58 -5.04
C TRP A 272 -3.10 -9.31 -4.08
N ALA A 273 -3.71 -9.94 -3.08
CA ALA A 273 -2.94 -10.67 -2.09
C ALA A 273 -2.26 -11.91 -2.69
N TYR A 274 -2.69 -12.35 -3.88
CA TYR A 274 -1.97 -13.41 -4.60
C TYR A 274 -0.56 -13.01 -5.04
N TRP A 275 -0.33 -11.71 -5.24
CA TRP A 275 1.01 -11.23 -5.58
C TRP A 275 1.87 -11.26 -4.37
N PRO A 276 3.15 -11.68 -4.49
CA PRO A 276 3.99 -12.07 -5.65
C PRO A 276 3.78 -13.49 -6.07
N ALA A 277 3.98 -13.77 -7.35
CA ALA A 277 3.71 -15.07 -7.90
C ALA A 277 4.70 -16.04 -7.29
N ASN A 278 4.21 -17.23 -7.02
CA ASN A 278 5.01 -18.28 -6.49
C ASN A 278 5.85 -18.90 -7.59
N ALA A 279 5.31 -18.93 -8.79
CA ALA A 279 6.03 -19.56 -9.89
C ALA A 279 5.56 -19.03 -11.23
N HIS A 280 6.48 -18.53 -12.04
CA HIS A 280 6.21 -18.22 -13.45
C HIS A 280 6.77 -19.34 -14.23
N ILE A 281 5.91 -20.14 -14.86
CA ILE A 281 6.36 -21.17 -15.79
C ILE A 281 6.47 -20.59 -17.20
N ILE A 282 7.62 -20.79 -17.83
CA ILE A 282 7.97 -20.17 -19.09
C ILE A 282 8.83 -21.15 -19.87
N GLY A 283 9.09 -20.85 -21.15
CA GLY A 283 10.04 -21.62 -21.95
C GLY A 283 11.44 -20.99 -21.89
N LYS A 284 12.49 -21.77 -22.16
CA LYS A 284 13.87 -21.28 -21.92
C LYS A 284 14.30 -20.14 -22.83
N ASP A 285 13.66 -20.01 -23.97
CA ASP A 285 13.98 -18.92 -24.89
C ASP A 285 13.57 -17.53 -24.36
N ILE A 286 12.82 -17.46 -23.26
CA ILE A 286 12.39 -16.16 -22.75
C ILE A 286 12.78 -15.92 -21.28
N SER A 287 13.82 -16.61 -20.82
CA SER A 287 14.34 -16.46 -19.46
C SER A 287 14.82 -15.06 -19.12
N ARG A 288 15.54 -14.44 -20.04
CA ARG A 288 16.17 -13.14 -19.79
C ARG A 288 15.08 -12.10 -19.44
N PHE A 289 13.96 -12.14 -20.14
CA PHE A 289 12.85 -11.20 -19.91
C PHE A 289 12.28 -11.34 -18.53
N HIS A 290 12.20 -12.59 -18.05
CA HIS A 290 11.52 -12.87 -16.80
C HIS A 290 12.43 -12.83 -15.61
N ALA A 291 13.73 -13.11 -15.81
CA ALA A 291 14.70 -13.19 -14.70
C ALA A 291 15.61 -12.00 -14.63
N VAL A 292 15.59 -11.15 -15.64
CA VAL A 292 16.38 -9.94 -15.61
C VAL A 292 15.51 -8.70 -15.71
N TYR A 293 14.79 -8.56 -16.81
CA TYR A 293 14.00 -7.37 -17.02
C TYR A 293 12.90 -7.29 -15.98
N TRP A 294 12.15 -8.35 -15.82
CA TRP A 294 10.98 -8.32 -14.95
C TRP A 294 11.31 -7.93 -13.55
N PRO A 295 12.24 -8.64 -12.89
CA PRO A 295 12.54 -8.20 -11.50
C PRO A 295 13.06 -6.77 -11.41
N ALA A 296 13.82 -6.34 -12.40
CA ALA A 296 14.28 -4.97 -12.42
C ALA A 296 13.09 -4.01 -12.44
N PHE A 297 12.13 -4.29 -13.31
CA PHE A 297 10.91 -3.47 -13.40
C PHE A 297 10.15 -3.47 -12.09
N LEU A 298 10.01 -4.66 -11.48
CA LEU A 298 9.22 -4.75 -10.26
C LEU A 298 9.92 -3.97 -9.14
N MET A 299 11.23 -4.10 -9.03
CA MET A 299 11.98 -3.34 -8.04
C MET A 299 11.72 -1.86 -8.21
N SER A 300 11.86 -1.39 -9.44
CA SER A 300 11.63 0.00 -9.77
C SER A 300 10.26 0.43 -9.34
N ALA A 301 9.24 -0.38 -9.61
CA ALA A 301 7.85 0.02 -9.33
C ALA A 301 7.50 -0.23 -7.90
N GLN A 302 8.49 -0.67 -7.12
CA GLN A 302 8.37 -0.87 -5.65
C GLN A 302 7.51 -2.07 -5.29
N LEU A 303 7.58 -3.11 -6.10
CA LEU A 303 6.76 -4.28 -5.90
C LEU A 303 7.58 -5.48 -5.53
N PRO A 304 6.99 -6.45 -4.83
CA PRO A 304 7.78 -7.63 -4.48
C PRO A 304 8.00 -8.53 -5.67
N LEU A 305 9.03 -9.37 -5.56
CA LEU A 305 9.43 -10.19 -6.68
C LEU A 305 8.88 -11.59 -6.61
N PRO A 306 8.68 -12.21 -7.77
CA PRO A 306 8.19 -13.58 -7.74
C PRO A 306 9.22 -14.49 -7.08
N LYS A 307 8.74 -15.54 -6.44
CA LYS A 307 9.59 -16.44 -5.68
C LYS A 307 10.43 -17.31 -6.62
N ARG A 308 9.89 -17.66 -7.79
CA ARG A 308 10.59 -18.49 -8.77
C ARG A 308 10.14 -18.26 -10.20
N VAL A 309 11.09 -18.31 -11.12
CA VAL A 309 10.79 -18.43 -12.51
C VAL A 309 11.38 -19.76 -12.94
N PHE A 310 10.58 -20.62 -13.55
CA PHE A 310 11.08 -21.91 -14.01
C PHE A 310 10.84 -22.14 -15.50
N ALA A 311 11.91 -22.49 -16.22
CA ALA A 311 11.97 -22.60 -17.68
C ALA A 311 12.01 -24.05 -18.14
N HIS A 312 10.98 -24.46 -18.87
CA HIS A 312 10.94 -25.80 -19.42
C HIS A 312 11.69 -25.80 -20.70
N GLY A 313 12.03 -26.99 -21.17
CA GLY A 313 12.66 -27.16 -22.46
C GLY A 313 11.66 -27.33 -23.61
N PHE A 314 12.17 -27.75 -24.77
CA PHE A 314 11.37 -27.85 -25.96
C PHE A 314 11.15 -29.28 -26.36
N LEU A 315 10.09 -29.49 -27.11
CA LEU A 315 9.70 -30.80 -27.57
C LEU A 315 9.93 -31.00 -29.07
N PHE A 316 10.33 -32.21 -29.44
CA PHE A 316 10.68 -32.52 -30.81
C PHE A 316 9.98 -33.81 -31.23
N ASN A 317 9.55 -33.88 -32.48
CA ASN A 317 8.87 -35.07 -33.01
C ASN A 317 9.79 -36.27 -33.29
N ILE A 330 2.44 -32.74 -34.67
CA ILE A 330 2.52 -31.27 -34.78
C ILE A 330 1.38 -30.50 -34.07
N ASP A 331 0.12 -30.97 -34.21
CA ASP A 331 -1.09 -30.24 -33.75
C ASP A 331 -1.70 -30.82 -32.45
N PRO A 332 -1.75 -30.02 -31.37
CA PRO A 332 -2.20 -30.57 -30.10
C PRO A 332 -3.59 -31.18 -30.13
N PHE A 333 -4.51 -30.62 -30.90
CA PHE A 333 -5.88 -31.15 -30.91
C PHE A 333 -5.94 -32.57 -31.47
N GLU A 334 -5.16 -32.82 -32.52
CA GLU A 334 -5.07 -34.14 -33.18
C GLU A 334 -4.43 -35.15 -32.23
N LEU A 335 -3.34 -34.76 -31.59
CA LEU A 335 -2.71 -35.60 -30.57
C LEU A 335 -3.69 -36.06 -29.47
N VAL A 336 -4.48 -35.12 -28.95
CA VAL A 336 -5.50 -35.46 -27.95
C VAL A 336 -6.49 -36.46 -28.55
N GLU A 337 -6.90 -36.23 -29.80
CA GLU A 337 -7.89 -37.11 -30.48
C GLU A 337 -7.30 -38.52 -30.69
N ARG A 338 -6.07 -38.61 -31.21
CA ARG A 338 -5.42 -39.91 -31.49
C ARG A 338 -5.16 -40.69 -30.19
N TYR A 339 -4.63 -40.05 -29.15
CA TYR A 339 -4.14 -40.77 -27.95
C TYR A 339 -4.99 -40.68 -26.65
N GLY A 340 -5.89 -39.69 -26.57
CA GLY A 340 -6.60 -39.39 -25.33
C GLY A 340 -5.83 -38.31 -24.56
N LEU A 341 -6.58 -37.40 -23.95
CA LEU A 341 -5.99 -36.29 -23.18
C LEU A 341 -5.07 -36.76 -22.08
N ASP A 342 -5.59 -37.59 -21.18
CA ASP A 342 -4.80 -38.06 -20.04
C ASP A 342 -3.56 -38.86 -20.43
N GLN A 343 -3.66 -39.62 -21.51
CA GLN A 343 -2.50 -40.36 -22.04
C GLN A 343 -1.42 -39.37 -22.44
N LEU A 344 -1.81 -38.31 -23.13
CA LEU A 344 -0.82 -37.31 -23.59
C LEU A 344 -0.22 -36.53 -22.40
N ARG A 345 -1.07 -36.15 -21.44
CA ARG A 345 -0.62 -35.47 -20.24
C ARG A 345 0.40 -36.28 -19.50
N TYR A 346 0.10 -37.55 -19.31
CA TYR A 346 1.00 -38.42 -18.58
C TYR A 346 2.33 -38.52 -19.32
N PHE A 347 2.26 -38.80 -20.62
CA PHE A 347 3.47 -39.06 -21.38
C PHE A 347 4.40 -37.88 -21.26
N LEU A 348 3.90 -36.70 -21.62
CA LEU A 348 4.71 -35.48 -21.62
C LEU A 348 5.33 -35.15 -20.25
N MET A 349 4.61 -35.45 -19.18
CA MET A 349 5.08 -35.07 -17.87
C MET A 349 5.99 -36.13 -17.26
N ARG A 350 5.85 -37.37 -17.71
CA ARG A 350 6.66 -38.48 -17.20
C ARG A 350 7.96 -38.69 -17.98
N GLU A 351 7.88 -38.65 -19.31
CA GLU A 351 8.98 -39.11 -20.15
C GLU A 351 10.05 -38.05 -20.33
N VAL A 352 9.75 -36.80 -20.03
CA VAL A 352 10.75 -35.73 -20.10
C VAL A 352 11.04 -35.05 -18.75
N PRO A 353 12.30 -35.05 -18.32
CA PRO A 353 12.59 -34.30 -17.10
C PRO A 353 12.27 -32.84 -17.31
N PHE A 354 11.44 -32.27 -16.43
CA PHE A 354 10.95 -30.89 -16.61
C PHE A 354 12.13 -29.95 -16.47
N GLY A 355 12.34 -29.18 -17.53
CA GLY A 355 13.53 -28.36 -17.67
C GLY A 355 14.38 -28.79 -18.87
N GLN A 356 14.45 -30.10 -19.13
CA GLN A 356 15.29 -30.61 -20.21
C GLN A 356 14.47 -30.69 -21.53
N ASP A 357 15.14 -30.76 -22.67
CA ASP A 357 14.44 -30.96 -23.95
C ASP A 357 14.09 -32.43 -24.09
N GLY A 358 13.16 -32.74 -24.97
CA GLY A 358 12.74 -34.13 -25.13
C GLY A 358 12.04 -34.45 -26.43
N SER A 359 11.85 -35.74 -26.64
CA SER A 359 11.35 -36.24 -27.88
C SER A 359 9.99 -36.86 -27.64
N TYR A 360 9.12 -36.81 -28.63
CA TYR A 360 7.96 -37.66 -28.63
C TYR A 360 7.79 -38.26 -30.02
N SER A 361 7.29 -39.50 -30.04
CA SER A 361 6.91 -40.18 -31.26
C SER A 361 5.70 -41.04 -31.00
N HIS A 362 5.00 -41.38 -32.07
CA HIS A 362 3.89 -42.30 -32.00
C HIS A 362 4.22 -43.54 -31.19
N GLU A 363 5.33 -44.21 -31.51
CA GLU A 363 5.67 -45.49 -30.85
C GLU A 363 5.98 -45.28 -29.36
N ALA A 364 6.68 -44.20 -29.03
CA ALA A 364 7.00 -43.88 -27.64
C ALA A 364 5.70 -43.70 -26.81
N ILE A 365 4.77 -42.89 -27.31
CA ILE A 365 3.53 -42.57 -26.59
C ILE A 365 2.66 -43.80 -26.42
N VAL A 366 2.51 -44.58 -27.49
CA VAL A 366 1.75 -45.83 -27.42
C VAL A 366 2.33 -46.78 -26.37
N ASN A 367 3.64 -47.02 -26.44
CA ASN A 367 4.28 -48.00 -25.56
C ASN A 367 4.28 -47.57 -24.10
N ARG A 368 4.77 -46.36 -23.83
CA ARG A 368 4.81 -45.89 -22.45
C ARG A 368 3.38 -45.78 -21.83
N THR A 369 2.37 -45.34 -22.60
CA THR A 369 1.01 -45.23 -21.99
C THR A 369 0.30 -46.58 -21.90
N ASN A 370 0.57 -47.50 -22.83
CA ASN A 370 0.10 -48.88 -22.67
C ASN A 370 0.73 -49.55 -21.44
N ALA A 371 2.03 -49.31 -21.24
CA ALA A 371 2.75 -50.01 -20.19
C ALA A 371 2.34 -49.50 -18.81
N ASP A 372 2.27 -48.19 -18.65
CA ASP A 372 2.11 -47.59 -17.33
C ASP A 372 0.64 -47.40 -16.96
N LEU A 373 -0.17 -46.95 -17.91
CA LEU A 373 -1.58 -46.64 -17.64
C LEU A 373 -2.48 -47.84 -17.91
N ALA A 374 -2.44 -48.33 -19.15
CA ALA A 374 -3.36 -49.37 -19.60
C ALA A 374 -3.11 -50.70 -18.87
N ASN A 375 -1.85 -51.09 -18.84
CA ASN A 375 -1.48 -52.34 -18.23
C ASN A 375 -1.27 -52.24 -16.71
N ASP A 376 -0.28 -51.45 -16.29
CA ASP A 376 0.15 -51.41 -14.88
C ASP A 376 -0.89 -50.94 -13.89
N LEU A 377 -1.46 -49.77 -14.17
CA LEU A 377 -2.47 -49.22 -13.29
C LEU A 377 -3.86 -49.77 -13.60
N GLY A 378 -4.28 -49.62 -14.85
CA GLY A 378 -5.67 -49.92 -15.24
C GLY A 378 -6.03 -51.39 -15.06
N ASN A 379 -5.08 -52.27 -15.38
CA ASN A 379 -5.29 -53.70 -15.22
C ASN A 379 -5.18 -54.18 -13.79
N LEU A 380 -4.37 -53.49 -12.97
CA LEU A 380 -4.40 -53.77 -11.53
C LEU A 380 -5.79 -53.42 -10.99
N ALA A 381 -6.32 -52.28 -11.38
CA ALA A 381 -7.65 -51.90 -10.90
C ALA A 381 -8.68 -52.91 -11.36
N GLN A 382 -8.68 -53.24 -12.64
CA GLN A 382 -9.70 -54.10 -13.21
C GLN A 382 -9.68 -55.51 -12.62
N ARG A 383 -8.51 -56.13 -12.53
CA ARG A 383 -8.42 -57.48 -11.97
C ARG A 383 -8.89 -57.55 -10.52
N SER A 384 -8.34 -56.66 -9.68
CA SER A 384 -8.64 -56.62 -8.25
C SER A 384 -10.08 -56.26 -7.96
N LEU A 385 -10.62 -55.29 -8.69
CA LEU A 385 -11.98 -54.84 -8.38
C LEU A 385 -13.01 -55.81 -8.91
N SER A 386 -12.67 -56.53 -9.97
CA SER A 386 -13.56 -57.57 -10.47
C SER A 386 -13.54 -58.75 -9.50
N MET A 387 -12.40 -59.06 -8.90
CA MET A 387 -12.38 -60.10 -7.87
C MET A 387 -13.27 -59.70 -6.70
N ILE A 388 -13.26 -58.43 -6.31
CA ILE A 388 -14.17 -57.97 -5.25
C ILE A 388 -15.62 -58.07 -5.73
N ALA A 389 -15.89 -57.72 -6.99
CA ALA A 389 -17.24 -57.81 -7.56
C ALA A 389 -17.75 -59.26 -7.60
N LYS A 390 -16.91 -60.18 -8.06
CA LYS A 390 -17.31 -61.59 -8.24
C LYS A 390 -17.33 -62.33 -6.89
N ASN A 391 -16.29 -62.15 -6.08
CA ASN A 391 -16.12 -62.96 -4.87
C ASN A 391 -16.50 -62.27 -3.55
N CYS A 392 -16.84 -60.99 -3.52
CA CYS A 392 -17.16 -60.33 -2.23
C CYS A 392 -18.46 -59.48 -2.29
N GLU A 393 -19.39 -59.87 -3.16
CA GLU A 393 -20.70 -59.21 -3.36
C GLU A 393 -20.57 -57.72 -3.63
N GLY A 394 -19.48 -57.33 -4.28
CA GLY A 394 -19.20 -55.93 -4.57
C GLY A 394 -19.10 -55.04 -3.33
N LYS A 395 -18.68 -55.60 -2.20
CA LYS A 395 -18.47 -54.83 -0.99
C LYS A 395 -16.97 -54.89 -0.67
N VAL A 396 -16.42 -53.77 -0.19
CA VAL A 396 -15.03 -53.73 0.24
C VAL A 396 -14.85 -54.74 1.36
N PRO A 397 -13.91 -55.68 1.20
CA PRO A 397 -13.76 -56.72 2.23
C PRO A 397 -13.15 -56.19 3.54
N GLN A 398 -13.55 -56.80 4.67
CA GLN A 398 -12.99 -56.52 6.00
C GLN A 398 -11.57 -57.05 6.12
N PRO A 399 -10.58 -56.15 6.25
CA PRO A 399 -9.22 -56.64 6.38
C PRO A 399 -8.93 -57.13 7.80
N GLY A 400 -8.13 -58.20 7.89
CA GLY A 400 -7.54 -58.66 9.12
C GLY A 400 -6.16 -58.08 9.34
N ALA A 401 -5.34 -58.82 10.10
CA ALA A 401 -3.98 -58.41 10.40
C ALA A 401 -3.26 -58.15 9.10
N PHE A 402 -2.53 -57.06 9.04
CA PHE A 402 -1.65 -56.82 7.92
C PHE A 402 -0.34 -57.58 8.13
N SER A 403 0.14 -58.23 7.08
CA SER A 403 1.40 -58.93 7.09
C SER A 403 2.51 -57.93 6.80
N GLU A 404 3.77 -58.40 6.84
CA GLU A 404 4.94 -57.57 6.53
C GLU A 404 4.82 -56.99 5.11
N ALA A 405 4.41 -57.83 4.15
CA ALA A 405 4.36 -57.41 2.76
C ALA A 405 3.21 -56.40 2.56
N ASP A 406 2.10 -56.62 3.28
CA ASP A 406 0.97 -55.67 3.30
C ASP A 406 1.46 -54.29 3.80
N LYS A 407 2.11 -54.25 4.97
CA LYS A 407 2.56 -52.97 5.55
C LYS A 407 3.53 -52.29 4.60
N ALA A 408 4.40 -53.06 3.94
CA ALA A 408 5.40 -52.47 3.06
C ALA A 408 4.77 -51.67 1.87
N ILE A 409 3.85 -52.29 1.15
CA ILE A 409 3.22 -51.64 0.00
C ILE A 409 2.35 -50.48 0.47
N LEU A 410 1.62 -50.64 1.58
CA LEU A 410 0.88 -49.52 2.14
C LEU A 410 1.79 -48.36 2.48
N ASP A 411 2.90 -48.64 3.16
CA ASP A 411 3.82 -47.56 3.56
C ASP A 411 4.48 -46.90 2.37
N GLN A 412 4.79 -47.70 1.35
CA GLN A 412 5.36 -47.15 0.14
C GLN A 412 4.40 -46.11 -0.51
N ALA A 413 3.10 -46.39 -0.50
CA ALA A 413 2.10 -45.45 -0.99
C ALA A 413 2.14 -44.14 -0.24
N ASP A 414 2.10 -44.20 1.09
CA ASP A 414 2.19 -43.00 1.93
C ASP A 414 3.48 -42.24 1.68
N ALA A 415 4.59 -42.97 1.53
CA ALA A 415 5.89 -42.34 1.27
C ALA A 415 5.87 -41.60 -0.06
N ALA A 416 5.18 -42.15 -1.05
CA ALA A 416 5.11 -41.50 -2.37
C ALA A 416 4.53 -40.07 -2.31
N LEU A 417 3.60 -39.82 -1.41
CA LEU A 417 3.01 -38.50 -1.25
C LEU A 417 4.05 -37.49 -0.80
N GLU A 418 4.86 -37.87 0.18
CA GLU A 418 5.93 -36.99 0.67
C GLU A 418 6.95 -36.72 -0.43
N THR A 419 7.37 -37.75 -1.16
CA THR A 419 8.25 -37.53 -2.30
C THR A 419 7.62 -36.61 -3.36
N ALA A 420 6.37 -36.88 -3.74
CA ALA A 420 5.65 -36.04 -4.71
C ALA A 420 5.68 -34.56 -4.29
N ARG A 421 5.37 -34.28 -3.03
CA ARG A 421 5.41 -32.91 -2.51
C ARG A 421 6.78 -32.28 -2.64
N LYS A 422 7.82 -32.99 -2.20
CA LYS A 422 9.17 -32.45 -2.28
C LYS A 422 9.51 -32.21 -3.76
N ALA A 423 9.08 -33.09 -4.66
CA ALA A 423 9.35 -32.96 -6.10
C ALA A 423 8.70 -31.74 -6.73
N MET A 424 7.42 -31.54 -6.40
CA MET A 424 6.64 -30.49 -7.03
C MET A 424 7.12 -29.14 -6.54
N ASP A 425 7.64 -29.07 -5.33
CA ASP A 425 8.27 -27.85 -4.85
C ASP A 425 9.42 -27.41 -5.76
N ASP A 426 10.09 -28.36 -6.43
CA ASP A 426 11.18 -28.04 -7.35
C ASP A 426 10.77 -28.18 -8.83
N GLN A 427 9.47 -28.23 -9.08
CA GLN A 427 8.92 -28.43 -10.43
C GLN A 427 9.33 -29.76 -11.09
N ALA A 428 9.70 -30.74 -10.27
CA ALA A 428 10.19 -32.02 -10.77
C ALA A 428 9.02 -32.97 -11.00
N LEU A 429 8.25 -32.66 -12.03
CA LEU A 429 7.00 -33.39 -12.28
C LEU A 429 7.25 -34.88 -12.52
N HIS A 430 8.33 -35.16 -13.23
CA HIS A 430 8.68 -36.53 -13.59
C HIS A 430 9.02 -37.37 -12.38
N LEU A 431 9.69 -36.79 -11.39
CA LEU A 431 10.01 -37.52 -10.20
C LEU A 431 8.75 -37.75 -9.38
N ALA A 432 7.80 -36.81 -9.42
CA ALA A 432 6.57 -36.93 -8.62
C ALA A 432 5.80 -38.08 -9.19
N LEU A 433 5.57 -38.04 -10.51
CA LEU A 433 4.96 -39.17 -11.23
C LEU A 433 5.77 -40.49 -11.15
N GLY A 434 7.09 -40.39 -11.16
CA GLY A 434 7.93 -41.59 -11.04
C GLY A 434 7.75 -42.35 -9.73
N ALA A 435 7.60 -41.58 -8.65
CA ALA A 435 7.41 -42.11 -7.33
C ALA A 435 6.03 -42.75 -7.23
N ILE A 436 5.00 -42.07 -7.76
CA ILE A 436 3.64 -42.58 -7.69
C ILE A 436 3.52 -43.86 -8.51
N PHE A 437 4.13 -43.91 -9.68
CA PHE A 437 4.00 -45.10 -10.50
C PHE A 437 4.93 -46.25 -10.08
N ALA A 438 5.92 -45.96 -9.26
CA ALA A 438 6.74 -47.02 -8.66
C ALA A 438 5.86 -47.80 -7.67
N VAL A 439 4.94 -47.11 -6.99
CA VAL A 439 3.97 -47.75 -6.09
C VAL A 439 3.03 -48.66 -6.88
N VAL A 440 2.61 -48.20 -8.06
CA VAL A 440 1.83 -49.03 -8.95
C VAL A 440 2.60 -50.29 -9.37
N ALA A 441 3.85 -50.13 -9.80
CA ALA A 441 4.62 -51.30 -10.23
C ALA A 441 4.70 -52.28 -9.06
N GLU A 442 5.03 -51.76 -7.86
CA GLU A 442 5.24 -52.62 -6.69
C GLU A 442 3.93 -53.29 -6.29
N ALA A 443 2.81 -52.62 -6.53
CA ALA A 443 1.48 -53.15 -6.17
C ALA A 443 1.09 -54.32 -7.05
N ASN A 444 1.52 -54.31 -8.32
CA ASN A 444 1.32 -55.46 -9.21
C ASN A 444 2.11 -56.68 -8.72
N ARG A 445 3.39 -56.47 -8.39
CA ARG A 445 4.22 -57.52 -7.77
C ARG A 445 3.62 -58.04 -6.45
N TYR A 446 3.14 -57.13 -5.61
CA TYR A 446 2.48 -57.52 -4.37
C TYR A 446 1.28 -58.40 -4.68
N PHE A 447 0.44 -57.97 -5.61
CA PHE A 447 -0.78 -58.67 -5.96
C PHE A 447 -0.50 -60.04 -6.50
N ALA A 448 0.34 -60.10 -7.52
CA ALA A 448 0.72 -61.36 -8.15
C ALA A 448 1.31 -62.33 -7.13
N GLY A 449 2.21 -61.85 -6.29
CA GLY A 449 2.89 -62.68 -5.30
C GLY A 449 2.01 -63.16 -4.16
N GLN A 450 0.84 -62.56 -3.95
CA GLN A 450 -0.05 -63.01 -2.88
C GLN A 450 -1.00 -64.11 -3.38
N GLU A 451 -1.15 -64.20 -4.70
CA GLU A 451 -1.91 -65.28 -5.36
C GLU A 451 -3.31 -65.37 -4.80
N PRO A 452 -4.04 -64.27 -4.88
CA PRO A 452 -5.34 -64.23 -4.21
C PRO A 452 -6.40 -65.21 -4.75
N TRP A 453 -6.26 -65.62 -6.01
CA TRP A 453 -7.10 -66.68 -6.56
C TRP A 453 -6.93 -67.96 -5.75
N ALA A 454 -5.70 -68.41 -5.53
CA ALA A 454 -5.40 -69.57 -4.66
C ALA A 454 -5.96 -69.42 -3.24
N LEU A 455 -5.92 -68.19 -2.72
CA LEU A 455 -6.43 -67.93 -1.39
C LEU A 455 -7.97 -68.04 -1.34
N ARG A 456 -8.65 -67.84 -2.48
CA ARG A 456 -10.12 -68.01 -2.53
C ARG A 456 -10.54 -69.32 -1.88
N LYS A 457 -9.84 -70.39 -2.24
CA LYS A 457 -10.11 -71.75 -1.71
C LYS A 457 -9.56 -71.93 -0.27
N THR A 458 -8.24 -71.84 -0.11
CA THR A 458 -7.60 -72.03 1.20
C THR A 458 -8.15 -71.13 2.31
N ASP A 459 -8.12 -69.81 2.09
CA ASP A 459 -8.20 -68.83 3.19
C ASP A 459 -8.92 -67.56 2.76
N PRO A 460 -10.25 -67.61 2.70
CA PRO A 460 -10.99 -66.43 2.22
C PRO A 460 -10.82 -65.15 3.07
N ALA A 461 -10.61 -65.29 4.38
CA ALA A 461 -10.37 -64.10 5.20
C ALA A 461 -9.16 -63.32 4.65
N ARG A 462 -8.06 -64.06 4.47
CA ARG A 462 -6.79 -63.53 3.95
C ARG A 462 -6.92 -63.01 2.52
N MET A 463 -7.71 -63.69 1.68
CA MET A 463 -8.02 -63.18 0.34
C MET A 463 -8.58 -61.78 0.45
N GLY A 464 -9.49 -61.59 1.40
CA GLY A 464 -10.16 -60.32 1.61
C GLY A 464 -9.18 -59.26 2.02
N THR A 465 -8.31 -59.59 2.97
CA THR A 465 -7.29 -58.66 3.38
C THR A 465 -6.48 -58.22 2.19
N VAL A 466 -6.05 -59.16 1.36
CA VAL A 466 -5.24 -58.78 0.20
C VAL A 466 -6.00 -57.88 -0.80
N LEU A 467 -7.25 -58.18 -1.04
CA LEU A 467 -8.05 -57.34 -1.93
C LEU A 467 -8.24 -55.94 -1.30
N TYR A 468 -8.44 -55.90 0.02
CA TYR A 468 -8.54 -54.64 0.73
C TYR A 468 -7.32 -53.79 0.51
N VAL A 469 -6.15 -54.36 0.84
CA VAL A 469 -4.87 -53.65 0.68
C VAL A 469 -4.73 -53.09 -0.73
N THR A 470 -4.97 -53.93 -1.74
CA THR A 470 -4.83 -53.53 -3.13
C THR A 470 -5.78 -52.40 -3.42
N ALA A 471 -7.04 -52.56 -3.07
CA ALA A 471 -8.00 -51.47 -3.20
C ALA A 471 -7.51 -50.20 -2.50
N GLU A 472 -7.03 -50.35 -1.27
CA GLU A 472 -6.54 -49.19 -0.49
C GLU A 472 -5.28 -48.52 -1.11
N VAL A 473 -4.33 -49.31 -1.59
CA VAL A 473 -3.21 -48.74 -2.32
C VAL A 473 -3.74 -47.99 -3.55
N LEU A 474 -4.73 -48.55 -4.22
CA LEU A 474 -5.31 -47.92 -5.42
C LEU A 474 -5.98 -46.61 -5.08
N ARG A 475 -6.66 -46.53 -3.93
CA ARG A 475 -7.25 -45.25 -3.48
C ARG A 475 -6.17 -44.19 -3.26
N ARG A 476 -5.09 -44.55 -2.60
CA ARG A 476 -4.01 -43.60 -2.37
C ARG A 476 -3.36 -43.14 -3.68
N VAL A 477 -3.10 -44.05 -4.58
CA VAL A 477 -2.59 -43.65 -5.89
C VAL A 477 -3.60 -42.75 -6.63
N GLY A 478 -4.86 -43.15 -6.61
CA GLY A 478 -5.89 -42.38 -7.29
C GLY A 478 -5.87 -40.93 -6.86
N ILE A 479 -5.81 -40.70 -5.54
CA ILE A 479 -5.78 -39.35 -5.01
C ILE A 479 -4.56 -38.61 -5.53
N MET A 480 -3.40 -39.25 -5.45
CA MET A 480 -2.15 -38.63 -5.86
C MET A 480 -2.04 -38.29 -7.36
N VAL A 481 -2.63 -39.10 -8.25
CA VAL A 481 -2.54 -38.82 -9.70
C VAL A 481 -3.55 -37.80 -10.22
N GLN A 482 -4.52 -37.38 -9.41
CA GLN A 482 -5.51 -36.42 -9.88
C GLN A 482 -4.93 -35.23 -10.67
N PRO A 483 -3.91 -34.54 -10.14
CA PRO A 483 -3.43 -33.37 -10.87
C PRO A 483 -2.87 -33.67 -12.25
N PHE A 484 -2.36 -34.89 -12.43
CA PHE A 484 -1.67 -35.22 -13.68
C PHE A 484 -2.64 -35.72 -14.72
N ILE A 485 -3.64 -36.50 -14.31
CA ILE A 485 -4.59 -37.14 -15.22
C ILE A 485 -5.99 -37.07 -14.60
N PRO A 486 -6.54 -35.83 -14.50
CA PRO A 486 -7.73 -35.58 -13.67
C PRO A 486 -8.95 -36.44 -13.97
N GLN A 487 -9.32 -36.58 -15.24
CA GLN A 487 -10.55 -37.32 -15.58
C GLN A 487 -10.47 -38.81 -15.26
N SER A 488 -9.36 -39.42 -15.63
CA SER A 488 -9.08 -40.81 -15.36
C SER A 488 -9.01 -41.06 -13.86
N ALA A 489 -8.34 -40.18 -13.13
CA ALA A 489 -8.29 -40.33 -11.68
C ALA A 489 -9.69 -40.31 -11.09
N GLU A 490 -10.53 -39.40 -11.55
CA GLU A 490 -11.88 -39.32 -11.06
C GLU A 490 -12.60 -40.67 -11.32
N LYS A 491 -12.48 -41.20 -12.53
CA LYS A 491 -13.13 -42.48 -12.87
C LYS A 491 -12.62 -43.62 -11.94
N LEU A 492 -11.32 -43.63 -11.64
CA LEU A 492 -10.76 -44.67 -10.74
C LEU A 492 -11.25 -44.54 -9.30
N LEU A 493 -11.37 -43.31 -8.83
CA LEU A 493 -11.92 -43.09 -7.49
C LEU A 493 -13.43 -43.32 -7.42
N ASP A 494 -14.15 -43.12 -8.52
CA ASP A 494 -15.61 -43.38 -8.55
C ASP A 494 -15.83 -44.87 -8.36
N ILE A 495 -15.05 -45.66 -9.10
CA ILE A 495 -15.00 -47.09 -8.93
C ILE A 495 -14.67 -47.56 -7.50
N LEU A 496 -13.92 -46.75 -6.76
CA LEU A 496 -13.54 -47.10 -5.38
C LEU A 496 -14.50 -46.45 -4.38
N ALA A 497 -15.58 -45.87 -4.91
CA ALA A 497 -16.62 -45.29 -4.08
C ALA A 497 -16.05 -44.29 -3.10
N VAL A 498 -15.19 -43.40 -3.57
CA VAL A 498 -14.61 -42.40 -2.67
C VAL A 498 -15.45 -41.15 -2.79
N PRO A 499 -16.00 -40.69 -1.67
CA PRO A 499 -16.79 -39.44 -1.71
C PRO A 499 -16.04 -38.26 -2.34
N ALA A 500 -16.78 -37.31 -2.92
CA ALA A 500 -16.17 -36.12 -3.54
C ALA A 500 -15.38 -35.28 -2.54
N ASP A 501 -15.71 -35.34 -1.26
CA ASP A 501 -15.04 -34.53 -0.23
C ASP A 501 -13.99 -35.30 0.53
N LYS A 502 -13.54 -36.42 -0.05
CA LYS A 502 -12.51 -37.25 0.58
C LYS A 502 -11.37 -37.53 -0.44
N ARG A 503 -11.11 -36.55 -1.31
CA ARG A 503 -10.11 -36.68 -2.36
C ARG A 503 -9.05 -35.59 -2.31
N GLN A 504 -8.75 -35.08 -1.11
CA GLN A 504 -7.59 -34.18 -0.94
C GLN A 504 -6.42 -35.04 -0.54
N PHE A 505 -5.22 -34.49 -0.64
CA PHE A 505 -4.04 -35.21 -0.23
C PHE A 505 -4.09 -35.59 1.26
N ALA A 506 -4.70 -34.72 2.08
CA ALA A 506 -4.92 -35.04 3.50
C ALA A 506 -5.69 -36.36 3.68
N ASP A 507 -6.54 -36.70 2.73
CA ASP A 507 -7.34 -37.91 2.85
C ASP A 507 -6.54 -39.20 2.61
N VAL A 508 -5.31 -39.08 2.09
CA VAL A 508 -4.46 -40.26 1.85
C VAL A 508 -4.16 -40.98 3.17
N LEU A 509 -3.71 -40.23 4.17
CA LEU A 509 -3.50 -40.76 5.54
C LEU A 509 -4.81 -40.83 6.36
N ALA A 510 -5.71 -39.86 6.15
CA ALA A 510 -6.84 -39.65 7.05
C ALA A 510 -8.06 -40.56 6.80
N SER A 511 -8.27 -40.96 5.55
CA SER A 511 -9.56 -41.51 5.12
C SER A 511 -9.52 -42.89 4.42
N PRO A 512 -8.96 -43.92 5.08
CA PRO A 512 -8.80 -45.22 4.44
C PRO A 512 -10.14 -45.84 4.06
N LEU A 513 -10.16 -46.76 3.10
CA LEU A 513 -11.40 -47.49 2.80
C LEU A 513 -11.92 -48.23 4.04
N ALA A 514 -13.24 -48.19 4.23
CA ALA A 514 -13.92 -48.94 5.28
C ALA A 514 -14.54 -50.25 4.69
N GLY A 515 -14.29 -51.35 5.36
CA GLY A 515 -14.90 -52.65 5.01
C GLY A 515 -16.41 -52.52 5.01
N GLY A 516 -17.04 -53.14 4.02
CA GLY A 516 -18.47 -53.11 3.89
C GLY A 516 -19.00 -52.21 2.78
N THR A 517 -18.22 -51.21 2.37
CA THR A 517 -18.71 -50.17 1.44
C THR A 517 -19.00 -50.73 0.04
N ASP A 518 -20.12 -50.31 -0.52
CA ASP A 518 -20.55 -50.81 -1.82
C ASP A 518 -19.70 -50.16 -2.90
N LEU A 519 -19.31 -50.94 -3.90
CA LEU A 519 -18.55 -50.47 -5.06
C LEU A 519 -19.31 -50.77 -6.33
N PRO A 520 -19.39 -49.78 -7.24
CA PRO A 520 -20.05 -50.02 -8.50
C PRO A 520 -19.24 -50.97 -9.39
N ALA A 521 -19.92 -51.59 -10.33
CA ALA A 521 -19.28 -52.48 -11.30
C ALA A 521 -18.07 -51.79 -11.98
N PRO A 522 -16.88 -52.38 -11.88
CA PRO A 522 -15.70 -51.77 -12.48
C PRO A 522 -15.61 -51.85 -14.01
N GLN A 523 -15.60 -50.70 -14.69
CA GLN A 523 -15.23 -50.61 -16.12
C GLN A 523 -13.73 -50.23 -16.25
N PRO A 524 -13.00 -50.75 -17.28
CA PRO A 524 -11.61 -50.29 -17.44
C PRO A 524 -11.47 -48.77 -17.62
N VAL A 525 -10.50 -48.21 -16.92
CA VAL A 525 -10.26 -46.78 -16.89
C VAL A 525 -9.37 -46.35 -18.07
N PHE A 526 -8.38 -47.19 -18.39
CA PHE A 526 -7.42 -46.90 -19.45
C PHE A 526 -7.42 -47.95 -20.53
N PRO A 527 -8.29 -47.79 -21.54
CA PRO A 527 -8.27 -48.76 -22.62
C PRO A 527 -6.91 -48.80 -23.31
N ARG A 528 -6.46 -50.01 -23.61
CA ARG A 528 -5.26 -50.21 -24.41
C ARG A 528 -5.41 -49.54 -25.81
N TYR A 529 -4.31 -49.03 -26.37
CA TYR A 529 -4.36 -48.23 -27.59
C TYR A 529 -4.71 -49.02 -28.85
N VAL A 530 -5.76 -48.57 -29.56
CA VAL A 530 -6.28 -49.20 -30.79
C VAL A 530 -5.28 -49.20 -31.96
N SER B 23 -41.96 2.01 7.60
CA SER B 23 -40.99 1.64 8.68
C SER B 23 -39.62 1.30 8.09
N ARG B 24 -39.35 1.81 6.89
CA ARG B 24 -38.05 1.66 6.21
C ARG B 24 -36.97 2.48 6.96
N GLU B 25 -35.76 1.93 7.00
CA GLU B 25 -34.61 2.56 7.64
C GLU B 25 -34.27 3.90 6.93
N LYS B 26 -33.94 4.92 7.74
CA LYS B 26 -33.78 6.30 7.25
C LYS B 26 -32.34 6.55 6.82
N TYR B 27 -32.17 7.30 5.73
CA TYR B 27 -30.85 7.62 5.20
C TYR B 27 -30.75 9.06 4.74
N TYR B 28 -29.89 9.82 5.38
CA TYR B 28 -29.74 11.24 5.07
C TYR B 28 -28.37 11.48 4.46
N ILE B 29 -28.34 12.11 3.28
CA ILE B 29 -27.08 12.48 2.62
C ILE B 29 -27.05 13.93 2.12
N THR B 30 -25.90 14.56 2.23
CA THR B 30 -25.76 15.97 1.86
C THR B 30 -24.55 16.19 0.96
N THR B 31 -24.61 17.20 0.09
CA THR B 31 -23.39 17.76 -0.57
C THR B 31 -22.91 19.01 0.21
N ALA B 32 -21.66 19.40 0.01
CA ALA B 32 -21.22 20.74 0.42
C ALA B 32 -22.14 21.77 -0.29
N ILE B 33 -22.28 22.93 0.32
CA ILE B 33 -23.02 24.00 -0.29
C ILE B 33 -22.03 25.01 -0.85
N ALA B 34 -22.03 25.18 -2.16
CA ALA B 34 -21.00 26.01 -2.82
C ALA B 34 -21.28 27.50 -2.58
N TYR B 35 -20.20 28.26 -2.47
CA TYR B 35 -20.30 29.70 -2.58
C TYR B 35 -20.73 30.00 -4.01
N PRO B 36 -21.83 30.75 -4.17
CA PRO B 36 -22.27 31.06 -5.52
C PRO B 36 -21.73 32.42 -6.01
N ASN B 37 -20.43 32.70 -5.85
CA ASN B 37 -19.93 34.01 -6.25
C ASN B 37 -19.44 34.03 -7.70
N GLY B 38 -19.46 32.87 -8.36
CA GLY B 38 -19.25 32.79 -9.80
C GLY B 38 -20.25 31.88 -10.52
N LYS B 39 -19.81 31.31 -11.62
CA LYS B 39 -20.66 30.41 -12.39
C LYS B 39 -20.33 28.98 -11.87
N PRO B 40 -21.26 28.03 -12.00
CA PRO B 40 -20.97 26.64 -11.68
C PRO B 40 -19.82 26.05 -12.47
N HIS B 41 -18.95 25.33 -11.79
CA HIS B 41 -17.83 24.64 -12.37
C HIS B 41 -18.04 23.15 -12.27
N ILE B 42 -17.15 22.41 -12.91
CA ILE B 42 -17.27 20.97 -13.00
C ILE B 42 -17.05 20.27 -11.64
N GLY B 43 -16.26 20.86 -10.76
CA GLY B 43 -16.15 20.36 -9.38
C GLY B 43 -17.53 20.25 -8.73
N HIS B 44 -18.33 21.31 -8.86
CA HIS B 44 -19.67 21.35 -8.28
C HIS B 44 -20.56 20.30 -8.92
N ALA B 45 -20.41 20.14 -10.23
CA ALA B 45 -21.18 19.17 -10.97
C ALA B 45 -20.83 17.73 -10.51
N TYR B 46 -19.52 17.46 -10.39
CA TYR B 46 -18.99 16.17 -9.96
C TYR B 46 -19.55 15.77 -8.61
N GLU B 47 -19.47 16.68 -7.64
CA GLU B 47 -19.95 16.43 -6.30
C GLU B 47 -21.47 16.12 -6.33
N LEU B 48 -22.22 16.88 -7.10
CA LEU B 48 -23.65 16.69 -7.10
C LEU B 48 -24.06 15.41 -7.78
N ILE B 49 -23.40 15.06 -8.88
CA ILE B 49 -23.66 13.79 -9.55
C ILE B 49 -23.38 12.60 -8.63
N ALA B 50 -22.23 12.59 -7.99
CA ALA B 50 -21.85 11.49 -7.13
C ALA B 50 -22.86 11.37 -5.98
N THR B 51 -23.21 12.50 -5.38
CA THR B 51 -24.09 12.46 -4.23
C THR B 51 -25.48 12.00 -4.67
N ASP B 52 -25.93 12.48 -5.84
CA ASP B 52 -27.17 11.99 -6.43
C ASP B 52 -27.15 10.47 -6.65
N ALA B 53 -26.07 9.96 -7.21
CA ALA B 53 -25.96 8.55 -7.46
C ALA B 53 -26.10 7.77 -6.11
N MET B 54 -25.43 8.21 -5.07
CA MET B 54 -25.50 7.52 -3.78
C MET B 54 -26.89 7.60 -3.21
N ALA B 55 -27.53 8.75 -3.36
CA ALA B 55 -28.91 8.92 -2.85
C ALA B 55 -29.90 7.99 -3.55
N ARG B 56 -29.78 7.90 -4.87
CA ARG B 56 -30.69 7.09 -5.64
C ARG B 56 -30.43 5.64 -5.31
N PHE B 57 -29.14 5.28 -5.16
CA PHE B 57 -28.78 3.90 -4.87
C PHE B 57 -29.49 3.43 -3.62
N GLN B 58 -29.39 4.22 -2.56
CA GLN B 58 -30.10 3.88 -1.31
C GLN B 58 -31.62 3.90 -1.45
N ARG B 59 -32.20 4.79 -2.25
CA ARG B 59 -33.67 4.67 -2.45
C ARG B 59 -34.05 3.29 -2.99
N LEU B 60 -33.38 2.89 -4.07
CA LEU B 60 -33.63 1.63 -4.76
C LEU B 60 -33.33 0.43 -3.85
N ASN B 61 -32.43 0.66 -2.90
CA ASN B 61 -32.06 -0.36 -1.93
C ASN B 61 -33.02 -0.41 -0.76
N GLY B 62 -34.12 0.35 -0.87
CA GLY B 62 -35.23 0.27 0.07
C GLY B 62 -35.21 1.23 1.25
N MET B 63 -34.34 2.24 1.23
CA MET B 63 -34.24 3.16 2.36
C MET B 63 -35.19 4.36 2.21
N ASP B 64 -35.46 5.01 3.33
CA ASP B 64 -36.20 6.27 3.31
C ASP B 64 -35.17 7.38 3.28
N VAL B 65 -35.03 8.00 2.10
CA VAL B 65 -33.89 8.86 1.85
C VAL B 65 -34.26 10.33 1.85
N TYR B 66 -33.42 11.16 2.48
CA TYR B 66 -33.46 12.63 2.33
C TYR B 66 -32.12 13.13 1.81
N PHE B 67 -32.16 13.88 0.72
CA PHE B 67 -30.94 14.30 0.00
C PHE B 67 -30.95 15.82 -0.19
N LEU B 68 -29.94 16.48 0.38
CA LEU B 68 -29.85 17.93 0.43
C LEU B 68 -28.68 18.43 -0.40
N THR B 69 -28.86 19.56 -1.08
CA THR B 69 -27.75 20.35 -1.59
C THR B 69 -28.18 21.78 -1.46
N GLY B 70 -27.37 22.73 -1.92
CA GLY B 70 -27.74 24.13 -1.73
C GLY B 70 -26.60 25.09 -1.96
N THR B 71 -26.74 26.32 -1.48
CA THR B 71 -25.69 27.32 -1.58
C THR B 71 -25.38 28.10 -0.27
N ASP B 72 -24.10 28.46 -0.13
CA ASP B 72 -23.56 29.20 1.00
C ASP B 72 -23.36 30.66 0.58
N GLU B 73 -24.22 31.55 1.04
CA GLU B 73 -24.33 32.87 0.43
C GLU B 73 -23.74 34.03 1.21
N HIS B 74 -23.40 33.83 2.47
CA HIS B 74 -22.77 34.87 3.25
C HIS B 74 -21.29 34.82 3.03
N GLY B 75 -20.55 35.62 3.78
CA GLY B 75 -19.08 35.65 3.66
C GLY B 75 -18.54 36.94 3.03
N ILE B 76 -17.29 37.27 3.36
CA ILE B 76 -16.57 38.45 2.84
C ILE B 76 -16.34 38.29 1.35
N LYS B 77 -16.17 37.06 0.87
CA LYS B 77 -15.95 36.80 -0.59
C LYS B 77 -17.19 37.15 -1.41
N MET B 78 -18.36 36.96 -0.82
CA MET B 78 -19.60 37.30 -1.51
C MET B 78 -19.85 38.82 -1.44
N LEU B 79 -19.53 39.43 -0.31
CA LEU B 79 -19.66 40.86 -0.14
C LEU B 79 -18.84 41.59 -1.18
N GLN B 80 -17.59 41.17 -1.34
CA GLN B 80 -16.65 41.78 -2.29
C GLN B 80 -17.03 41.59 -3.74
N SER B 81 -17.60 40.44 -4.06
CA SER B 81 -18.09 40.24 -5.41
C SER B 81 -19.26 41.19 -5.69
N ALA B 82 -20.13 41.38 -4.70
CA ALA B 82 -21.25 42.27 -4.85
C ALA B 82 -20.80 43.72 -5.06
N ARG B 83 -19.78 44.14 -4.30
CA ARG B 83 -19.28 45.50 -4.40
C ARG B 83 -18.70 45.76 -5.82
N LYS B 84 -17.84 44.88 -6.32
CA LYS B 84 -17.30 45.01 -7.69
C LYS B 84 -18.46 45.21 -8.70
N GLU B 85 -19.41 44.28 -8.72
CA GLU B 85 -20.58 44.39 -9.61
C GLU B 85 -21.55 45.56 -9.24
N GLY B 86 -21.32 46.25 -8.12
CA GLY B 86 -22.14 47.39 -7.72
C GLY B 86 -23.60 47.07 -7.40
N ILE B 87 -23.85 45.89 -6.81
CA ILE B 87 -25.20 45.52 -6.34
C ILE B 87 -25.10 45.01 -4.92
N THR B 88 -26.23 44.68 -4.34
CA THR B 88 -26.24 44.15 -2.97
C THR B 88 -25.92 42.67 -2.99
N PRO B 89 -25.35 42.17 -1.89
CA PRO B 89 -25.03 40.75 -1.86
C PRO B 89 -26.27 39.85 -1.98
N ARG B 90 -27.43 40.30 -1.49
CA ARG B 90 -28.68 39.52 -1.67
C ARG B 90 -29.00 39.47 -3.15
N ASP B 91 -28.78 40.59 -3.81
CA ASP B 91 -29.07 40.69 -5.23
C ASP B 91 -28.21 39.68 -5.97
N LEU B 92 -26.90 39.70 -5.68
CA LEU B 92 -25.91 38.81 -6.30
C LEU B 92 -26.14 37.34 -5.96
N ALA B 93 -26.38 37.08 -4.69
CA ALA B 93 -26.80 35.75 -4.25
C ALA B 93 -28.00 35.25 -5.06
N ASP B 94 -29.08 36.04 -5.13
CA ASP B 94 -30.27 35.62 -5.88
C ASP B 94 -29.93 35.30 -7.33
N ARG B 95 -29.12 36.13 -7.97
CA ARG B 95 -28.80 35.97 -9.40
C ARG B 95 -27.95 34.73 -9.66
N ASN B 96 -26.82 34.62 -8.98
CA ASN B 96 -25.90 33.52 -9.20
C ASN B 96 -26.43 32.18 -8.76
N THR B 97 -27.31 32.18 -7.77
CA THR B 97 -27.89 30.94 -7.27
C THR B 97 -28.77 30.23 -8.31
N SER B 98 -29.46 30.99 -9.16
CA SER B 98 -30.33 30.41 -10.18
C SER B 98 -29.57 29.47 -11.08
N ALA B 99 -28.31 29.82 -11.32
CA ALA B 99 -27.42 29.07 -12.15
C ALA B 99 -27.10 27.74 -11.48
N PHE B 100 -26.84 27.77 -10.18
CA PHE B 100 -26.61 26.56 -9.42
C PHE B 100 -27.86 25.70 -9.35
N ARG B 101 -29.03 26.29 -9.19
CA ARG B 101 -30.27 25.50 -9.24
C ARG B 101 -30.49 24.89 -10.59
N ARG B 102 -30.22 25.65 -11.64
CA ARG B 102 -30.38 25.17 -12.99
C ARG B 102 -29.40 24.01 -13.21
N MET B 103 -28.22 24.10 -12.63
CA MET B 103 -27.25 23.03 -12.79
C MET B 103 -27.85 21.77 -12.21
N ALA B 104 -28.45 21.89 -11.03
CA ALA B 104 -29.05 20.75 -10.39
C ALA B 104 -30.14 20.14 -11.29
N GLU B 105 -30.99 20.97 -11.92
CA GLU B 105 -32.02 20.44 -12.86
C GLU B 105 -31.36 19.73 -14.08
N VAL B 106 -30.34 20.36 -14.67
CA VAL B 106 -29.70 19.81 -15.85
C VAL B 106 -28.93 18.49 -15.56
N LEU B 107 -28.34 18.37 -14.36
CA LEU B 107 -27.67 17.12 -13.97
C LEU B 107 -28.64 16.03 -13.45
N ASN B 108 -29.94 16.30 -13.51
CA ASN B 108 -30.95 15.35 -13.05
C ASN B 108 -30.75 14.95 -11.59
N SER B 109 -30.60 15.97 -10.74
CA SER B 109 -30.46 15.76 -9.33
C SER B 109 -31.81 15.46 -8.65
N SER B 110 -31.82 14.44 -7.79
CA SER B 110 -33.03 13.97 -7.08
C SER B 110 -33.13 14.52 -5.65
N ASN B 111 -32.43 15.62 -5.37
CA ASN B 111 -32.45 16.22 -4.04
C ASN B 111 -33.85 16.60 -3.65
N ASP B 112 -34.15 16.41 -2.35
CA ASP B 112 -35.47 16.55 -1.77
C ASP B 112 -35.72 17.96 -1.28
N ASP B 113 -34.67 18.76 -1.15
CA ASP B 113 -34.76 20.13 -0.69
C ASP B 113 -33.57 20.83 -1.25
N TYR B 114 -33.62 22.16 -1.26
CA TYR B 114 -32.52 23.00 -1.74
C TYR B 114 -32.37 24.10 -0.69
N ILE B 115 -31.21 24.20 -0.06
CA ILE B 115 -31.03 25.15 1.03
C ILE B 115 -30.23 26.36 0.56
N ARG B 116 -30.65 27.55 0.97
CA ARG B 116 -29.92 28.79 0.72
C ARG B 116 -29.73 29.44 2.05
N THR B 117 -28.50 29.79 2.41
CA THR B 117 -28.27 30.28 3.77
C THR B 117 -28.76 31.71 4.02
N SER B 118 -29.40 32.31 3.02
CA SER B 118 -30.07 33.61 3.18
C SER B 118 -31.49 33.46 3.69
N GLU B 119 -32.02 32.23 3.66
CA GLU B 119 -33.40 31.98 4.08
C GLU B 119 -33.61 32.24 5.59
N GLU B 120 -34.83 32.63 5.98
CA GLU B 120 -35.14 32.86 7.40
C GLU B 120 -34.98 31.60 8.24
N ARG B 121 -35.40 30.45 7.73
CA ARG B 121 -35.25 29.23 8.51
C ARG B 121 -33.79 29.00 8.97
N HIS B 122 -32.83 29.40 8.13
CA HIS B 122 -31.42 29.24 8.44
C HIS B 122 -30.90 30.23 9.47
N TYR B 123 -31.44 31.43 9.38
CA TYR B 123 -31.11 32.50 10.30
C TYR B 123 -31.48 32.01 11.70
N LYS B 124 -32.67 31.45 11.84
CA LYS B 124 -33.18 30.98 13.14
C LYS B 124 -32.35 29.76 13.62
N ALA B 125 -32.13 28.80 12.70
CA ALA B 125 -31.34 27.59 13.00
C ALA B 125 -29.94 27.95 13.52
N SER B 126 -29.26 28.85 12.82
CA SER B 126 -27.92 29.25 13.18
C SER B 126 -27.91 29.93 14.55
N GLN B 127 -28.88 30.80 14.80
CA GLN B 127 -28.96 31.46 16.10
C GLN B 127 -29.33 30.47 17.22
N ALA B 128 -30.08 29.42 16.90
CA ALA B 128 -30.38 28.42 17.94
C ALA B 128 -29.12 27.60 18.25
N ILE B 129 -28.37 27.15 17.24
CA ILE B 129 -27.22 26.31 17.52
C ILE B 129 -26.22 27.12 18.30
N TRP B 130 -26.14 28.40 17.98
CA TRP B 130 -25.30 29.32 18.70
C TRP B 130 -25.69 29.39 20.15
N GLN B 131 -26.98 29.54 20.41
CA GLN B 131 -27.41 29.66 21.80
C GLN B 131 -27.18 28.38 22.57
N ALA B 132 -27.28 27.26 21.87
CA ALA B 132 -27.03 25.97 22.47
C ALA B 132 -25.55 25.86 22.94
N MET B 133 -24.62 26.37 22.13
CA MET B 133 -23.21 26.30 22.50
C MET B 133 -22.91 27.24 23.68
N VAL B 134 -23.60 28.36 23.73
CA VAL B 134 -23.45 29.28 24.85
C VAL B 134 -23.97 28.55 26.10
N ALA B 135 -25.14 27.91 25.98
CA ALA B 135 -25.75 27.17 27.10
C ALA B 135 -24.84 26.06 27.67
N ASN B 136 -23.99 25.47 26.81
CA ASN B 136 -23.00 24.46 27.25
C ASN B 136 -21.69 25.06 27.78
N GLY B 137 -21.57 26.40 27.80
CA GLY B 137 -20.36 27.09 28.23
C GLY B 137 -19.18 27.14 27.25
N ASP B 138 -19.43 26.88 25.97
CA ASP B 138 -18.36 26.74 25.00
C ASP B 138 -18.07 28.02 24.20
N ILE B 139 -18.68 29.15 24.55
CA ILE B 139 -18.53 30.38 23.77
C ILE B 139 -18.23 31.56 24.68
N TYR B 140 -17.23 32.35 24.34
CA TYR B 140 -16.92 33.57 25.11
C TYR B 140 -16.46 34.70 24.18
N LYS B 141 -16.54 35.94 24.66
CA LYS B 141 -15.99 37.09 23.93
C LYS B 141 -14.59 37.33 24.47
N GLY B 142 -13.63 37.50 23.57
CA GLY B 142 -12.23 37.71 23.95
C GLY B 142 -11.60 38.51 22.83
N GLY B 143 -10.28 38.36 22.66
CA GLY B 143 -9.46 39.21 21.78
C GLY B 143 -8.39 38.45 21.00
N TYR B 144 -8.46 38.54 19.68
CA TYR B 144 -7.45 37.93 18.80
C TYR B 144 -6.33 38.95 18.65
N ALA B 145 -5.09 38.51 18.78
CA ALA B 145 -3.93 39.32 18.40
C ALA B 145 -2.96 38.44 17.61
N GLY B 146 -3.07 38.48 16.27
CA GLY B 146 -2.28 37.58 15.42
C GLY B 146 -2.27 37.92 13.93
N TRP B 147 -1.40 37.22 13.20
CA TRP B 147 -0.98 37.55 11.83
C TRP B 147 -1.75 36.68 10.89
N TRP B 179 -0.89 42.03 10.52
CA TRP B 179 -1.16 41.96 11.96
C TRP B 179 -2.45 42.66 12.35
N VAL B 180 -3.25 42.01 13.21
CA VAL B 180 -4.57 42.52 13.60
C VAL B 180 -4.82 42.22 15.08
N GLU B 181 -5.47 43.16 15.76
CA GLU B 181 -6.02 42.98 17.12
C GLU B 181 -7.49 43.39 17.05
N GLU B 182 -8.38 42.41 17.16
CA GLU B 182 -9.85 42.62 17.07
C GLU B 182 -10.56 41.88 18.22
N GLU B 183 -11.69 42.41 18.66
CA GLU B 183 -12.54 41.69 19.62
C GLU B 183 -13.36 40.64 18.87
N SER B 184 -13.52 39.46 19.46
CA SER B 184 -14.05 38.34 18.72
C SER B 184 -14.66 37.30 19.65
N TYR B 185 -15.79 36.72 19.25
CA TYR B 185 -16.33 35.55 19.95
C TYR B 185 -15.51 34.32 19.61
N PHE B 186 -15.31 33.46 20.58
CA PHE B 186 -14.56 32.23 20.38
C PHE B 186 -15.38 31.01 20.77
N PHE B 187 -15.09 29.90 20.14
CA PHE B 187 -15.58 28.60 20.54
C PHE B 187 -14.44 27.88 21.24
N ARG B 188 -14.74 27.16 22.32
CA ARG B 188 -13.72 26.51 23.12
C ARG B 188 -13.26 25.18 22.48
N LEU B 189 -12.74 25.26 21.26
CA LEU B 189 -12.32 24.05 20.56
C LEU B 189 -11.25 23.29 21.37
N SER B 190 -10.50 23.99 22.20
CA SER B 190 -9.47 23.34 23.02
C SER B 190 -10.07 22.33 23.94
N ALA B 191 -11.33 22.52 24.33
CA ALA B 191 -12.03 21.56 25.23
C ALA B 191 -12.42 20.25 24.52
N TYR B 192 -12.20 20.14 23.20
CA TYR B 192 -12.69 18.97 22.43
C TYR B 192 -11.61 18.09 21.82
N GLN B 193 -10.35 18.44 22.02
CA GLN B 193 -9.28 17.62 21.46
C GLN B 193 -9.48 16.14 21.79
N ASP B 194 -9.67 15.82 23.06
CA ASP B 194 -9.71 14.43 23.50
C ASP B 194 -10.97 13.70 23.06
N LYS B 195 -12.12 14.38 23.15
CA LYS B 195 -13.37 13.83 22.65
C LYS B 195 -13.35 13.56 21.15
N LEU B 196 -12.64 14.41 20.40
CA LEU B 196 -12.47 14.19 18.95
C LEU B 196 -11.57 13.00 18.68
N LEU B 197 -10.43 12.91 19.35
CA LEU B 197 -9.59 11.73 19.19
C LEU B 197 -10.34 10.42 19.53
N ASP B 198 -11.18 10.43 20.56
CA ASP B 198 -11.99 9.22 20.86
C ASP B 198 -12.94 8.92 19.70
N LEU B 199 -13.58 9.96 19.17
CA LEU B 199 -14.49 9.78 18.05
C LEU B 199 -13.75 9.09 16.90
N TYR B 200 -12.54 9.55 16.57
CA TYR B 200 -11.76 8.90 15.53
C TYR B 200 -11.37 7.44 15.87
N GLU B 201 -11.02 7.13 17.13
CA GLU B 201 -10.70 5.74 17.51
C GLU B 201 -11.98 4.84 17.41
N ASN B 202 -13.10 5.30 17.92
CA ASN B 202 -14.30 4.50 18.03
C ASN B 202 -15.10 4.40 16.74
N ASN B 203 -14.89 5.32 15.82
CA ASN B 203 -15.57 5.29 14.53
C ASN B 203 -14.49 5.45 13.46
N PRO B 204 -13.85 4.35 13.08
CA PRO B 204 -12.76 4.44 12.09
C PRO B 204 -13.18 4.92 10.68
N GLY B 205 -14.48 4.97 10.39
CA GLY B 205 -14.97 5.47 9.11
C GLY B 205 -15.59 6.87 9.17
N PHE B 206 -15.29 7.60 10.23
CA PHE B 206 -15.90 8.93 10.43
C PHE B 206 -15.44 9.93 9.37
N ILE B 207 -14.15 9.92 9.07
CA ILE B 207 -13.62 10.77 7.99
C ILE B 207 -12.80 9.93 7.03
N MET B 208 -13.20 9.94 5.76
CA MET B 208 -12.60 9.06 4.77
C MET B 208 -12.40 9.84 3.48
N PRO B 209 -11.51 9.36 2.59
CA PRO B 209 -10.73 8.11 2.71
C PRO B 209 -9.51 8.26 3.63
N ALA B 210 -8.71 7.19 3.72
CA ALA B 210 -7.58 7.08 4.65
C ALA B 210 -6.65 8.29 4.68
N GLU B 211 -6.28 8.79 3.50
CA GLU B 211 -5.34 9.90 3.41
C GLU B 211 -5.93 11.09 4.22
N ARG B 212 -7.25 11.26 4.15
CA ARG B 212 -7.96 12.31 4.91
C ARG B 212 -7.98 12.02 6.40
N ARG B 213 -8.30 10.80 6.77
CA ARG B 213 -8.26 10.36 8.16
C ARG B 213 -6.94 10.76 8.84
N ASN B 214 -5.82 10.43 8.21
CA ASN B 214 -4.50 10.70 8.76
C ASN B 214 -4.22 12.21 8.84
N GLU B 215 -4.55 12.98 7.80
CA GLU B 215 -4.39 14.43 7.92
C GLU B 215 -5.11 14.90 9.21
N ILE B 216 -6.38 14.52 9.37
CA ILE B 216 -7.20 15.02 10.45
C ILE B 216 -6.69 14.56 11.82
N VAL B 217 -6.45 13.26 11.93
CA VAL B 217 -6.02 12.71 13.20
C VAL B 217 -4.73 13.37 13.66
N SER B 218 -3.79 13.50 12.73
CA SER B 218 -2.51 14.15 13.00
C SER B 218 -2.67 15.63 13.36
N PHE B 219 -3.54 16.32 12.66
CA PHE B 219 -3.81 17.72 12.96
C PHE B 219 -4.35 17.86 14.37
N VAL B 220 -5.33 17.04 14.76
CA VAL B 220 -5.89 17.11 16.10
C VAL B 220 -4.92 16.61 17.21
N LYS B 221 -4.09 15.60 16.91
CA LYS B 221 -3.09 15.09 17.89
C LYS B 221 -2.06 16.19 18.23
N SER B 222 -1.79 17.08 17.28
CA SER B 222 -0.77 18.12 17.52
C SER B 222 -1.31 19.39 18.21
N GLY B 223 -2.57 19.37 18.63
CA GLY B 223 -3.08 20.37 19.58
C GLY B 223 -4.06 21.33 18.95
N LEU B 224 -5.10 21.69 19.70
CA LEU B 224 -6.20 22.54 19.21
C LEU B 224 -6.35 23.82 20.02
N LYS B 225 -6.37 24.95 19.33
CA LYS B 225 -6.59 26.24 19.96
C LYS B 225 -8.05 26.64 19.80
N ASP B 226 -8.57 27.41 20.74
CA ASP B 226 -9.93 27.96 20.61
C ASP B 226 -10.07 28.70 19.25
N LEU B 227 -11.27 28.64 18.68
CA LEU B 227 -11.53 29.06 17.34
C LEU B 227 -12.39 30.31 17.31
N SER B 228 -11.96 31.30 16.53
CA SER B 228 -12.69 32.56 16.41
C SER B 228 -13.90 32.34 15.52
N ILE B 229 -15.06 32.78 15.98
CA ILE B 229 -16.30 32.45 15.29
C ILE B 229 -17.18 33.68 15.05
N SER B 230 -16.61 34.86 15.17
CA SER B 230 -17.37 36.06 14.84
C SER B 230 -16.49 37.05 14.09
N ARG B 231 -17.12 37.84 13.25
CA ARG B 231 -16.42 38.86 12.50
C ARG B 231 -17.18 40.18 12.82
N THR B 232 -16.48 41.28 12.70
CA THR B 232 -17.06 42.59 12.97
C THR B 232 -16.84 43.55 11.79
N THR B 233 -16.07 43.12 10.77
CA THR B 233 -15.71 43.95 9.61
C THR B 233 -16.93 44.32 8.73
N PHE B 234 -17.92 43.42 8.66
CA PHE B 234 -19.01 43.57 7.70
C PHE B 234 -20.39 43.32 8.29
N ASP B 235 -21.40 43.54 7.45
CA ASP B 235 -22.81 43.39 7.82
C ASP B 235 -23.58 42.51 6.81
N TRP B 236 -23.02 41.35 6.51
CA TRP B 236 -23.64 40.37 5.61
C TRP B 236 -23.31 39.02 6.14
N GLY B 237 -24.23 38.54 6.96
CA GLY B 237 -24.00 37.35 7.72
C GLY B 237 -25.06 37.29 8.78
N ILE B 238 -25.01 36.28 9.61
CA ILE B 238 -26.05 36.15 10.62
C ILE B 238 -25.59 36.85 11.87
N PRO B 239 -26.43 37.74 12.39
CA PRO B 239 -25.96 38.42 13.58
C PRO B 239 -25.85 37.45 14.76
N VAL B 240 -24.82 37.67 15.57
CA VAL B 240 -24.66 36.94 16.81
C VAL B 240 -25.79 37.35 17.71
N PRO B 241 -26.64 36.41 18.12
CA PRO B 241 -27.78 36.82 18.96
C PRO B 241 -27.34 37.57 20.23
N GLY B 242 -27.98 38.69 20.52
CA GLY B 242 -27.64 39.48 21.69
C GLY B 242 -26.43 40.39 21.54
N ASP B 243 -25.80 40.44 20.35
CA ASP B 243 -24.70 41.37 20.07
C ASP B 243 -24.57 41.59 18.55
N GLU B 244 -25.54 42.30 17.98
CA GLU B 244 -25.66 42.49 16.52
C GLU B 244 -24.50 43.24 15.85
N LYS B 245 -23.66 43.94 16.62
CA LYS B 245 -22.42 44.51 16.07
C LYS B 245 -21.51 43.39 15.47
N HIS B 246 -21.77 42.13 15.81
CA HIS B 246 -20.97 40.99 15.32
C HIS B 246 -21.78 40.11 14.42
N VAL B 247 -21.11 39.45 13.49
CA VAL B 247 -21.77 38.44 12.69
C VAL B 247 -21.02 37.10 12.82
N MET B 248 -21.75 36.03 12.63
CA MET B 248 -21.17 34.71 12.77
C MET B 248 -20.24 34.44 11.62
N TYR B 249 -19.04 33.97 11.95
CA TYR B 249 -18.10 33.44 10.99
C TYR B 249 -18.87 32.57 10.01
N VAL B 250 -18.54 32.69 8.74
CA VAL B 250 -19.34 32.09 7.68
C VAL B 250 -19.43 30.56 7.79
N TRP B 251 -18.42 29.90 8.37
CA TRP B 251 -18.43 28.46 8.52
C TRP B 251 -19.40 27.95 9.59
N VAL B 252 -19.61 28.70 10.67
CA VAL B 252 -20.53 28.24 11.71
C VAL B 252 -21.93 28.17 11.11
N ASP B 253 -22.31 29.30 10.52
CA ASP B 253 -23.46 29.48 9.65
C ASP B 253 -23.53 28.39 8.58
N ALA B 254 -22.51 28.25 7.75
CA ALA B 254 -22.55 27.29 6.65
C ALA B 254 -22.83 25.86 7.11
N LEU B 255 -22.12 25.39 8.14
CA LEU B 255 -22.26 23.99 8.60
C LEU B 255 -23.68 23.68 9.10
N THR B 256 -24.30 24.66 9.74
CA THR B 256 -25.64 24.52 10.23
C THR B 256 -26.68 24.22 9.15
N ASN B 257 -26.34 24.49 7.88
CA ASN B 257 -27.25 24.18 6.78
C ASN B 257 -27.76 22.75 6.94
N TYR B 258 -26.87 21.84 7.34
CA TYR B 258 -27.22 20.42 7.34
C TYR B 258 -28.34 20.07 8.33
N ILE B 259 -28.46 20.81 9.42
CA ILE B 259 -29.59 20.64 10.37
C ILE B 259 -30.75 21.63 10.10
N THR B 260 -30.46 22.80 9.57
CA THR B 260 -31.53 23.67 9.09
C THR B 260 -32.54 22.91 8.23
N ALA B 261 -32.05 22.15 7.26
CA ALA B 261 -32.91 21.50 6.26
C ALA B 261 -33.86 20.46 6.88
N LEU B 262 -33.63 20.11 8.15
CA LEU B 262 -34.49 19.14 8.87
C LEU B 262 -35.47 19.78 9.88
N GLY B 263 -35.49 21.12 9.92
CA GLY B 263 -36.38 21.85 10.81
C GLY B 263 -35.78 22.34 12.13
N TYR B 264 -34.46 22.23 12.30
CA TYR B 264 -33.83 22.69 13.54
C TYR B 264 -34.20 24.17 13.76
N PRO B 265 -34.46 24.57 15.02
CA PRO B 265 -34.40 23.83 16.28
C PRO B 265 -35.64 23.03 16.70
N ASP B 266 -36.64 22.91 15.83
CA ASP B 266 -37.84 22.18 16.18
C ASP B 266 -37.53 20.70 16.03
N THR B 267 -37.22 20.05 17.15
CA THR B 267 -36.88 18.63 17.13
C THR B 267 -38.11 17.72 17.02
N THR B 268 -39.30 18.29 16.93
CA THR B 268 -40.51 17.49 16.68
C THR B 268 -40.93 17.49 15.22
N ASP B 269 -40.32 18.36 14.42
CA ASP B 269 -40.47 18.31 12.96
C ASP B 269 -40.29 16.87 12.47
N GLU B 270 -41.14 16.45 11.53
CA GLU B 270 -41.12 15.06 11.03
C GLU B 270 -39.80 14.73 10.32
N ARG B 271 -39.10 15.76 9.82
CA ARG B 271 -37.80 15.57 9.14
C ARG B 271 -36.62 15.34 10.09
N TRP B 272 -36.81 15.68 11.36
CA TRP B 272 -35.73 15.65 12.30
C TRP B 272 -35.20 14.29 12.51
N ALA B 273 -36.01 13.27 12.30
CA ALA B 273 -35.53 11.92 12.53
C ALA B 273 -34.45 11.53 11.51
N TYR B 274 -34.33 12.30 10.41
CA TYR B 274 -33.24 12.05 9.46
C TYR B 274 -31.88 12.34 10.07
N TRP B 275 -31.83 13.24 11.06
CA TRP B 275 -30.57 13.50 11.77
C TRP B 275 -30.25 12.36 12.70
N PRO B 276 -28.95 11.98 12.80
CA PRO B 276 -27.70 12.44 12.16
C PRO B 276 -27.55 11.97 10.71
N ALA B 277 -26.84 12.76 9.91
CA ALA B 277 -26.58 12.40 8.56
C ALA B 277 -25.76 11.10 8.52
N ASN B 278 -26.05 10.30 7.50
CA ASN B 278 -25.30 9.12 7.23
C ASN B 278 -24.03 9.41 6.49
N ALA B 279 -24.05 10.46 5.65
CA ALA B 279 -22.85 10.82 4.87
C ALA B 279 -22.88 12.28 4.43
N HIS B 280 -21.83 13.01 4.77
CA HIS B 280 -21.60 14.34 4.23
C HIS B 280 -20.59 14.16 3.15
N ILE B 281 -21.00 14.36 1.90
CA ILE B 281 -20.07 14.37 0.77
C ILE B 281 -19.53 15.80 0.59
N ILE B 282 -18.20 15.92 0.54
CA ILE B 282 -17.49 17.18 0.50
C ILE B 282 -16.23 17.00 -0.37
N GLY B 283 -15.54 18.10 -0.68
CA GLY B 283 -14.25 18.06 -1.37
C GLY B 283 -13.15 18.07 -0.34
N LYS B 284 -11.96 17.62 -0.70
CA LYS B 284 -10.88 17.46 0.32
C LYS B 284 -10.35 18.76 0.92
N ASP B 285 -10.53 19.87 0.22
CA ASP B 285 -10.07 21.17 0.74
C ASP B 285 -10.88 21.65 1.94
N ILE B 286 -12.00 21.01 2.27
CA ILE B 286 -12.81 21.48 3.38
C ILE B 286 -13.07 20.41 4.46
N SER B 287 -12.16 19.45 4.56
CA SER B 287 -12.23 18.38 5.56
C SER B 287 -12.20 18.87 6.98
N ARG B 288 -11.34 19.82 7.27
CA ARG B 288 -11.19 20.27 8.65
C ARG B 288 -12.46 20.80 9.24
N PHE B 289 -13.19 21.57 8.46
CA PHE B 289 -14.41 22.19 8.91
C PHE B 289 -15.43 21.12 9.26
N HIS B 290 -15.43 20.02 8.50
CA HIS B 290 -16.46 18.99 8.65
C HIS B 290 -16.11 17.91 9.64
N ALA B 291 -14.81 17.62 9.78
CA ALA B 291 -14.36 16.52 10.61
C ALA B 291 -13.76 16.99 11.94
N VAL B 292 -13.54 18.29 12.09
CA VAL B 292 -13.07 18.82 13.36
C VAL B 292 -14.07 19.82 13.93
N TYR B 293 -14.32 20.91 13.20
CA TYR B 293 -15.16 21.94 13.74
C TYR B 293 -16.56 21.43 13.94
N TRP B 294 -17.12 20.85 12.91
CA TRP B 294 -18.52 20.42 12.93
C TRP B 294 -18.84 19.49 14.07
N PRO B 295 -18.11 18.37 14.20
CA PRO B 295 -18.45 17.52 15.34
C PRO B 295 -18.29 18.20 16.69
N ALA B 296 -17.26 19.05 16.83
CA ALA B 296 -17.09 19.78 18.11
C ALA B 296 -18.33 20.60 18.40
N PHE B 297 -18.83 21.31 17.39
CA PHE B 297 -20.04 22.10 17.54
C PHE B 297 -21.24 21.24 17.90
N LEU B 298 -21.40 20.11 17.21
CA LEU B 298 -22.55 19.25 17.46
C LEU B 298 -22.48 18.67 18.89
N MET B 299 -21.30 18.24 19.33
CA MET B 299 -21.10 17.77 20.70
C MET B 299 -21.52 18.85 21.70
N SER B 300 -21.02 20.05 21.48
CA SER B 300 -21.36 21.18 22.32
C SER B 300 -22.86 21.37 22.40
N ALA B 301 -23.52 21.34 21.25
CA ALA B 301 -24.99 21.65 21.22
C ALA B 301 -25.82 20.43 21.59
N GLN B 302 -25.13 19.37 22.01
CA GLN B 302 -25.74 18.15 22.54
C GLN B 302 -26.45 17.33 21.44
N LEU B 303 -25.91 17.35 20.23
CA LEU B 303 -26.49 16.67 19.10
C LEU B 303 -25.64 15.51 18.63
N PRO B 304 -26.28 14.48 18.09
CA PRO B 304 -25.49 13.34 17.62
C PRO B 304 -24.67 13.70 16.38
N LEU B 305 -23.62 12.91 16.14
CA LEU B 305 -22.72 13.22 15.07
C LEU B 305 -23.02 12.42 13.80
N PRO B 306 -22.64 12.98 12.65
CA PRO B 306 -22.83 12.24 11.43
C PRO B 306 -21.98 10.96 11.44
N LYS B 307 -22.47 9.92 10.76
CA LYS B 307 -21.80 8.64 10.73
C LYS B 307 -20.52 8.66 9.89
N ARG B 308 -20.52 9.48 8.82
CA ARG B 308 -19.37 9.58 7.93
C ARG B 308 -19.28 10.92 7.22
N VAL B 309 -18.06 11.44 7.07
CA VAL B 309 -17.77 12.54 6.17
C VAL B 309 -16.82 11.98 5.12
N PHE B 310 -17.15 12.12 3.84
CA PHE B 310 -16.31 11.55 2.77
C PHE B 310 -15.94 12.61 1.77
N ALA B 311 -14.63 12.73 1.53
CA ALA B 311 -14.04 13.77 0.69
C ALA B 311 -13.59 13.21 -0.65
N HIS B 312 -14.19 13.73 -1.72
CA HIS B 312 -13.74 13.39 -3.06
C HIS B 312 -12.56 14.25 -3.43
N GLY B 313 -11.83 13.81 -4.45
CA GLY B 313 -10.72 14.58 -4.99
C GLY B 313 -11.13 15.60 -6.05
N PHE B 314 -10.16 16.13 -6.75
CA PHE B 314 -10.43 17.15 -7.72
C PHE B 314 -10.25 16.63 -9.11
N LEU B 315 -10.90 17.31 -10.06
CA LEU B 315 -10.86 16.97 -11.48
C LEU B 315 -10.02 17.94 -12.30
N PHE B 316 -9.32 17.42 -13.29
CA PHE B 316 -8.39 18.20 -14.11
C PHE B 316 -8.64 17.91 -15.58
N ASN B 317 -8.50 18.93 -16.43
CA ASN B 317 -8.72 18.80 -17.88
C ASN B 317 -7.58 18.07 -18.63
N ILE B 330 -14.36 22.43 -18.83
CA ILE B 330 -14.45 23.66 -18.06
C ILE B 330 -15.90 23.98 -17.55
N ASP B 331 -16.89 24.11 -18.45
CA ASP B 331 -18.29 24.46 -18.08
C ASP B 331 -19.26 23.23 -18.10
N PRO B 332 -19.87 22.91 -16.96
CA PRO B 332 -20.68 21.70 -16.91
C PRO B 332 -21.84 21.67 -17.87
N PHE B 333 -22.46 22.81 -18.15
CA PHE B 333 -23.61 22.84 -19.07
C PHE B 333 -23.21 22.42 -20.48
N GLU B 334 -22.05 22.90 -20.92
CA GLU B 334 -21.50 22.64 -22.25
C GLU B 334 -21.13 21.19 -22.36
N LEU B 335 -20.46 20.66 -21.33
CA LEU B 335 -20.11 19.24 -21.28
C LEU B 335 -21.36 18.35 -21.45
N VAL B 336 -22.43 18.66 -20.72
CA VAL B 336 -23.68 17.92 -20.85
C VAL B 336 -24.23 18.00 -22.28
N GLU B 337 -24.16 19.19 -22.86
CA GLU B 337 -24.64 19.43 -24.20
C GLU B 337 -23.84 18.61 -25.21
N ARG B 338 -22.52 18.69 -25.12
CA ARG B 338 -21.66 17.99 -26.04
C ARG B 338 -21.79 16.46 -25.97
N TYR B 339 -21.80 15.91 -24.76
CA TYR B 339 -21.66 14.46 -24.58
C TYR B 339 -22.92 13.70 -24.20
N GLY B 340 -23.92 14.41 -23.70
CA GLY B 340 -25.08 13.79 -23.06
C GLY B 340 -24.87 13.64 -21.56
N LEU B 341 -25.93 13.88 -20.80
CA LEU B 341 -25.85 13.85 -19.32
C LEU B 341 -25.33 12.51 -18.84
N ASP B 342 -26.01 11.45 -19.22
CA ASP B 342 -25.68 10.13 -18.70
C ASP B 342 -24.28 9.67 -19.07
N GLN B 343 -23.83 10.05 -20.26
CA GLN B 343 -22.47 9.77 -20.69
C GLN B 343 -21.52 10.42 -19.73
N LEU B 344 -21.78 11.68 -19.35
CA LEU B 344 -20.88 12.40 -18.46
C LEU B 344 -20.91 11.80 -17.02
N ARG B 345 -22.08 11.50 -16.55
CA ARG B 345 -22.24 10.89 -15.23
C ARG B 345 -21.41 9.60 -15.19
N TYR B 346 -21.57 8.76 -16.22
CA TYR B 346 -20.92 7.46 -16.21
C TYR B 346 -19.42 7.66 -16.20
N PHE B 347 -18.95 8.52 -17.08
CA PHE B 347 -17.54 8.72 -17.21
C PHE B 347 -16.91 9.13 -15.86
N LEU B 348 -17.43 10.20 -15.27
CA LEU B 348 -16.89 10.73 -14.04
C LEU B 348 -16.88 9.71 -12.92
N MET B 349 -17.89 8.85 -12.88
CA MET B 349 -18.04 7.99 -11.75
C MET B 349 -17.31 6.69 -11.95
N ARG B 350 -17.04 6.34 -13.20
CA ARG B 350 -16.31 5.11 -13.53
C ARG B 350 -14.81 5.30 -13.61
N GLU B 351 -14.38 6.37 -14.26
CA GLU B 351 -12.98 6.48 -14.61
C GLU B 351 -12.13 7.07 -13.53
N VAL B 352 -12.74 7.67 -12.50
CA VAL B 352 -11.98 8.14 -11.35
C VAL B 352 -12.35 7.40 -10.04
N PRO B 353 -11.37 6.81 -9.36
CA PRO B 353 -11.69 6.24 -8.06
C PRO B 353 -12.14 7.31 -7.11
N PHE B 354 -13.32 7.13 -6.51
CA PHE B 354 -13.92 8.18 -5.68
C PHE B 354 -13.06 8.41 -4.44
N GLY B 355 -12.60 9.63 -4.28
CA GLY B 355 -11.60 9.95 -3.25
C GLY B 355 -10.28 10.41 -3.85
N GLN B 356 -9.90 9.82 -4.99
CA GLN B 356 -8.64 10.19 -5.63
C GLN B 356 -8.87 11.35 -6.63
N ASP B 357 -7.80 12.03 -6.99
CA ASP B 357 -7.88 13.05 -8.04
C ASP B 357 -7.93 12.34 -9.38
N GLY B 358 -8.41 13.03 -10.41
CA GLY B 358 -8.52 12.40 -11.72
C GLY B 358 -8.61 13.37 -12.89
N SER B 359 -8.53 12.80 -14.08
CA SER B 359 -8.42 13.58 -15.30
C SER B 359 -9.65 13.36 -16.14
N TYR B 360 -10.02 14.37 -16.93
CA TYR B 360 -10.95 14.15 -18.03
C TYR B 360 -10.49 14.92 -19.26
N SER B 361 -10.72 14.33 -20.42
CA SER B 361 -10.44 14.95 -21.72
C SER B 361 -11.49 14.51 -22.73
N HIS B 362 -11.63 15.31 -23.78
CA HIS B 362 -12.48 14.96 -24.89
C HIS B 362 -12.27 13.53 -25.35
N GLU B 363 -11.03 13.15 -25.64
CA GLU B 363 -10.73 11.82 -26.19
C GLU B 363 -11.05 10.69 -25.18
N ALA B 364 -10.76 10.92 -23.91
CA ALA B 364 -11.11 9.92 -22.88
C ALA B 364 -12.62 9.70 -22.80
N ILE B 365 -13.41 10.77 -22.75
CA ILE B 365 -14.86 10.67 -22.57
C ILE B 365 -15.50 10.03 -23.78
N VAL B 366 -15.10 10.43 -24.98
CA VAL B 366 -15.61 9.85 -26.21
C VAL B 366 -15.32 8.34 -26.20
N ASN B 367 -14.06 7.97 -25.95
CA ASN B 367 -13.66 6.57 -26.08
C ASN B 367 -14.26 5.68 -25.02
N ARG B 368 -14.13 6.07 -23.75
CA ARG B 368 -14.68 5.25 -22.66
C ARG B 368 -16.24 5.17 -22.74
N THR B 369 -16.94 6.23 -23.16
CA THR B 369 -18.43 6.12 -23.27
C THR B 369 -18.91 5.40 -24.54
N ASN B 370 -18.15 5.53 -25.62
CA ASN B 370 -18.39 4.70 -26.82
C ASN B 370 -18.17 3.22 -26.52
N ALA B 371 -17.13 2.92 -25.75
CA ALA B 371 -16.75 1.55 -25.49
C ALA B 371 -17.73 0.85 -24.56
N ASP B 372 -18.06 1.51 -23.47
CA ASP B 372 -18.83 0.88 -22.42
C ASP B 372 -20.33 1.05 -22.59
N LEU B 373 -20.78 2.24 -22.98
CA LEU B 373 -22.21 2.53 -23.12
C LEU B 373 -22.75 2.24 -24.53
N ALA B 374 -22.18 2.91 -25.51
CA ALA B 374 -22.67 2.83 -26.88
C ALA B 374 -22.48 1.41 -27.46
N ASN B 375 -21.29 0.86 -27.31
CA ASN B 375 -20.96 -0.41 -27.90
C ASN B 375 -21.39 -1.55 -26.98
N ASP B 376 -20.79 -1.62 -25.79
CA ASP B 376 -20.96 -2.79 -24.92
C ASP B 376 -22.38 -3.03 -24.43
N LEU B 377 -22.97 -2.00 -23.84
CA LEU B 377 -24.32 -2.14 -23.29
C LEU B 377 -25.37 -1.91 -24.37
N GLY B 378 -25.28 -0.76 -25.02
CA GLY B 378 -26.33 -0.30 -25.95
C GLY B 378 -26.49 -1.22 -27.14
N ASN B 379 -25.36 -1.69 -27.66
CA ASN B 379 -25.41 -2.59 -28.78
C ASN B 379 -25.80 -4.02 -28.41
N LEU B 380 -25.47 -4.46 -27.20
CA LEU B 380 -26.01 -5.71 -26.72
C LEU B 380 -27.55 -5.60 -26.64
N ALA B 381 -28.09 -4.49 -26.13
CA ALA B 381 -29.55 -4.38 -26.04
C ALA B 381 -30.14 -4.37 -27.42
N GLN B 382 -29.59 -3.54 -28.31
CA GLN B 382 -30.18 -3.37 -29.62
C GLN B 382 -30.15 -4.67 -30.40
N ARG B 383 -29.02 -5.37 -30.44
CA ARG B 383 -28.92 -6.60 -31.24
C ARG B 383 -29.91 -7.68 -30.76
N SER B 384 -29.87 -7.94 -29.45
CA SER B 384 -30.69 -8.96 -28.82
C SER B 384 -32.17 -8.64 -28.85
N LEU B 385 -32.53 -7.39 -28.61
CA LEU B 385 -33.94 -7.04 -28.62
C LEU B 385 -34.51 -6.95 -30.06
N SER B 386 -33.66 -6.63 -31.02
CA SER B 386 -34.11 -6.66 -32.43
C SER B 386 -34.26 -8.10 -32.90
N MET B 387 -33.40 -9.00 -32.43
CA MET B 387 -33.64 -10.40 -32.74
C MET B 387 -34.99 -10.88 -32.14
N ILE B 388 -35.35 -10.42 -30.95
CA ILE B 388 -36.66 -10.77 -30.39
C ILE B 388 -37.79 -10.13 -31.20
N ALA B 389 -37.59 -8.89 -31.64
CA ALA B 389 -38.59 -8.19 -32.49
C ALA B 389 -38.83 -8.93 -33.81
N LYS B 390 -37.73 -9.30 -34.48
CA LYS B 390 -37.81 -9.86 -35.83
C LYS B 390 -38.19 -11.34 -35.76
N ASN B 391 -37.62 -12.09 -34.82
CA ASN B 391 -37.81 -13.53 -34.79
C ASN B 391 -38.81 -14.08 -33.77
N CYS B 392 -39.30 -13.27 -32.86
CA CYS B 392 -40.20 -13.82 -31.82
C CYS B 392 -41.49 -12.98 -31.64
N GLU B 393 -41.91 -12.32 -32.72
CA GLU B 393 -43.13 -11.50 -32.75
C GLU B 393 -43.16 -10.42 -31.66
N GLY B 394 -41.98 -9.94 -31.29
CA GLY B 394 -41.83 -8.94 -30.23
C GLY B 394 -42.39 -9.39 -28.88
N LYS B 395 -42.36 -10.70 -28.64
CA LYS B 395 -42.74 -11.24 -27.34
C LYS B 395 -41.49 -11.83 -26.71
N VAL B 396 -41.36 -11.69 -25.38
CA VAL B 396 -40.27 -12.30 -24.65
C VAL B 396 -40.38 -13.81 -24.85
N PRO B 397 -39.34 -14.45 -25.38
CA PRO B 397 -39.40 -15.88 -25.64
C PRO B 397 -39.45 -16.73 -24.37
N GLN B 398 -40.17 -17.85 -24.45
CA GLN B 398 -40.22 -18.85 -23.37
C GLN B 398 -38.90 -19.60 -23.25
N PRO B 399 -38.17 -19.40 -22.13
CA PRO B 399 -36.90 -20.11 -22.00
C PRO B 399 -37.13 -21.55 -21.61
N GLY B 400 -36.28 -22.42 -22.14
CA GLY B 400 -36.18 -23.81 -21.69
C GLY B 400 -35.11 -24.00 -20.61
N ALA B 401 -34.55 -25.21 -20.56
CA ALA B 401 -33.45 -25.52 -19.68
C ALA B 401 -32.32 -24.51 -19.83
N PHE B 402 -31.81 -23.97 -18.72
CA PHE B 402 -30.59 -23.17 -18.76
C PHE B 402 -29.38 -24.08 -18.78
N SER B 403 -28.43 -23.76 -19.64
CA SER B 403 -27.15 -24.48 -19.74
C SER B 403 -26.21 -23.93 -18.71
N GLU B 404 -25.01 -24.52 -18.62
CA GLU B 404 -23.97 -24.07 -17.67
C GLU B 404 -23.57 -22.60 -17.95
N ALA B 405 -23.42 -22.24 -19.22
CA ALA B 405 -23.03 -20.88 -19.61
C ALA B 405 -24.16 -19.89 -19.29
N ASP B 406 -25.42 -20.31 -19.50
CA ASP B 406 -26.59 -19.51 -19.14
C ASP B 406 -26.54 -19.18 -17.63
N LYS B 407 -26.40 -20.22 -16.80
CA LYS B 407 -26.46 -20.04 -15.34
C LYS B 407 -25.30 -19.11 -14.89
N ALA B 408 -24.11 -19.27 -15.49
CA ALA B 408 -22.93 -18.50 -15.05
C ALA B 408 -23.14 -16.96 -15.24
N ILE B 409 -23.59 -16.55 -16.43
CA ILE B 409 -23.84 -15.14 -16.68
C ILE B 409 -25.01 -14.60 -15.84
N LEU B 410 -26.10 -15.35 -15.71
CA LEU B 410 -27.21 -14.97 -14.81
C LEU B 410 -26.70 -14.81 -13.36
N ASP B 411 -25.90 -15.76 -12.89
CA ASP B 411 -25.41 -15.67 -11.51
C ASP B 411 -24.46 -14.50 -11.30
N GLN B 412 -23.64 -14.22 -12.30
CA GLN B 412 -22.73 -13.12 -12.22
C GLN B 412 -23.51 -11.81 -12.05
N ALA B 413 -24.65 -11.70 -12.72
CA ALA B 413 -25.51 -10.54 -12.58
C ALA B 413 -26.01 -10.35 -11.14
N ASP B 414 -26.57 -11.39 -10.56
CA ASP B 414 -27.01 -11.34 -9.15
C ASP B 414 -25.86 -10.99 -8.21
N ALA B 415 -24.67 -11.54 -8.47
CA ALA B 415 -23.50 -11.26 -7.62
C ALA B 415 -23.12 -9.77 -7.69
N ALA B 416 -23.29 -9.18 -8.87
CA ALA B 416 -22.97 -7.75 -9.08
C ALA B 416 -23.74 -6.82 -8.16
N LEU B 417 -24.99 -7.16 -7.85
CA LEU B 417 -25.77 -6.39 -6.91
C LEU B 417 -25.16 -6.38 -5.49
N GLU B 418 -24.75 -7.55 -5.01
CA GLU B 418 -24.11 -7.62 -3.71
C GLU B 418 -22.82 -6.82 -3.68
N THR B 419 -21.98 -6.98 -4.72
CA THR B 419 -20.76 -6.20 -4.79
C THR B 419 -21.03 -4.71 -4.79
N ALA B 420 -21.98 -4.27 -5.61
CA ALA B 420 -22.35 -2.86 -5.67
C ALA B 420 -22.77 -2.32 -4.31
N ARG B 421 -23.63 -3.03 -3.60
CA ARG B 421 -24.00 -2.63 -2.22
C ARG B 421 -22.81 -2.47 -1.30
N LYS B 422 -21.94 -3.47 -1.23
CA LYS B 422 -20.79 -3.39 -0.34
C LYS B 422 -19.91 -2.21 -0.78
N ALA B 423 -19.78 -1.97 -2.10
CA ALA B 423 -19.00 -0.83 -2.62
C ALA B 423 -19.58 0.54 -2.21
N MET B 424 -20.91 0.68 -2.32
CA MET B 424 -21.54 1.94 -2.09
C MET B 424 -21.53 2.27 -0.61
N ASP B 425 -21.53 1.25 0.23
CA ASP B 425 -21.32 1.48 1.69
C ASP B 425 -20.01 2.19 1.96
N ASP B 426 -19.00 2.00 1.11
CA ASP B 426 -17.70 2.66 1.27
C ASP B 426 -17.48 3.79 0.26
N GLN B 427 -18.55 4.25 -0.35
CA GLN B 427 -18.50 5.33 -1.35
C GLN B 427 -17.68 4.97 -2.58
N ALA B 428 -17.48 3.68 -2.81
CA ALA B 428 -16.65 3.18 -3.90
C ALA B 428 -17.49 3.06 -5.21
N LEU B 429 -17.87 4.21 -5.76
CA LEU B 429 -18.77 4.26 -6.92
C LEU B 429 -18.18 3.53 -8.13
N HIS B 430 -16.87 3.66 -8.30
CA HIS B 430 -16.18 3.03 -9.42
C HIS B 430 -16.23 1.52 -9.37
N LEU B 431 -16.09 0.95 -8.18
CA LEU B 431 -16.16 -0.49 -8.04
C LEU B 431 -17.56 -0.97 -8.28
N ALA B 432 -18.55 -0.17 -7.90
CA ALA B 432 -19.95 -0.53 -8.07
C ALA B 432 -20.22 -0.64 -9.53
N LEU B 433 -19.90 0.43 -10.25
CA LEU B 433 -20.02 0.44 -11.70
C LEU B 433 -19.14 -0.57 -12.39
N GLY B 434 -17.94 -0.77 -11.88
CA GLY B 434 -17.03 -1.78 -12.46
C GLY B 434 -17.60 -3.18 -12.45
N ALA B 435 -18.28 -3.54 -11.36
CA ALA B 435 -18.90 -4.86 -11.22
C ALA B 435 -20.04 -4.98 -12.19
N ILE B 436 -20.87 -3.94 -12.27
CA ILE B 436 -22.06 -3.97 -13.10
C ILE B 436 -21.63 -4.05 -14.57
N PHE B 437 -20.60 -3.31 -14.97
CA PHE B 437 -20.21 -3.36 -16.38
C PHE B 437 -19.34 -4.55 -16.76
N ALA B 438 -18.78 -5.22 -15.76
CA ALA B 438 -18.10 -6.47 -15.98
C ALA B 438 -19.13 -7.51 -16.44
N VAL B 439 -20.35 -7.43 -15.90
CA VAL B 439 -21.43 -8.30 -16.31
C VAL B 439 -21.80 -8.03 -17.77
N VAL B 440 -21.82 -6.75 -18.14
CA VAL B 440 -22.09 -6.37 -19.53
C VAL B 440 -21.02 -6.94 -20.48
N ALA B 441 -19.73 -6.78 -20.13
CA ALA B 441 -18.64 -7.32 -20.97
C ALA B 441 -18.81 -8.83 -21.13
N GLU B 442 -19.01 -9.53 -20.02
CA GLU B 442 -19.17 -10.97 -20.06
C GLU B 442 -20.45 -11.39 -20.82
N ALA B 443 -21.51 -10.57 -20.77
CA ALA B 443 -22.76 -10.87 -21.51
C ALA B 443 -22.58 -10.78 -23.03
N ASN B 444 -21.71 -9.89 -23.50
CA ASN B 444 -21.38 -9.85 -24.92
C ASN B 444 -20.67 -11.14 -25.35
N ARG B 445 -19.67 -11.57 -24.56
CA ARG B 445 -18.93 -12.82 -24.77
C ARG B 445 -19.88 -14.02 -24.75
N TYR B 446 -20.81 -14.02 -23.81
CA TYR B 446 -21.85 -15.04 -23.76
C TYR B 446 -22.66 -15.07 -25.06
N PHE B 447 -23.13 -13.89 -25.47
CA PHE B 447 -23.99 -13.75 -26.66
C PHE B 447 -23.27 -14.18 -27.94
N ALA B 448 -22.09 -13.62 -28.18
CA ALA B 448 -21.26 -13.99 -29.34
C ALA B 448 -20.96 -15.48 -29.39
N GLY B 449 -20.57 -16.05 -28.23
CA GLY B 449 -20.20 -17.46 -28.13
C GLY B 449 -21.37 -18.42 -28.27
N GLN B 450 -22.60 -17.95 -28.14
CA GLN B 450 -23.75 -18.84 -28.31
C GLN B 450 -24.20 -18.89 -29.76
N GLU B 451 -23.76 -17.91 -30.56
CA GLU B 451 -23.95 -17.88 -32.02
C GLU B 451 -25.42 -17.94 -32.37
N PRO B 452 -26.21 -16.95 -31.93
CA PRO B 452 -27.64 -17.10 -32.05
C PRO B 452 -28.12 -17.04 -33.49
N TRP B 453 -27.31 -16.44 -34.39
CA TRP B 453 -27.58 -16.50 -35.87
C TRP B 453 -27.63 -17.93 -36.33
N ALA B 454 -26.58 -18.71 -36.05
CA ALA B 454 -26.57 -20.13 -36.34
C ALA B 454 -27.77 -20.86 -35.68
N LEU B 455 -28.14 -20.46 -34.47
CA LEU B 455 -29.26 -21.09 -33.77
C LEU B 455 -30.62 -20.73 -34.40
N ARG B 456 -30.72 -19.54 -35.00
CA ARG B 456 -31.93 -19.13 -35.71
C ARG B 456 -32.38 -20.21 -36.70
N LYS B 457 -31.43 -20.77 -37.46
CA LYS B 457 -31.70 -21.87 -38.41
C LYS B 457 -31.85 -23.25 -37.71
N THR B 458 -30.77 -23.73 -37.09
CA THR B 458 -30.72 -25.05 -36.46
C THR B 458 -31.81 -25.26 -35.39
N ASP B 459 -31.93 -24.35 -34.42
CA ASP B 459 -32.67 -24.62 -33.17
C ASP B 459 -33.33 -23.36 -32.58
N PRO B 460 -34.47 -22.96 -33.14
CA PRO B 460 -35.10 -21.72 -32.68
C PRO B 460 -35.54 -21.74 -31.21
N ALA B 461 -35.85 -22.90 -30.65
CA ALA B 461 -36.18 -23.00 -29.21
C ALA B 461 -35.03 -22.48 -28.36
N ARG B 462 -33.85 -23.03 -28.62
CA ARG B 462 -32.61 -22.66 -27.95
C ARG B 462 -32.21 -21.20 -28.25
N MET B 463 -32.41 -20.72 -29.47
CA MET B 463 -32.21 -19.28 -29.76
C MET B 463 -33.05 -18.47 -28.78
N GLY B 464 -34.30 -18.90 -28.54
CA GLY B 464 -35.22 -18.20 -27.64
C GLY B 464 -34.72 -18.19 -26.21
N THR B 465 -34.26 -19.33 -25.73
CA THR B 465 -33.66 -19.37 -24.42
C THR B 465 -32.49 -18.37 -24.32
N VAL B 466 -31.59 -18.35 -25.30
CA VAL B 466 -30.47 -17.45 -25.27
C VAL B 466 -30.91 -15.97 -25.31
N LEU B 467 -31.95 -15.66 -26.10
CA LEU B 467 -32.47 -14.30 -26.11
C LEU B 467 -33.09 -13.94 -24.77
N TYR B 468 -33.82 -14.89 -24.19
CA TYR B 468 -34.40 -14.68 -22.86
C TYR B 468 -33.29 -14.30 -21.85
N VAL B 469 -32.27 -15.15 -21.76
CA VAL B 469 -31.18 -14.97 -20.81
C VAL B 469 -30.53 -13.60 -20.98
N THR B 470 -30.21 -13.25 -22.23
CA THR B 470 -29.64 -11.97 -22.53
C THR B 470 -30.60 -10.86 -22.09
N ALA B 471 -31.85 -10.96 -22.48
CA ALA B 471 -32.87 -9.99 -22.04
C ALA B 471 -32.93 -9.90 -20.51
N GLU B 472 -32.94 -11.05 -19.85
CA GLU B 472 -32.99 -11.07 -18.38
C GLU B 472 -31.72 -10.49 -17.72
N VAL B 473 -30.52 -10.80 -18.24
CA VAL B 473 -29.33 -10.16 -17.74
C VAL B 473 -29.50 -8.65 -17.91
N LEU B 474 -30.02 -8.22 -19.07
CA LEU B 474 -30.15 -6.79 -19.35
C LEU B 474 -31.13 -6.14 -18.39
N ARG B 475 -32.21 -6.83 -18.00
CA ARG B 475 -33.11 -6.30 -16.97
C ARG B 475 -32.37 -6.08 -15.63
N ARG B 476 -31.57 -7.06 -15.23
CA ARG B 476 -30.85 -6.92 -13.96
C ARG B 476 -29.87 -5.75 -14.03
N VAL B 477 -29.15 -5.62 -15.13
CA VAL B 477 -28.21 -4.52 -15.28
C VAL B 477 -28.98 -3.20 -15.29
N GLY B 478 -30.09 -3.16 -16.01
CA GLY B 478 -30.88 -1.96 -16.08
C GLY B 478 -31.23 -1.48 -14.70
N ILE B 479 -31.71 -2.38 -13.84
CA ILE B 479 -32.13 -2.00 -12.49
C ILE B 479 -30.93 -1.45 -11.74
N MET B 480 -29.80 -2.17 -11.81
CA MET B 480 -28.59 -1.77 -11.08
C MET B 480 -27.94 -0.45 -11.52
N VAL B 481 -28.01 -0.08 -12.80
CA VAL B 481 -27.45 1.19 -13.28
C VAL B 481 -28.35 2.41 -13.08
N GLN B 482 -29.60 2.24 -12.69
CA GLN B 482 -30.49 3.42 -12.53
C GLN B 482 -29.87 4.60 -11.79
N PRO B 483 -29.23 4.35 -10.64
CA PRO B 483 -28.73 5.50 -9.90
C PRO B 483 -27.69 6.27 -10.65
N PHE B 484 -26.94 5.57 -11.51
CA PHE B 484 -25.76 6.19 -12.12
C PHE B 484 -26.15 6.93 -13.41
N ILE B 485 -27.06 6.33 -14.18
CA ILE B 485 -27.47 6.86 -15.46
C ILE B 485 -29.01 6.73 -15.58
N PRO B 486 -29.75 7.52 -14.78
CA PRO B 486 -31.18 7.30 -14.61
C PRO B 486 -32.03 7.33 -15.85
N GLN B 487 -31.84 8.32 -16.73
CA GLN B 487 -32.70 8.44 -17.94
C GLN B 487 -32.50 7.29 -18.94
N SER B 488 -31.24 6.96 -19.17
CA SER B 488 -30.86 5.86 -20.04
C SER B 488 -31.37 4.55 -19.46
N ALA B 489 -31.19 4.37 -18.15
CA ALA B 489 -31.68 3.17 -17.48
C ALA B 489 -33.20 3.01 -17.65
N GLU B 490 -33.93 4.11 -17.50
CA GLU B 490 -35.37 4.10 -17.71
C GLU B 490 -35.68 3.62 -19.15
N LYS B 491 -35.02 4.20 -20.14
CA LYS B 491 -35.28 3.84 -21.53
C LYS B 491 -35.04 2.32 -21.73
N LEU B 492 -33.96 1.79 -21.14
CA LEU B 492 -33.61 0.38 -21.34
C LEU B 492 -34.63 -0.53 -20.68
N LEU B 493 -35.14 -0.13 -19.52
CA LEU B 493 -36.18 -0.88 -18.87
C LEU B 493 -37.56 -0.71 -19.53
N ASP B 494 -37.82 0.43 -20.15
CA ASP B 494 -39.06 0.60 -20.94
C ASP B 494 -39.09 -0.39 -22.13
N ILE B 495 -37.98 -0.46 -22.84
CA ILE B 495 -37.78 -1.42 -23.89
C ILE B 495 -37.94 -2.87 -23.44
N LEU B 496 -37.66 -3.15 -22.18
CA LEU B 496 -37.82 -4.50 -21.63
C LEU B 496 -39.23 -4.70 -21.00
N ALA B 497 -40.10 -3.68 -21.16
CA ALA B 497 -41.47 -3.70 -20.64
C ALA B 497 -41.48 -4.03 -19.16
N VAL B 498 -40.65 -3.35 -18.38
CA VAL B 498 -40.61 -3.61 -16.94
C VAL B 498 -41.48 -2.59 -16.25
N PRO B 499 -42.51 -3.07 -15.53
CA PRO B 499 -43.44 -2.12 -14.88
C PRO B 499 -42.72 -1.11 -13.99
N ALA B 500 -43.34 0.04 -13.77
CA ALA B 500 -42.76 1.08 -12.92
C ALA B 500 -42.56 0.63 -11.49
N ASP B 501 -43.36 -0.33 -11.03
CA ASP B 501 -43.30 -0.79 -9.63
C ASP B 501 -42.50 -2.10 -9.49
N LYS B 502 -41.68 -2.42 -10.48
CA LYS B 502 -40.82 -3.62 -10.43
C LYS B 502 -39.32 -3.23 -10.75
N ARG B 503 -38.92 -2.02 -10.31
CA ARG B 503 -37.59 -1.49 -10.59
C ARG B 503 -36.82 -1.12 -9.31
N GLN B 504 -37.07 -1.83 -8.19
CA GLN B 504 -36.23 -1.75 -7.01
C GLN B 504 -35.17 -2.84 -7.10
N PHE B 505 -34.13 -2.72 -6.29
CA PHE B 505 -33.08 -3.72 -6.27
C PHE B 505 -33.64 -5.07 -5.86
N ALA B 506 -34.64 -5.07 -4.99
CA ALA B 506 -35.35 -6.32 -4.60
C ALA B 506 -35.91 -7.05 -5.82
N ASP B 507 -36.22 -6.30 -6.88
CA ASP B 507 -36.81 -6.91 -8.05
C ASP B 507 -35.82 -7.67 -8.92
N VAL B 508 -34.51 -7.46 -8.68
CA VAL B 508 -33.49 -8.20 -9.42
C VAL B 508 -33.64 -9.69 -9.20
N LEU B 509 -33.71 -10.12 -7.94
CA LEU B 509 -33.99 -11.52 -7.59
C LEU B 509 -35.48 -11.90 -7.68
N ALA B 510 -36.36 -10.98 -7.32
CA ALA B 510 -37.79 -11.32 -7.14
C ALA B 510 -38.62 -11.36 -8.42
N SER B 511 -38.24 -10.58 -9.43
CA SER B 511 -39.15 -10.28 -10.56
C SER B 511 -38.64 -10.52 -11.99
N PRO B 512 -38.22 -11.77 -12.28
CA PRO B 512 -37.62 -12.06 -13.61
C PRO B 512 -38.60 -11.80 -14.75
N LEU B 513 -38.10 -11.58 -15.98
CA LEU B 513 -38.97 -11.47 -17.15
C LEU B 513 -39.81 -12.74 -17.34
N ALA B 514 -41.09 -12.56 -17.66
CA ALA B 514 -42.00 -13.66 -17.99
C ALA B 514 -42.13 -13.81 -19.52
N GLY B 515 -41.98 -15.06 -19.97
CA GLY B 515 -42.17 -15.38 -21.38
C GLY B 515 -43.56 -14.96 -21.80
N GLY B 516 -43.66 -14.40 -23.01
CA GLY B 516 -44.93 -13.96 -23.54
C GLY B 516 -45.15 -12.45 -23.55
N THR B 517 -44.41 -11.72 -22.70
CA THR B 517 -44.64 -10.28 -22.53
C THR B 517 -44.33 -9.51 -23.78
N ASP B 518 -45.20 -8.57 -24.11
CA ASP B 518 -45.02 -7.74 -25.29
C ASP B 518 -43.93 -6.73 -24.99
N LEU B 519 -43.07 -6.50 -25.98
CA LEU B 519 -41.97 -5.54 -25.89
C LEU B 519 -42.12 -4.56 -27.04
N PRO B 520 -42.04 -3.26 -26.71
CA PRO B 520 -42.07 -2.29 -27.78
C PRO B 520 -40.82 -2.35 -28.67
N ALA B 521 -40.96 -1.83 -29.88
CA ALA B 521 -39.86 -1.81 -30.84
C ALA B 521 -38.61 -1.12 -30.23
N PRO B 522 -37.47 -1.82 -30.23
CA PRO B 522 -36.27 -1.27 -29.60
C PRO B 522 -35.54 -0.15 -30.37
N GLN B 523 -35.47 1.06 -29.79
CA GLN B 523 -34.64 2.14 -30.29
C GLN B 523 -33.29 2.14 -29.52
N PRO B 524 -32.16 2.49 -30.17
CA PRO B 524 -30.91 2.56 -29.40
C PRO B 524 -30.97 3.52 -28.20
N VAL B 525 -30.42 3.09 -27.08
CA VAL B 525 -30.37 3.87 -25.84
C VAL B 525 -29.16 4.82 -25.83
N PHE B 526 -28.01 4.36 -26.32
CA PHE B 526 -26.76 5.12 -26.30
C PHE B 526 -26.20 5.29 -27.68
N PRO B 527 -26.65 6.32 -28.41
CA PRO B 527 -26.06 6.52 -29.73
C PRO B 527 -24.56 6.77 -29.67
N ARG B 528 -23.82 6.17 -30.58
CA ARG B 528 -22.40 6.42 -30.70
C ARG B 528 -22.10 7.93 -30.92
N TYR B 529 -20.97 8.42 -30.42
CA TYR B 529 -20.71 9.87 -30.42
C TYR B 529 -20.49 10.44 -31.84
N ARG C 24 4.01 2.71 14.23
CA ARG C 24 5.43 3.27 14.24
C ARG C 24 6.18 2.83 15.53
N GLU C 25 7.38 2.27 15.39
CA GLU C 25 8.22 1.84 16.52
C GLU C 25 8.60 3.05 17.40
N LYS C 26 8.56 2.86 18.73
CA LYS C 26 8.67 3.97 19.70
C LYS C 26 10.13 4.21 20.08
N TYR C 27 10.50 5.49 20.25
CA TYR C 27 11.85 5.89 20.62
C TYR C 27 11.86 7.07 21.60
N TYR C 28 12.39 6.84 22.81
CA TYR C 28 12.35 7.84 23.86
C TYR C 28 13.76 8.23 24.19
N ILE C 29 14.04 9.54 24.11
CA ILE C 29 15.34 10.09 24.43
C ILE C 29 15.27 11.33 25.36
N THR C 30 16.23 11.42 26.29
CA THR C 30 16.22 12.45 27.29
C THR C 30 17.60 13.13 27.37
N THR C 31 17.62 14.40 27.79
CA THR C 31 18.84 15.05 28.27
C THR C 31 18.88 15.02 29.80
N ALA C 32 20.06 15.20 30.38
CA ALA C 32 20.13 15.51 31.82
C ALA C 32 19.38 16.79 32.04
N ILE C 33 18.85 16.96 33.24
CA ILE C 33 18.14 18.17 33.59
C ILE C 33 19.08 19.04 34.42
N ALA C 34 19.40 20.21 33.89
CA ALA C 34 20.41 21.08 34.53
C ALA C 34 19.89 21.74 35.80
N TYR C 35 20.78 21.91 36.78
CA TYR C 35 20.51 22.82 37.89
C TYR C 35 20.46 24.22 37.32
N PRO C 36 19.36 24.96 37.55
CA PRO C 36 19.25 26.28 36.97
C PRO C 36 19.70 27.33 37.99
N ASN C 37 20.86 27.15 38.63
CA ASN C 37 21.28 28.11 39.66
C ASN C 37 22.11 29.26 39.12
N GLY C 38 22.42 29.22 37.82
CA GLY C 38 23.03 30.34 37.13
C GLY C 38 22.44 30.60 35.76
N LYS C 39 23.29 31.06 34.85
CA LYS C 39 22.89 31.30 33.46
C LYS C 39 23.25 30.02 32.69
N PRO C 40 22.56 29.74 31.58
CA PRO C 40 22.96 28.65 30.70
C PRO C 40 24.38 28.78 30.17
N HIS C 41 25.11 27.68 30.19
CA HIS C 41 26.47 27.61 29.66
C HIS C 41 26.47 26.73 28.43
N ILE C 42 27.59 26.70 27.73
CA ILE C 42 27.70 25.98 26.48
C ILE C 42 27.60 24.45 26.64
N GLY C 43 28.01 23.92 27.79
CA GLY C 43 27.80 22.50 28.10
C GLY C 43 26.33 22.12 27.94
N HIS C 44 25.45 22.94 28.50
CA HIS C 44 24.01 22.71 28.41
C HIS C 44 23.54 22.81 26.98
N ALA C 45 24.10 23.76 26.24
CA ALA C 45 23.74 23.96 24.86
C ALA C 45 24.14 22.73 24.05
N TYR C 46 25.35 22.26 24.31
CA TYR C 46 25.94 21.12 23.59
C TYR C 46 25.09 19.88 23.74
N GLU C 47 24.74 19.58 24.98
CA GLU C 47 23.93 18.44 25.30
C GLU C 47 22.58 18.52 24.60
N LEU C 48 22.00 19.70 24.59
CA LEU C 48 20.68 19.83 24.02
C LEU C 48 20.72 19.68 22.50
N ILE C 49 21.72 20.27 21.87
CA ILE C 49 21.86 20.18 20.43
C ILE C 49 22.03 18.72 20.01
N ALA C 50 22.92 18.01 20.68
CA ALA C 50 23.24 16.65 20.31
C ALA C 50 21.98 15.78 20.46
N THR C 51 21.27 15.98 21.55
CA THR C 51 20.09 15.16 21.83
C THR C 51 19.00 15.49 20.83
N ASP C 52 18.86 16.77 20.51
CA ASP C 52 17.92 17.19 19.46
C ASP C 52 18.23 16.52 18.14
N ALA C 53 19.50 16.53 17.75
CA ALA C 53 19.91 15.92 16.46
C ALA C 53 19.48 14.45 16.45
N MET C 54 19.75 13.74 17.52
CA MET C 54 19.44 12.31 17.58
C MET C 54 17.94 12.09 17.51
N ALA C 55 17.20 12.93 18.21
CA ALA C 55 15.73 12.86 18.21
C ALA C 55 15.15 13.10 16.80
N ARG C 56 15.65 14.14 16.13
CA ARG C 56 15.14 14.46 14.81
C ARG C 56 15.53 13.34 13.83
N PHE C 57 16.74 12.81 13.98
CA PHE C 57 17.20 11.78 13.10
C PHE C 57 16.23 10.58 13.16
N GLN C 58 15.93 10.10 14.35
CA GLN C 58 14.95 9.04 14.50
C GLN C 58 13.55 9.43 13.97
N ARG C 59 13.10 10.67 14.12
CA ARG C 59 11.78 11.01 13.52
C ARG C 59 11.79 10.74 12.02
N LEU C 60 12.82 11.28 11.36
CA LEU C 60 13.00 11.19 9.90
C LEU C 60 13.19 9.76 9.46
N ASN C 61 13.70 8.95 10.38
CA ASN C 61 13.92 7.54 10.14
C ASN C 61 12.66 6.71 10.39
N GLY C 62 11.53 7.39 10.66
CA GLY C 62 10.23 6.76 10.75
C GLY C 62 9.80 6.32 12.14
N MET C 63 10.45 6.78 13.21
CA MET C 63 10.08 6.36 14.58
C MET C 63 9.08 7.30 15.25
N ASP C 64 8.42 6.80 16.29
CA ASP C 64 7.54 7.60 17.10
C ASP C 64 8.36 8.03 18.28
N VAL C 65 8.73 9.30 18.28
CA VAL C 65 9.73 9.83 19.16
C VAL C 65 9.12 10.67 20.25
N TYR C 66 9.58 10.45 21.49
CA TYR C 66 9.35 11.39 22.57
C TYR C 66 10.69 11.91 23.10
N PHE C 67 10.84 13.23 23.18
CA PHE C 67 12.11 13.85 23.53
C PHE C 67 11.93 14.86 24.66
N LEU C 68 12.62 14.60 25.77
CA LEU C 68 12.48 15.34 26.99
C LEU C 68 13.76 16.09 27.31
N THR C 69 13.58 17.29 27.87
CA THR C 69 14.63 17.97 28.61
C THR C 69 13.94 18.69 29.74
N GLY C 70 14.68 19.46 30.55
CA GLY C 70 14.06 20.13 31.68
C GLY C 70 15.07 20.67 32.67
N THR C 71 14.60 21.00 33.87
CA THR C 71 15.48 21.48 34.92
C THR C 71 15.29 20.77 36.28
N ASP C 72 16.40 20.67 37.01
CA ASP C 72 16.49 20.08 38.35
C ASP C 72 16.56 21.21 39.39
N GLU C 73 15.48 21.47 40.11
CA GLU C 73 15.35 22.71 40.87
C GLU C 73 15.50 22.62 42.40
N HIS C 74 15.48 21.41 42.95
CA HIS C 74 15.76 21.23 44.37
C HIS C 74 17.25 21.14 44.62
N GLY C 75 17.64 20.85 45.85
CA GLY C 75 19.05 20.70 46.18
C GLY C 75 19.61 21.81 47.04
N ILE C 76 20.70 21.48 47.74
CA ILE C 76 21.39 22.40 48.65
C ILE C 76 22.07 23.52 47.86
N LYS C 77 22.53 23.21 46.64
CA LYS C 77 23.18 24.21 45.79
C LYS C 77 22.20 25.30 45.34
N MET C 78 20.92 24.93 45.17
CA MET C 78 19.89 25.91 44.83
C MET C 78 19.50 26.71 46.05
N LEU C 79 19.42 26.06 47.21
CA LEU C 79 19.05 26.73 48.48
C LEU C 79 20.04 27.85 48.76
N GLN C 80 21.32 27.52 48.64
CA GLN C 80 22.40 28.46 48.90
C GLN C 80 22.49 29.60 47.91
N SER C 81 22.18 29.33 46.65
CA SER C 81 22.12 30.40 45.68
C SER C 81 20.95 31.34 46.01
N ALA C 82 19.83 30.77 46.43
CA ALA C 82 18.66 31.55 46.82
C ALA C 82 18.97 32.46 48.03
N ARG C 83 19.71 31.94 49.02
CA ARG C 83 20.06 32.72 50.22
C ARG C 83 20.95 33.92 49.83
N LYS C 84 22.04 33.69 49.07
CA LYS C 84 22.91 34.79 48.60
C LYS C 84 22.07 35.89 47.94
N GLU C 85 21.23 35.54 46.98
CA GLU C 85 20.34 36.52 46.34
C GLU C 85 19.20 37.04 47.23
N GLY C 86 19.03 36.46 48.42
CA GLY C 86 17.98 36.90 49.36
C GLY C 86 16.55 36.70 48.89
N ILE C 87 16.30 35.63 48.14
CA ILE C 87 14.93 35.27 47.71
C ILE C 87 14.68 33.80 48.07
N THR C 88 13.48 33.33 47.77
CA THR C 88 13.15 31.94 48.01
C THR C 88 13.65 31.07 46.85
N PRO C 89 14.01 29.81 47.14
CA PRO C 89 14.41 28.91 46.06
C PRO C 89 13.35 28.73 44.95
N ARG C 90 12.05 28.76 45.28
CA ARG C 90 11.01 28.69 44.24
C ARG C 90 11.04 29.95 43.37
N ASP C 91 11.29 31.11 44.00
CA ASP C 91 11.41 32.37 43.28
C ASP C 91 12.59 32.28 42.30
N LEU C 92 13.77 31.85 42.80
CA LEU C 92 14.99 31.70 41.99
C LEU C 92 14.85 30.67 40.88
N ALA C 93 14.29 29.52 41.22
CA ALA C 93 13.98 28.48 40.24
C ALA C 93 13.11 29.03 39.11
N ASP C 94 11.99 29.67 39.45
CA ASP C 94 11.13 30.29 38.42
C ASP C 94 11.88 31.28 37.52
N ARG C 95 12.72 32.12 38.10
CA ARG C 95 13.42 33.16 37.35
C ARG C 95 14.49 32.59 36.40
N ASN C 96 15.41 31.81 36.95
CA ASN C 96 16.51 31.25 36.17
C ASN C 96 16.06 30.23 35.12
N THR C 97 14.94 29.56 35.36
CA THR C 97 14.45 28.55 34.43
C THR C 97 14.05 29.15 33.08
N SER C 98 13.51 30.36 33.08
CA SER C 98 13.08 31.00 31.85
C SER C 98 14.22 31.11 30.85
N ALA C 99 15.42 31.32 31.36
CA ALA C 99 16.62 31.44 30.55
C ALA C 99 16.96 30.10 29.89
N PHE C 100 16.82 29.02 30.65
CA PHE C 100 16.99 27.69 30.10
C PHE C 100 15.92 27.35 29.06
N ARG C 101 14.67 27.73 29.30
CA ARG C 101 13.61 27.50 28.30
C ARG C 101 13.88 28.34 27.06
N ARG C 102 14.39 29.55 27.26
CA ARG C 102 14.68 30.41 26.13
C ARG C 102 15.85 29.82 25.33
N MET C 103 16.78 29.18 26.03
CA MET C 103 17.92 28.59 25.33
C MET C 103 17.38 27.51 24.39
N ALA C 104 16.47 26.70 24.91
CA ALA C 104 15.90 25.65 24.10
C ALA C 104 15.25 26.23 22.84
N GLU C 105 14.49 27.33 22.97
CA GLU C 105 13.88 27.92 21.77
C GLU C 105 14.99 28.41 20.78
N VAL C 106 16.03 29.06 21.28
CA VAL C 106 17.08 29.65 20.42
C VAL C 106 17.90 28.58 19.70
N LEU C 107 18.15 27.45 20.37
CA LEU C 107 18.87 26.33 19.74
C LEU C 107 17.97 25.44 18.86
N ASN C 108 16.72 25.84 18.67
CA ASN C 108 15.76 25.10 17.83
C ASN C 108 15.53 23.66 18.30
N SER C 109 15.26 23.52 19.60
CA SER C 109 15.06 22.21 20.19
C SER C 109 13.66 21.68 19.89
N SER C 110 13.58 20.40 19.50
CA SER C 110 12.30 19.76 19.11
C SER C 110 11.71 18.92 20.25
N ASN C 111 12.08 19.20 21.49
CA ASN C 111 11.54 18.46 22.63
C ASN C 111 10.05 18.55 22.71
N ASP C 112 9.44 17.44 23.13
CA ASP C 112 7.98 17.25 23.15
C ASP C 112 7.35 17.67 24.49
N ASP C 113 8.18 17.84 25.52
CA ASP C 113 7.74 18.20 26.87
C ASP C 113 8.94 18.86 27.53
N TYR C 114 8.68 19.61 28.61
CA TYR C 114 9.74 20.28 29.37
C TYR C 114 9.42 20.02 30.81
N ILE C 115 10.33 19.40 31.55
CA ILE C 115 10.04 19.00 32.91
C ILE C 115 10.72 19.94 33.88
N ARG C 116 10.03 20.30 34.94
CA ARG C 116 10.61 21.07 36.05
C ARG C 116 10.29 20.32 37.32
N THR C 117 11.29 20.05 38.15
CA THR C 117 11.04 19.15 39.27
C THR C 117 10.27 19.79 40.40
N SER C 118 9.86 21.04 40.23
CA SER C 118 9.00 21.73 41.19
C SER C 118 7.52 21.46 40.90
N GLU C 119 7.22 20.88 39.75
CA GLU C 119 5.82 20.60 39.35
C GLU C 119 5.17 19.55 40.26
N GLU C 120 3.85 19.60 40.40
CA GLU C 120 3.13 18.63 41.25
C GLU C 120 3.22 17.19 40.70
N ARG C 121 3.16 17.02 39.38
CA ARG C 121 3.29 15.68 38.82
C ARG C 121 4.59 14.99 39.28
N HIS C 122 5.67 15.75 39.46
CA HIS C 122 6.97 15.20 39.89
C HIS C 122 7.03 14.87 41.36
N TYR C 123 6.39 15.72 42.16
CA TYR C 123 6.26 15.50 43.58
C TYR C 123 5.58 14.14 43.79
N LYS C 124 4.51 13.89 43.04
CA LYS C 124 3.75 12.64 43.15
C LYS C 124 4.55 11.42 42.63
N ALA C 125 5.15 11.60 41.46
CA ALA C 125 5.99 10.61 40.85
C ALA C 125 7.12 10.16 41.79
N SER C 126 7.81 11.13 42.38
CA SER C 126 8.93 10.85 43.28
C SER C 126 8.45 10.11 44.53
N GLN C 127 7.34 10.54 45.09
CA GLN C 127 6.80 9.84 46.25
C GLN C 127 6.32 8.43 45.89
N ALA C 128 5.85 8.23 44.67
CA ALA C 128 5.42 6.89 44.29
C ALA C 128 6.63 5.97 44.15
N ILE C 129 7.69 6.43 43.47
CA ILE C 129 8.83 5.55 43.26
C ILE C 129 9.43 5.18 44.63
N TRP C 130 9.39 6.15 45.54
CA TRP C 130 9.86 5.95 46.90
C TRP C 130 9.07 4.87 47.58
N GLN C 131 7.75 4.96 47.50
CA GLN C 131 6.91 3.96 48.13
C GLN C 131 7.14 2.58 47.51
N ALA C 132 7.42 2.54 46.22
CA ALA C 132 7.66 1.29 45.52
C ALA C 132 8.92 0.61 46.08
N MET C 133 9.95 1.40 46.36
CA MET C 133 11.21 0.83 46.88
C MET C 133 11.01 0.35 48.34
N VAL C 134 10.17 1.04 49.09
CA VAL C 134 9.87 0.66 50.45
C VAL C 134 9.13 -0.65 50.37
N ALA C 135 8.15 -0.73 49.48
CA ALA C 135 7.37 -1.95 49.30
C ALA C 135 8.25 -3.17 48.91
N ASN C 136 9.38 -2.93 48.21
CA ASN C 136 10.32 -4.00 47.85
C ASN C 136 11.34 -4.33 48.94
N GLY C 137 11.27 -3.63 50.06
CA GLY C 137 12.21 -3.83 51.20
C GLY C 137 13.58 -3.19 51.09
N ASP C 138 13.72 -2.23 50.17
CA ASP C 138 15.03 -1.68 49.88
C ASP C 138 15.34 -0.38 50.62
N ILE C 139 14.50 0.03 51.55
CA ILE C 139 14.67 1.33 52.23
C ILE C 139 14.49 1.23 53.74
N TYR C 140 15.42 1.80 54.49
CA TYR C 140 15.33 1.79 55.95
C TYR C 140 15.88 3.10 56.55
N LYS C 141 15.49 3.41 57.79
CA LYS C 141 16.02 4.57 58.51
C LYS C 141 17.18 4.05 59.35
N GLY C 142 18.30 4.75 59.29
CA GLY C 142 19.50 4.35 60.01
C GLY C 142 20.26 5.63 60.30
N GLY C 143 21.58 5.51 60.48
CA GLY C 143 22.38 6.61 61.00
C GLY C 143 23.71 6.80 60.28
N TYR C 144 23.88 7.99 59.70
CA TYR C 144 25.13 8.37 59.04
C TYR C 144 25.95 9.08 60.12
N ALA C 145 27.20 8.65 60.27
CA ALA C 145 28.11 9.30 61.19
C ALA C 145 29.47 9.39 60.48
N GLY C 146 29.75 10.54 59.86
CA GLY C 146 30.99 10.72 59.08
C GLY C 146 31.28 12.15 58.64
N TRP C 147 32.44 12.36 58.03
CA TRP C 147 32.83 13.69 57.59
C TRP C 147 31.99 14.14 56.41
N TYR C 148 31.59 15.40 56.39
CA TYR C 148 31.16 16.08 55.15
C TYR C 148 32.09 17.29 55.03
N SER C 149 31.87 18.11 54.00
CA SER C 149 32.61 19.39 53.89
C SER C 149 31.77 20.51 53.22
N VAL C 150 32.43 21.56 52.77
CA VAL C 150 31.75 22.78 52.32
C VAL C 150 32.57 23.44 51.22
N GLU C 178 35.10 18.51 58.96
CA GLU C 178 33.84 18.60 59.69
C GLU C 178 33.36 17.20 60.10
N TRP C 179 32.27 17.16 60.85
CA TRP C 179 31.68 15.92 61.30
C TRP C 179 30.19 16.08 61.46
N VAL C 180 29.44 15.06 61.02
CA VAL C 180 27.97 15.09 61.00
C VAL C 180 27.43 13.74 61.48
N GLU C 181 26.40 13.79 62.32
CA GLU C 181 25.58 12.64 62.61
C GLU C 181 24.20 13.09 62.26
N GLU C 182 23.58 12.41 61.31
CA GLU C 182 22.17 12.57 61.09
C GLU C 182 21.54 11.20 61.12
N GLU C 183 20.29 11.16 61.51
CA GLU C 183 19.43 10.05 61.13
C GLU C 183 19.15 10.26 59.64
N SER C 184 19.13 9.16 58.87
CA SER C 184 19.06 9.27 57.44
C SER C 184 18.39 8.01 56.88
N TYR C 185 17.53 8.19 55.89
CA TYR C 185 17.04 7.05 55.16
C TYR C 185 18.14 6.50 54.22
N PHE C 186 18.16 5.19 54.04
CA PHE C 186 19.11 4.56 53.15
C PHE C 186 18.40 3.66 52.13
N PHE C 187 19.02 3.53 50.97
CA PHE C 187 18.62 2.56 49.95
C PHE C 187 19.61 1.41 50.02
N ARG C 188 19.12 0.18 49.91
CA ARG C 188 19.99 -1.00 50.05
C ARG C 188 20.79 -1.27 48.76
N LEU C 189 21.61 -0.32 48.37
CA LEU C 189 22.39 -0.45 47.13
C LEU C 189 23.31 -1.69 47.21
N SER C 190 23.68 -2.08 48.42
CA SER C 190 24.51 -3.27 48.59
C SER C 190 23.79 -4.52 48.04
N ALA C 191 22.46 -4.53 48.04
CA ALA C 191 21.67 -5.66 47.51
C ALA C 191 21.72 -5.78 45.98
N TYR C 192 22.30 -4.79 45.29
CA TYR C 192 22.25 -4.76 43.83
C TYR C 192 23.60 -4.90 43.13
N GLN C 193 24.68 -5.07 43.87
CA GLN C 193 26.00 -5.23 43.26
C GLN C 193 25.97 -6.27 42.15
N ASP C 194 25.49 -7.47 42.48
CA ASP C 194 25.54 -8.58 41.54
C ASP C 194 24.59 -8.39 40.36
N LYS C 195 23.38 -7.90 40.63
CA LYS C 195 22.41 -7.66 39.54
C LYS C 195 22.87 -6.59 38.57
N LEU C 196 23.60 -5.61 39.09
CA LEU C 196 24.20 -4.59 38.24
C LEU C 196 25.34 -5.16 37.38
N LEU C 197 26.26 -5.92 37.97
CA LEU C 197 27.31 -6.56 37.18
C LEU C 197 26.73 -7.46 36.07
N ASP C 198 25.64 -8.18 36.33
CA ASP C 198 24.99 -8.98 35.26
C ASP C 198 24.48 -8.07 34.16
N LEU C 199 23.84 -6.97 34.56
CA LEU C 199 23.33 -6.01 33.59
C LEU C 199 24.47 -5.56 32.65
N TYR C 200 25.62 -5.21 33.21
CA TYR C 200 26.78 -4.80 32.39
C TYR C 200 27.32 -5.93 31.48
N GLU C 201 27.34 -7.18 31.94
CA GLU C 201 27.75 -8.30 31.07
C GLU C 201 26.72 -8.52 29.96
N ASN C 202 25.44 -8.55 30.29
CA ASN C 202 24.41 -8.92 29.32
C ASN C 202 24.01 -7.82 28.35
N ASN C 203 24.32 -6.57 28.70
CA ASN C 203 24.03 -5.42 27.83
CA ASN C 203 24.04 -5.45 27.85
C ASN C 203 25.31 -4.61 27.73
N PRO C 204 26.18 -4.97 26.78
CA PRO C 204 27.48 -4.27 26.71
C PRO C 204 27.42 -2.78 26.31
N GLY C 205 26.27 -2.34 25.81
CA GLY C 205 26.07 -0.94 25.43
C GLY C 205 25.25 -0.14 26.43
N PHE C 206 25.09 -0.66 27.65
CA PHE C 206 24.25 0.01 28.64
C PHE C 206 24.81 1.36 29.04
N ILE C 207 26.12 1.41 29.28
CA ILE C 207 26.78 2.67 29.61
C ILE C 207 27.94 2.88 28.66
N MET C 208 27.90 3.99 27.93
CA MET C 208 28.90 4.24 26.88
C MET C 208 29.32 5.70 26.89
N PRO C 209 30.48 6.01 26.30
CA PRO C 209 31.42 5.12 25.61
C PRO C 209 32.28 4.27 26.54
N ALA C 210 33.16 3.48 25.94
CA ALA C 210 33.98 2.49 26.66
C ALA C 210 34.68 3.02 27.92
N GLU C 211 35.27 4.22 27.85
CA GLU C 211 36.02 4.79 28.98
C GLU C 211 35.07 4.87 30.18
N ARG C 212 33.80 5.21 29.91
CA ARG C 212 32.76 5.27 30.96
C ARG C 212 32.38 3.90 31.47
N ARG C 213 32.18 2.96 30.56
CA ARG C 213 31.88 1.57 30.92
C ARG C 213 32.85 1.06 31.97
N ASN C 214 34.14 1.26 31.71
CA ASN C 214 35.20 0.74 32.61
C ASN C 214 35.19 1.45 33.96
N GLU C 215 35.03 2.77 33.99
CA GLU C 215 34.91 3.46 35.27
C GLU C 215 33.82 2.78 36.09
N ILE C 216 32.65 2.61 35.49
CA ILE C 216 31.47 2.10 36.21
C ILE C 216 31.62 0.64 36.63
N VAL C 217 32.03 -0.21 35.69
CA VAL C 217 32.20 -1.63 36.00
C VAL C 217 33.17 -1.81 37.16
N SER C 218 34.29 -1.11 37.08
CA SER C 218 35.33 -1.18 38.10
C SER C 218 34.81 -0.67 39.43
N PHE C 219 34.08 0.43 39.38
CA PHE C 219 33.53 0.98 40.60
C PHE C 219 32.60 -0.03 41.27
N VAL C 220 31.72 -0.65 40.50
CA VAL C 220 30.77 -1.64 41.08
C VAL C 220 31.45 -2.95 41.53
N LYS C 221 32.47 -3.41 40.79
CA LYS C 221 33.22 -4.65 41.14
C LYS C 221 33.91 -4.50 42.53
N SER C 222 34.34 -3.29 42.86
CA SER C 222 35.08 -3.06 44.09
C SER C 222 34.18 -2.84 45.32
N GLY C 223 32.87 -2.98 45.14
CA GLY C 223 31.95 -3.08 46.29
C GLY C 223 31.05 -1.86 46.46
N LEU C 224 29.79 -2.10 46.81
CA LEU C 224 28.76 -1.06 46.89
C LEU C 224 28.21 -1.00 48.29
N LYS C 225 28.20 0.20 48.85
CA LYS C 225 27.68 0.43 50.19
C LYS C 225 26.27 1.01 50.05
N ASP C 226 25.39 0.71 50.99
CA ASP C 226 24.08 1.31 51.02
C ASP C 226 24.18 2.84 50.90
N LEU C 227 23.19 3.44 50.25
CA LEU C 227 23.26 4.84 49.84
C LEU C 227 22.26 5.69 50.60
N SER C 228 22.75 6.82 51.13
CA SER C 228 21.91 7.74 51.90
C SER C 228 21.03 8.51 50.95
N ILE C 229 19.74 8.52 51.21
CA ILE C 229 18.78 9.10 50.27
C ILE C 229 17.82 10.10 50.93
N SER C 230 18.15 10.60 52.10
CA SER C 230 17.35 11.67 52.70
C SER C 230 18.23 12.71 53.37
N ARG C 231 17.73 13.94 53.45
CA ARG C 231 18.40 15.03 54.14
C ARG C 231 17.45 15.61 55.14
N THR C 232 18.02 16.25 56.16
CA THR C 232 17.23 16.80 57.25
C THR C 232 17.61 18.23 57.63
N THR C 233 18.82 18.66 57.25
CA THR C 233 19.31 20.03 57.52
C THR C 233 18.43 21.10 56.84
N PHE C 234 17.80 20.78 55.70
CA PHE C 234 16.98 21.75 54.95
C PHE C 234 15.58 21.26 54.58
N ASP C 235 14.77 22.20 54.06
CA ASP C 235 13.37 21.98 53.67
C ASP C 235 13.09 22.56 52.27
N TRP C 236 13.90 22.13 51.30
CA TRP C 236 13.66 22.45 49.89
C TRP C 236 13.97 21.23 49.11
N GLY C 237 12.92 20.46 48.87
CA GLY C 237 13.04 19.14 48.32
C GLY C 237 11.71 18.44 48.47
N ILE C 238 11.65 17.19 48.07
CA ILE C 238 10.40 16.48 48.17
C ILE C 238 10.36 15.77 49.53
N PRO C 239 9.27 16.00 50.30
CA PRO C 239 9.26 15.35 51.61
C PRO C 239 9.16 13.83 51.44
N VAL C 240 9.90 13.14 52.29
CA VAL C 240 9.83 11.70 52.36
C VAL C 240 8.41 11.35 52.80
N PRO C 241 7.64 10.61 51.98
CA PRO C 241 6.27 10.32 52.43
C PRO C 241 6.21 9.65 53.80
N GLY C 242 5.34 10.15 54.67
CA GLY C 242 5.18 9.59 56.01
C GLY C 242 6.17 10.07 57.04
N ASP C 243 7.12 10.95 56.66
CA ASP C 243 8.11 11.49 57.60
C ASP C 243 8.64 12.85 57.11
N GLU C 244 7.78 13.87 57.18
CA GLU C 244 8.05 15.18 56.59
C GLU C 244 9.25 15.96 57.19
N LYS C 245 9.74 15.57 58.36
CA LYS C 245 11.01 16.14 58.89
C LYS C 245 12.20 15.83 57.94
N HIS C 246 12.02 14.92 56.97
CA HIS C 246 13.06 14.57 56.01
C HIS C 246 12.67 14.97 54.62
N VAL C 247 13.66 15.24 53.79
CA VAL C 247 13.44 15.41 52.35
C VAL C 247 14.33 14.46 51.54
N MET C 248 13.86 14.13 50.34
CA MET C 248 14.57 13.19 49.49
C MET C 248 15.82 13.85 48.97
N TYR C 249 16.93 13.11 49.06
CA TYR C 249 18.19 13.45 48.41
C TYR C 249 17.88 13.89 46.99
N VAL C 250 18.55 14.93 46.54
CA VAL C 250 18.19 15.56 45.26
C VAL C 250 18.27 14.62 44.03
N TRP C 251 19.15 13.62 44.08
CA TRP C 251 19.32 12.69 42.98
C TRP C 251 18.18 11.71 42.82
N VAL C 252 17.57 11.27 43.91
CA VAL C 252 16.46 10.30 43.82
C VAL C 252 15.32 10.99 43.07
N ASP C 253 14.97 12.16 43.59
CA ASP C 253 14.12 13.16 42.97
C ASP C 253 14.52 13.40 41.50
N ALA C 254 15.76 13.84 41.26
CA ALA C 254 16.17 14.21 39.89
C ALA C 254 15.96 13.11 38.86
N LEU C 255 16.42 11.91 39.20
CA LEU C 255 16.40 10.81 38.24
C LEU C 255 14.96 10.46 37.84
N THR C 256 14.05 10.55 38.80
CA THR C 256 12.65 10.26 38.53
C THR C 256 12.01 11.15 37.47
N ASN C 257 12.65 12.28 37.14
CA ASN C 257 12.16 13.16 36.09
C ASN C 257 11.85 12.32 34.84
N TYR C 258 12.74 11.38 34.53
CA TYR C 258 12.60 10.64 33.27
C TYR C 258 11.30 9.80 33.16
N ILE C 259 10.77 9.33 34.29
CA ILE C 259 9.49 8.61 34.30
C ILE C 259 8.31 9.52 34.69
N THR C 260 8.55 10.58 35.49
CA THR C 260 7.52 11.62 35.65
C THR C 260 6.92 12.06 34.29
N ALA C 261 7.79 12.36 33.33
CA ALA C 261 7.36 12.91 32.06
C ALA C 261 6.43 11.98 31.26
N LEU C 262 6.36 10.71 31.66
CA LEU C 262 5.53 9.71 30.96
C LEU C 262 4.23 9.37 31.71
N GLY C 263 3.98 10.07 32.82
CA GLY C 263 2.77 9.89 33.60
C GLY C 263 2.88 8.99 34.83
N TYR C 264 4.09 8.59 35.20
CA TYR C 264 4.29 7.75 36.38
C TYR C 264 3.69 8.43 37.60
N PRO C 265 3.02 7.68 38.48
CA PRO C 265 2.80 6.24 38.52
C PRO C 265 1.63 5.68 37.72
N ASP C 266 0.96 6.49 36.90
CA ASP C 266 -0.17 5.97 36.12
C ASP C 266 0.41 5.21 34.96
N THR C 267 0.51 3.89 35.08
CA THR C 267 1.06 3.06 34.02
C THR C 267 0.06 2.82 32.88
N THR C 268 -1.13 3.41 32.96
CA THR C 268 -2.09 3.33 31.83
C THR C 268 -2.05 4.58 30.96
N ASP C 269 -1.39 5.63 31.44
CA ASP C 269 -1.10 6.81 30.60
C ASP C 269 -0.59 6.36 29.25
N GLU C 270 -1.06 7.00 28.18
CA GLU C 270 -0.66 6.59 26.82
C GLU C 270 0.84 6.80 26.59
N ARG C 271 1.47 7.70 27.34
CA ARG C 271 2.90 7.99 27.17
C ARG C 271 3.78 6.91 27.78
N TRP C 272 3.20 6.11 28.67
CA TRP C 272 3.97 5.17 29.45
C TRP C 272 4.63 4.15 28.59
N ALA C 273 4.06 3.88 27.42
CA ALA C 273 4.68 2.90 26.50
C ALA C 273 6.05 3.36 25.96
N TYR C 274 6.35 4.66 26.08
CA TYR C 274 7.67 5.16 25.72
C TYR C 274 8.77 4.61 26.67
N TRP C 275 8.40 4.28 27.91
CA TRP C 275 9.33 3.65 28.84
C TRP C 275 9.55 2.21 28.49
N PRO C 276 10.80 1.70 28.56
CA PRO C 276 12.09 2.29 29.00
C PRO C 276 12.76 3.15 27.96
N ALA C 277 13.54 4.13 28.40
CA ALA C 277 14.19 5.05 27.48
C ALA C 277 15.15 4.27 26.64
N ASN C 278 15.24 4.68 25.37
CA ASN C 278 16.22 4.16 24.46
C ASN C 278 17.60 4.75 24.70
N ALA C 279 17.65 6.02 25.14
CA ALA C 279 18.93 6.65 25.47
C ALA C 279 18.78 7.82 26.42
N HIS C 280 19.57 7.81 27.50
CA HIS C 280 19.73 8.95 28.35
C HIS C 280 21.02 9.59 27.96
N ILE C 281 20.96 10.80 27.41
CA ILE C 281 22.17 11.56 27.13
C ILE C 281 22.49 12.45 28.32
N ILE C 282 23.74 12.36 28.76
CA ILE C 282 24.22 12.95 30.00
C ILE C 282 25.68 13.38 29.81
N GLY C 283 26.22 14.13 30.76
CA GLY C 283 27.66 14.49 30.75
C GLY C 283 28.42 13.51 31.60
N LYS C 284 29.72 13.36 31.38
CA LYS C 284 30.48 12.28 32.06
C LYS C 284 30.63 12.41 33.58
N ASP C 285 30.47 13.62 34.10
CA ASP C 285 30.54 13.86 35.54
C ASP C 285 29.39 13.23 36.32
N ILE C 286 28.34 12.77 35.64
CA ILE C 286 27.17 12.23 36.34
C ILE C 286 26.79 10.82 35.90
N SER C 287 27.78 10.08 35.40
CA SER C 287 27.61 8.69 35.02
C SER C 287 27.14 7.77 36.13
N ARG C 288 27.74 7.91 37.31
CA ARG C 288 27.44 7.01 38.41
C ARG C 288 25.99 7.01 38.77
N PHE C 289 25.40 8.19 38.77
CA PHE C 289 24.02 8.35 39.17
C PHE C 289 23.12 7.62 38.20
N HIS C 290 23.50 7.62 36.92
CA HIS C 290 22.64 7.08 35.86
C HIS C 290 22.87 5.65 35.56
N ALA C 291 24.10 5.19 35.78
CA ALA C 291 24.48 3.83 35.42
C ALA C 291 24.60 2.91 36.66
N VAL C 292 24.56 3.47 37.87
CA VAL C 292 24.59 2.64 39.08
C VAL C 292 23.34 2.87 39.92
N TYR C 293 23.14 4.09 40.38
CA TYR C 293 22.00 4.38 41.24
C TYR C 293 20.69 4.17 40.51
N TRP C 294 20.56 4.75 39.32
CA TRP C 294 19.27 4.71 38.59
C TRP C 294 18.79 3.30 38.30
N PRO C 295 19.62 2.47 37.66
CA PRO C 295 19.12 1.12 37.43
C PRO C 295 18.77 0.37 38.73
N ALA C 296 19.54 0.59 39.79
CA ALA C 296 19.25 -0.08 41.06
C ALA C 296 17.85 0.30 41.52
N PHE C 297 17.56 1.58 41.47
CA PHE C 297 16.24 2.09 41.86
C PHE C 297 15.17 1.48 40.98
N LEU C 298 15.39 1.46 39.68
CA LEU C 298 14.36 0.94 38.78
C LEU C 298 14.09 -0.55 39.03
N MET C 299 15.16 -1.35 39.20
CA MET C 299 15.04 -2.77 39.55
C MET C 299 14.20 -2.92 40.84
N SER C 300 14.56 -2.17 41.87
CA SER C 300 13.81 -2.14 43.12
C SER C 300 12.33 -1.83 42.89
N ALA C 301 12.03 -0.81 42.08
CA ALA C 301 10.65 -0.36 41.89
C ALA C 301 9.95 -1.19 40.84
N GLN C 302 10.62 -2.24 40.38
CA GLN C 302 10.05 -3.26 39.48
C GLN C 302 9.84 -2.74 38.05
N LEU C 303 10.72 -1.85 37.61
CA LEU C 303 10.56 -1.22 36.29
C LEU C 303 11.68 -1.62 35.35
N PRO C 304 11.40 -1.61 34.05
CA PRO C 304 12.47 -1.97 33.12
C PRO C 304 13.54 -0.88 33.02
N LEU C 305 14.73 -1.27 32.59
CA LEU C 305 15.83 -0.39 32.56
C LEU C 305 16.06 0.25 31.19
N PRO C 306 16.63 1.43 31.17
CA PRO C 306 16.90 2.04 29.91
C PRO C 306 17.88 1.20 29.10
N LYS C 307 17.76 1.27 27.77
CA LYS C 307 18.63 0.48 26.89
C LYS C 307 20.08 0.99 26.85
N ARG C 308 20.26 2.31 26.99
CA ARG C 308 21.58 2.94 26.95
C ARG C 308 21.65 4.26 27.69
N VAL C 309 22.76 4.48 28.40
CA VAL C 309 23.10 5.77 28.93
C VAL C 309 24.37 6.17 28.21
N PHE C 310 24.38 7.35 27.58
CA PHE C 310 25.57 7.79 26.87
C PHE C 310 26.05 9.15 27.36
N ALA C 311 27.33 9.22 27.72
CA ALA C 311 27.97 10.41 28.33
C ALA C 311 28.88 11.14 27.33
N HIS C 312 28.55 12.38 27.05
CA HIS C 312 29.39 13.21 26.25
C HIS C 312 30.47 13.80 27.11
N GLY C 313 31.52 14.29 26.46
CA GLY C 313 32.61 14.99 27.12
C GLY C 313 32.37 16.49 27.26
N PHE C 314 33.41 17.20 27.65
CA PHE C 314 33.27 18.60 27.94
C PHE C 314 33.94 19.43 26.90
N LEU C 315 33.48 20.68 26.79
CA LEU C 315 33.99 21.61 25.80
C LEU C 315 34.87 22.69 26.43
N PHE C 316 35.90 23.10 25.72
CA PHE C 316 36.86 24.06 26.24
C PHE C 316 37.16 25.13 25.20
N ASN C 317 37.42 26.35 25.67
CA ASN C 317 37.96 27.45 24.84
C ASN C 317 39.50 27.37 24.62
N ARG C 318 39.96 27.31 23.37
CA ARG C 318 41.41 27.28 23.07
C ARG C 318 41.76 28.05 21.78
N ILE C 330 32.04 31.80 25.79
CA ILE C 330 31.43 31.37 27.07
C ILE C 330 29.89 31.19 27.04
N ASP C 331 29.18 32.14 26.41
CA ASP C 331 27.71 32.23 26.48
C ASP C 331 27.01 31.72 25.21
N PRO C 332 26.13 30.70 25.34
CA PRO C 332 25.53 30.13 24.14
C PRO C 332 24.73 31.10 23.28
N PHE C 333 24.06 32.07 23.89
CA PHE C 333 23.25 33.02 23.13
C PHE C 333 24.11 33.87 22.19
N GLU C 334 25.27 34.31 22.70
CA GLU C 334 26.21 35.15 21.93
C GLU C 334 26.81 34.34 20.80
N LEU C 335 27.23 33.11 21.11
CA LEU C 335 27.76 32.22 20.08
C LEU C 335 26.77 32.04 18.90
N VAL C 336 25.51 31.80 19.21
CA VAL C 336 24.48 31.73 18.16
C VAL C 336 24.39 33.04 17.36
N GLU C 337 24.45 34.15 18.06
CA GLU C 337 24.37 35.46 17.42
C GLU C 337 25.58 35.69 16.50
N ARG C 338 26.80 35.45 17.02
CA ARG C 338 28.04 35.69 16.26
C ARG C 338 28.11 34.80 15.04
N TYR C 339 27.82 33.50 15.18
CA TYR C 339 28.10 32.52 14.12
C TYR C 339 26.92 32.00 13.31
N GLY C 340 25.71 32.16 13.83
CA GLY C 340 24.52 31.48 13.28
C GLY C 340 24.28 30.14 13.96
N LEU C 341 23.02 29.84 14.24
CA LEU C 341 22.66 28.61 14.96
C LEU C 341 23.22 27.36 14.26
N ASP C 342 22.87 27.20 13.00
CA ASP C 342 23.23 25.97 12.25
C ASP C 342 24.72 25.81 12.12
N GLN C 343 25.43 26.93 12.01
CA GLN C 343 26.89 26.90 11.96
C GLN C 343 27.41 26.31 13.25
N LEU C 344 26.85 26.73 14.37
CA LEU C 344 27.31 26.27 15.69
C LEU C 344 26.97 24.79 15.90
N ARG C 345 25.75 24.42 15.51
CA ARG C 345 25.31 23.03 15.61
C ARG C 345 26.24 22.12 14.84
N TYR C 346 26.53 22.51 13.60
CA TYR C 346 27.37 21.70 12.75
C TYR C 346 28.75 21.57 13.38
N PHE C 347 29.32 22.71 13.78
CA PHE C 347 30.67 22.71 14.31
C PHE C 347 30.81 21.75 15.48
N LEU C 348 29.99 21.96 16.51
CA LEU C 348 30.04 21.17 17.73
C LEU C 348 29.87 19.68 17.46
N MET C 349 29.04 19.32 16.48
CA MET C 349 28.71 17.92 16.26
C MET C 349 29.68 17.24 15.33
N ARG C 350 30.34 18.04 14.48
CA ARG C 350 31.31 17.50 13.53
C ARG C 350 32.74 17.43 14.10
N GLU C 351 33.17 18.50 14.77
CA GLU C 351 34.57 18.67 15.09
C GLU C 351 34.98 17.91 16.34
N VAL C 352 34.02 17.52 17.18
CA VAL C 352 34.33 16.72 18.36
C VAL C 352 33.71 15.30 18.31
N PRO C 353 34.52 14.25 18.46
CA PRO C 353 33.90 12.93 18.51
C PRO C 353 33.03 12.82 19.72
N PHE C 354 31.75 12.45 19.53
CA PHE C 354 30.78 12.46 20.62
C PHE C 354 31.19 11.43 21.67
N GLY C 355 31.40 11.93 22.89
CA GLY C 355 32.00 11.14 23.95
C GLY C 355 33.34 11.70 24.39
N GLN C 356 34.13 12.22 23.45
CA GLN C 356 35.45 12.78 23.81
C GLN C 356 35.32 14.25 24.21
N ASP C 357 36.35 14.77 24.88
CA ASP C 357 36.41 16.19 25.18
C ASP C 357 36.87 16.90 23.92
N GLY C 358 36.61 18.19 23.83
CA GLY C 358 36.99 18.94 22.65
C GLY C 358 37.15 20.42 22.86
N SER C 359 37.69 21.06 21.83
CA SER C 359 38.02 22.46 21.88
C SER C 359 37.17 23.21 20.89
N TYR C 360 36.85 24.45 21.21
CA TYR C 360 36.35 25.35 20.21
C TYR C 360 37.06 26.69 20.35
N SER C 361 37.28 27.34 19.22
CA SER C 361 37.83 28.68 19.16
C SER C 361 37.20 29.42 17.99
N HIS C 362 37.27 30.73 18.05
CA HIS C 362 36.82 31.57 16.97
C HIS C 362 37.35 31.11 15.62
N GLU C 363 38.66 30.90 15.52
CA GLU C 363 39.28 30.54 14.23
C GLU C 363 38.82 29.15 13.75
N ALA C 364 38.70 28.19 14.66
CA ALA C 364 38.22 26.85 14.30
C ALA C 364 36.79 26.90 13.72
N ILE C 365 35.88 27.61 14.39
CA ILE C 365 34.47 27.70 13.96
C ILE C 365 34.32 28.41 12.64
N VAL C 366 35.03 29.54 12.47
CA VAL C 366 35.00 30.29 11.22
C VAL C 366 35.49 29.41 10.08
N ASN C 367 36.64 28.80 10.26
CA ASN C 367 37.28 28.09 9.16
C ASN C 367 36.52 26.83 8.80
N ARG C 368 36.19 26.01 9.78
CA ARG C 368 35.49 24.80 9.49
C ARG C 368 34.09 25.04 8.91
N THR C 369 33.36 26.05 9.40
CA THR C 369 32.02 26.31 8.84
C THR C 369 32.06 27.03 7.48
N ASN C 370 33.06 27.88 7.28
CA ASN C 370 33.31 28.41 5.94
C ASN C 370 33.66 27.30 4.94
N ALA C 371 34.47 26.34 5.37
CA ALA C 371 34.97 25.34 4.42
C ALA C 371 33.90 24.32 4.06
N ASP C 372 33.16 23.85 5.05
CA ASP C 372 32.23 22.74 4.85
C ASP C 372 30.84 23.21 4.44
N LEU C 373 30.35 24.27 5.08
CA LEU C 373 29.01 24.75 4.83
C LEU C 373 28.97 25.82 3.72
N ALA C 374 29.69 26.91 3.94
CA ALA C 374 29.61 28.06 3.08
C ALA C 374 30.16 27.73 1.70
N ASN C 375 31.33 27.13 1.70
CA ASN C 375 32.00 26.85 0.46
C ASN C 375 31.58 25.51 -0.18
N ASP C 376 31.84 24.40 0.50
CA ASP C 376 31.59 23.05 -0.05
C ASP C 376 30.16 22.73 -0.40
N LEU C 377 29.25 22.93 0.55
CA LEU C 377 27.84 22.64 0.32
C LEU C 377 27.12 23.80 -0.35
N GLY C 378 27.19 24.96 0.28
CA GLY C 378 26.39 26.12 -0.12
C GLY C 378 26.75 26.61 -1.50
N ASN C 379 28.05 26.61 -1.81
CA ASN C 379 28.51 27.04 -3.12
C ASN C 379 28.27 26.01 -4.23
N LEU C 380 28.28 24.72 -3.88
CA LEU C 380 27.84 23.73 -4.82
C LEU C 380 26.37 23.98 -5.15
N ALA C 381 25.54 24.23 -4.14
CA ALA C 381 24.12 24.49 -4.41
C ALA C 381 23.95 25.74 -5.25
N GLN C 382 24.59 26.83 -4.87
CA GLN C 382 24.42 28.10 -5.57
C GLN C 382 24.91 28.02 -7.02
N ARG C 383 26.11 27.48 -7.28
CA ARG C 383 26.62 27.41 -8.66
C ARG C 383 25.73 26.58 -9.58
N SER C 384 25.41 25.37 -9.13
CA SER C 384 24.60 24.42 -9.89
C SER C 384 23.16 24.90 -10.08
N LEU C 385 22.56 25.47 -9.04
CA LEU C 385 21.17 25.91 -9.17
C LEU C 385 21.03 27.22 -9.99
N SER C 386 22.08 28.05 -9.95
CA SER C 386 22.09 29.23 -10.81
C SER C 386 22.31 28.81 -12.27
N MET C 387 23.12 27.79 -12.53
CA MET C 387 23.22 27.29 -13.90
C MET C 387 21.88 26.77 -14.38
N ILE C 388 21.11 26.10 -13.52
CA ILE C 388 19.75 25.67 -13.90
C ILE C 388 18.86 26.90 -14.13
N ALA C 389 18.97 27.92 -13.28
CA ALA C 389 18.17 29.14 -13.43
C ALA C 389 18.45 29.87 -14.75
N LYS C 390 19.73 30.05 -15.07
CA LYS C 390 20.13 30.83 -16.26
C LYS C 390 19.97 29.99 -17.53
N ASN C 391 20.37 28.73 -17.51
CA ASN C 391 20.41 27.92 -18.72
C ASN C 391 19.27 26.91 -18.94
N CYS C 392 18.39 26.71 -17.97
CA CYS C 392 17.33 25.71 -18.13
C CYS C 392 15.94 26.24 -17.72
N GLU C 393 15.74 27.56 -17.89
CA GLU C 393 14.45 28.23 -17.62
C GLU C 393 13.93 28.00 -16.18
N GLY C 394 14.86 27.80 -15.23
CA GLY C 394 14.53 27.46 -13.85
C GLY C 394 13.68 26.20 -13.71
N LYS C 395 13.85 25.26 -14.63
CA LYS C 395 13.20 23.96 -14.52
C LYS C 395 14.27 22.91 -14.31
N VAL C 396 13.96 21.89 -13.51
CA VAL C 396 14.89 20.75 -13.31
C VAL C 396 15.09 20.08 -14.68
N PRO C 397 16.34 19.93 -15.14
CA PRO C 397 16.58 19.39 -16.50
C PRO C 397 16.31 17.91 -16.57
N GLN C 398 15.86 17.46 -17.75
CA GLN C 398 15.62 16.03 -18.03
C GLN C 398 16.92 15.30 -18.17
N PRO C 399 17.24 14.40 -17.24
CA PRO C 399 18.46 13.65 -17.38
C PRO C 399 18.35 12.56 -18.42
N GLY C 400 19.46 12.32 -19.13
CA GLY C 400 19.63 11.14 -19.98
C GLY C 400 20.31 9.96 -19.28
N ALA C 401 20.99 9.13 -20.06
CA ALA C 401 21.76 7.98 -19.54
C ALA C 401 22.74 8.47 -18.49
N PHE C 402 22.79 7.81 -17.33
CA PHE C 402 23.81 8.10 -16.32
C PHE C 402 25.11 7.39 -16.68
N SER C 403 26.21 8.12 -16.61
CA SER C 403 27.53 7.57 -16.88
C SER C 403 28.01 6.89 -15.62
N GLU C 404 29.18 6.27 -15.71
CA GLU C 404 29.80 5.60 -14.54
C GLU C 404 30.00 6.59 -13.40
N ALA C 405 30.47 7.79 -13.73
CA ALA C 405 30.78 8.80 -12.71
C ALA C 405 29.49 9.30 -12.06
N ASP C 406 28.46 9.47 -12.88
CA ASP C 406 27.13 9.85 -12.40
C ASP C 406 26.64 8.81 -11.38
N LYS C 407 26.71 7.54 -11.75
CA LYS C 407 26.21 6.47 -10.90
C LYS C 407 27.01 6.45 -9.58
N ALA C 408 28.32 6.65 -9.64
CA ALA C 408 29.18 6.54 -8.43
C ALA C 408 28.80 7.60 -7.36
N ILE C 409 28.65 8.86 -7.77
CA ILE C 409 28.26 9.89 -6.84
C ILE C 409 26.83 9.69 -6.31
N LEU C 410 25.89 9.33 -7.19
CA LEU C 410 24.53 8.99 -6.72
C LEU C 410 24.55 7.85 -5.70
N ASP C 411 25.28 6.79 -5.99
CA ASP C 411 25.32 5.64 -5.06
C ASP C 411 26.00 5.97 -3.74
N GLN C 412 27.02 6.81 -3.81
CA GLN C 412 27.67 7.29 -2.60
C GLN C 412 26.66 8.02 -1.69
N ALA C 413 25.77 8.83 -2.28
CA ALA C 413 24.73 9.50 -1.50
C ALA C 413 23.82 8.51 -0.77
N ASP C 414 23.32 7.52 -1.49
CA ASP C 414 22.47 6.47 -0.87
C ASP C 414 23.22 5.73 0.22
N ALA C 415 24.50 5.42 -0.04
CA ALA C 415 25.34 4.68 0.94
C ALA C 415 25.55 5.51 2.22
N ALA C 416 25.65 6.85 2.08
CA ALA C 416 25.80 7.73 3.23
C ALA C 416 24.64 7.61 4.26
N LEU C 417 23.42 7.40 3.78
CA LEU C 417 22.28 7.19 4.65
C LEU C 417 22.44 5.94 5.52
N GLU C 418 22.87 4.84 4.91
CA GLU C 418 23.13 3.61 5.68
C GLU C 418 24.22 3.81 6.73
N THR C 419 25.33 4.44 6.34
CA THR C 419 26.37 4.78 7.31
C THR C 419 25.87 5.68 8.44
N ALA C 420 25.13 6.73 8.10
CA ALA C 420 24.52 7.60 9.10
C ALA C 420 23.68 6.85 10.13
N ARG C 421 22.78 6.02 9.66
CA ARG C 421 21.98 5.17 10.54
C ARG C 421 22.82 4.35 11.49
N LYS C 422 23.81 3.64 10.95
CA LYS C 422 24.62 2.77 11.81
C LYS C 422 25.37 3.64 12.84
N ALA C 423 25.82 4.83 12.42
CA ALA C 423 26.52 5.74 13.35
C ALA C 423 25.61 6.23 14.47
N MET C 424 24.37 6.60 14.12
CA MET C 424 23.48 7.25 15.10
C MET C 424 23.00 6.22 16.12
N ASP C 425 22.92 4.96 15.71
CA ASP C 425 22.71 3.87 16.67
C ASP C 425 23.77 3.84 17.79
N ASP C 426 24.98 4.26 17.50
CA ASP C 426 26.04 4.30 18.50
C ASP C 426 26.36 5.73 18.98
N GLN C 427 25.43 6.65 18.75
CA GLN C 427 25.61 8.06 19.12
C GLN C 427 26.83 8.72 18.44
N ALA C 428 27.26 8.16 17.32
CA ALA C 428 28.43 8.66 16.61
C ALA C 428 28.09 9.79 15.63
N LEU C 429 27.73 10.93 16.19
CA LEU C 429 27.21 12.04 15.37
C LEU C 429 28.25 12.53 14.34
N HIS C 430 29.52 12.54 14.73
CA HIS C 430 30.58 13.01 13.87
C HIS C 430 30.78 12.11 12.69
N LEU C 431 30.64 10.80 12.88
CA LEU C 431 30.76 9.85 11.76
C LEU C 431 29.58 10.00 10.83
N ALA C 432 28.40 10.35 11.37
CA ALA C 432 27.18 10.49 10.55
C ALA C 432 27.40 11.66 9.63
N LEU C 433 27.71 12.79 10.25
CA LEU C 433 28.01 14.01 9.52
C LEU C 433 29.26 13.86 8.62
N GLY C 434 30.25 13.09 9.06
CA GLY C 434 31.43 12.84 8.24
C GLY C 434 31.12 12.13 6.90
N ALA C 435 30.21 11.17 6.96
CA ALA C 435 29.79 10.42 5.79
C ALA C 435 28.99 11.30 4.86
N ILE C 436 28.07 12.07 5.41
CA ILE C 436 27.23 12.94 4.59
C ILE C 436 28.07 14.00 3.91
N PHE C 437 29.04 14.57 4.63
CA PHE C 437 29.82 15.65 4.01
C PHE C 437 30.92 15.16 3.09
N ALA C 438 31.24 13.88 3.20
CA ALA C 438 32.17 13.27 2.27
C ALA C 438 31.49 13.22 0.89
N VAL C 439 30.17 13.03 0.86
CA VAL C 439 29.41 13.07 -0.38
C VAL C 439 29.45 14.49 -0.99
N VAL C 440 29.32 15.51 -0.14
CA VAL C 440 29.45 16.90 -0.59
C VAL C 440 30.81 17.16 -1.20
N ALA C 441 31.89 16.75 -0.51
CA ALA C 441 33.26 16.93 -1.07
C ALA C 441 33.39 16.23 -2.43
N GLU C 442 32.97 14.98 -2.51
CA GLU C 442 33.06 14.23 -3.76
C GLU C 442 32.16 14.83 -4.87
N ALA C 443 31.04 15.45 -4.47
CA ALA C 443 30.12 16.07 -5.44
C ALA C 443 30.75 17.29 -6.08
N ASN C 444 31.57 18.03 -5.33
CA ASN C 444 32.31 19.17 -5.91
C ASN C 444 33.33 18.68 -6.96
N ARG C 445 34.07 17.64 -6.62
CA ARG C 445 35.00 16.96 -7.57
C ARG C 445 34.27 16.45 -8.81
N TYR C 446 33.12 15.81 -8.62
CA TYR C 446 32.27 15.37 -9.71
C TYR C 446 31.88 16.53 -10.61
N PHE C 447 31.38 17.59 -9.99
CA PHE C 447 30.94 18.78 -10.74
C PHE C 447 32.08 19.41 -11.53
N ALA C 448 33.17 19.74 -10.85
CA ALA C 448 34.34 20.36 -11.46
C ALA C 448 34.87 19.49 -12.60
N GLY C 449 34.95 18.17 -12.38
CA GLY C 449 35.47 17.22 -13.37
C GLY C 449 34.57 17.00 -14.58
N GLN C 450 33.31 17.39 -14.51
CA GLN C 450 32.43 17.23 -15.64
C GLN C 450 32.45 18.46 -16.53
N GLU C 451 32.93 19.57 -15.98
CA GLU C 451 33.16 20.81 -16.73
C GLU C 451 31.91 21.28 -17.43
N PRO C 452 30.86 21.55 -16.65
CA PRO C 452 29.58 21.78 -17.27
C PRO C 452 29.52 23.08 -18.07
N TRP C 453 30.41 24.04 -17.77
CA TRP C 453 30.57 25.26 -18.61
C TRP C 453 30.92 24.87 -20.03
N ALA C 454 31.98 24.09 -20.20
CA ALA C 454 32.36 23.57 -21.51
C ALA C 454 31.22 22.79 -22.18
N LEU C 455 30.42 22.07 -21.39
CA LEU C 455 29.32 21.30 -21.94
C LEU C 455 28.17 22.20 -22.42
N ARG C 456 28.02 23.37 -21.82
CA ARG C 456 26.99 24.34 -22.25
C ARG C 456 27.05 24.54 -23.77
N LYS C 457 28.27 24.71 -24.30
CA LYS C 457 28.50 24.84 -25.76
C LYS C 457 28.41 23.50 -26.54
N THR C 458 29.32 22.57 -26.26
CA THR C 458 29.37 21.26 -26.94
C THR C 458 28.05 20.48 -26.91
N ASP C 459 27.53 20.25 -25.71
CA ASP C 459 26.53 19.19 -25.49
C ASP C 459 25.53 19.55 -24.37
N PRO C 460 24.53 20.38 -24.70
CA PRO C 460 23.61 20.82 -23.64
C PRO C 460 22.78 19.69 -23.04
N ALA C 461 22.48 18.62 -23.78
CA ALA C 461 21.75 17.49 -23.19
C ALA C 461 22.52 16.96 -21.98
N ARG C 462 23.81 16.67 -22.21
CA ARG C 462 24.71 16.17 -21.19
C ARG C 462 24.96 17.18 -20.06
N MET C 463 25.05 18.47 -20.37
CA MET C 463 25.08 19.49 -19.32
C MET C 463 23.88 19.32 -18.40
N GLY C 464 22.70 19.08 -18.98
CA GLY C 464 21.46 18.93 -18.21
C GLY C 464 21.53 17.73 -17.31
N THR C 465 22.00 16.61 -17.85
CA THR C 465 22.14 15.43 -17.05
C THR C 465 23.02 15.72 -15.86
N VAL C 466 24.15 16.40 -16.09
CA VAL C 466 25.07 16.68 -14.99
C VAL C 466 24.44 17.60 -13.96
N LEU C 467 23.69 18.60 -14.41
CA LEU C 467 23.00 19.49 -13.47
C LEU C 467 21.94 18.73 -12.68
N TYR C 468 21.23 17.83 -13.35
CA TYR C 468 20.26 16.98 -12.69
C TYR C 468 20.89 16.20 -11.57
N VAL C 469 21.93 15.43 -11.91
CA VAL C 469 22.63 14.59 -10.95
C VAL C 469 23.08 15.42 -9.74
N THR C 470 23.70 16.56 -10.00
CA THR C 470 24.14 17.43 -8.93
C THR C 470 22.96 17.84 -8.09
N ALA C 471 21.91 18.34 -8.73
CA ALA C 471 20.68 18.70 -8.03
C ALA C 471 20.13 17.53 -7.19
N GLU C 472 20.10 16.34 -7.79
CA GLU C 472 19.61 15.16 -7.09
C GLU C 472 20.52 14.76 -5.91
N VAL C 473 21.84 14.80 -6.09
CA VAL C 473 22.72 14.54 -4.95
C VAL C 473 22.42 15.54 -3.84
N LEU C 474 22.20 16.79 -4.24
CA LEU C 474 21.93 17.86 -3.25
C LEU C 474 20.60 17.61 -2.50
N ARG C 475 19.57 17.10 -3.17
CA ARG C 475 18.34 16.73 -2.48
C ARG C 475 18.57 15.61 -1.43
N ARG C 476 19.33 14.59 -1.80
CA ARG C 476 19.61 13.53 -0.86
C ARG C 476 20.39 14.07 0.35
N VAL C 477 21.38 14.89 0.12
CA VAL C 477 22.15 15.47 1.24
C VAL C 477 21.23 16.35 2.09
N GLY C 478 20.43 17.15 1.43
CA GLY C 478 19.50 18.00 2.14
C GLY C 478 18.64 17.21 3.11
N ILE C 479 18.04 16.11 2.63
CA ILE C 479 17.22 15.29 3.52
C ILE C 479 18.04 14.77 4.70
N MET C 480 19.24 14.23 4.42
CA MET C 480 20.10 13.65 5.45
C MET C 480 20.63 14.65 6.50
N VAL C 481 20.88 15.91 6.13
CA VAL C 481 21.37 16.90 7.13
C VAL C 481 20.28 17.59 7.95
N GLN C 482 19.01 17.40 7.62
CA GLN C 482 17.94 18.02 8.42
C GLN C 482 18.13 17.97 9.95
N PRO C 483 18.39 16.79 10.51
CA PRO C 483 18.48 16.75 11.95
C PRO C 483 19.59 17.61 12.54
N PHE C 484 20.66 17.80 11.77
CA PHE C 484 21.85 18.46 12.31
C PHE C 484 21.76 19.96 12.15
N ILE C 485 21.21 20.40 11.01
CA ILE C 485 21.09 21.83 10.68
C ILE C 485 19.70 22.12 10.08
N PRO C 486 18.65 22.04 10.92
CA PRO C 486 17.25 21.98 10.40
C PRO C 486 16.81 23.13 9.54
N GLN C 487 17.07 24.36 9.95
CA GLN C 487 16.59 25.53 9.19
C GLN C 487 17.26 25.66 7.81
N SER C 488 18.58 25.50 7.79
CA SER C 488 19.36 25.54 6.60
C SER C 488 18.90 24.42 5.68
N ALA C 489 18.72 23.22 6.23
CA ALA C 489 18.28 22.09 5.41
C ALA C 489 16.91 22.38 4.75
N GLU C 490 16.00 22.95 5.51
CA GLU C 490 14.72 23.36 4.97
C GLU C 490 14.91 24.36 3.79
N LYS C 491 15.74 25.38 3.98
CA LYS C 491 15.94 26.37 2.91
C LYS C 491 16.54 25.68 1.67
N LEU C 492 17.47 24.75 1.83
CA LEU C 492 18.07 24.06 0.69
C LEU C 492 17.09 23.18 -0.08
N LEU C 493 16.23 22.50 0.66
CA LEU C 493 15.19 21.72 0.04
C LEU C 493 14.08 22.62 -0.57
N ASP C 494 13.83 23.81 -0.02
CA ASP C 494 12.85 24.72 -0.61
C ASP C 494 13.33 25.12 -2.01
N ILE C 495 14.58 25.50 -2.07
CA ILE C 495 15.24 25.80 -3.33
C ILE C 495 15.17 24.66 -4.35
N LEU C 496 15.12 23.43 -3.86
CA LEU C 496 15.05 22.26 -4.77
C LEU C 496 13.56 21.87 -5.00
N ALA C 497 12.64 22.70 -4.50
CA ALA C 497 11.21 22.50 -4.69
C ALA C 497 10.76 21.12 -4.21
N VAL C 498 11.19 20.71 -3.02
CA VAL C 498 10.84 19.38 -2.51
C VAL C 498 9.64 19.56 -1.63
N PRO C 499 8.53 18.91 -1.97
CA PRO C 499 7.34 19.00 -1.12
C PRO C 499 7.60 18.73 0.36
N ALA C 500 6.78 19.31 1.23
CA ALA C 500 6.90 19.11 2.68
C ALA C 500 6.74 17.65 3.08
N ASP C 501 6.01 16.87 2.30
CA ASP C 501 5.72 15.47 2.65
C ASP C 501 6.64 14.49 1.95
N LYS C 502 7.77 14.99 1.46
CA LYS C 502 8.75 14.19 0.71
C LYS C 502 10.15 14.38 1.28
N ARG C 503 10.22 14.61 2.59
CA ARG C 503 11.48 14.90 3.26
C ARG C 503 11.79 13.92 4.41
N GLN C 504 11.31 12.67 4.32
CA GLN C 504 11.73 11.61 5.26
C GLN C 504 12.90 10.90 4.64
N PHE C 505 13.61 10.14 5.44
CA PHE C 505 14.75 9.40 4.96
C PHE C 505 14.31 8.38 3.90
N ALA C 506 13.11 7.83 4.04
CA ALA C 506 12.52 6.96 3.00
C ALA C 506 12.44 7.67 1.64
N ASP C 507 12.35 8.99 1.63
CA ASP C 507 12.25 9.71 0.34
C ASP C 507 13.56 9.82 -0.40
N VAL C 508 14.67 9.49 0.28
CA VAL C 508 15.98 9.52 -0.35
C VAL C 508 16.02 8.56 -1.52
N LEU C 509 15.61 7.32 -1.30
CA LEU C 509 15.47 6.32 -2.39
C LEU C 509 14.17 6.47 -3.20
N ALA C 510 13.08 6.82 -2.52
CA ALA C 510 11.73 6.72 -3.12
C ALA C 510 11.34 7.89 -4.05
N SER C 511 11.89 9.09 -3.81
CA SER C 511 11.33 10.32 -4.37
C SER C 511 12.29 11.25 -5.15
N PRO C 512 12.95 10.72 -6.19
CA PRO C 512 14.00 11.51 -6.87
C PRO C 512 13.40 12.72 -7.53
N LEU C 513 14.20 13.74 -7.79
CA LEU C 513 13.72 14.93 -8.53
C LEU C 513 13.19 14.52 -9.92
N ALA C 514 12.05 15.11 -10.30
CA ALA C 514 11.44 14.90 -11.62
C ALA C 514 11.85 16.06 -12.55
N GLY C 515 12.32 15.71 -13.75
CA GLY C 515 12.61 16.71 -14.79
C GLY C 515 11.35 17.52 -15.07
N GLY C 516 11.54 18.82 -15.26
CA GLY C 516 10.44 19.71 -15.56
C GLY C 516 9.99 20.58 -14.39
N THR C 517 10.29 20.19 -13.16
CA THR C 517 9.77 20.87 -11.98
C THR C 517 10.33 22.28 -11.86
N ASP C 518 9.45 23.23 -11.51
CA ASP C 518 9.85 24.62 -11.37
C ASP C 518 10.63 24.75 -10.06
N LEU C 519 11.69 25.55 -10.10
CA LEU C 519 12.54 25.85 -8.94
C LEU C 519 12.58 27.35 -8.73
N PRO C 520 12.40 27.79 -7.49
CA PRO C 520 12.52 29.21 -7.19
C PRO C 520 13.97 29.70 -7.31
N ALA C 521 14.14 31.01 -7.51
CA ALA C 521 15.46 31.63 -7.65
C ALA C 521 16.32 31.25 -6.45
N PRO C 522 17.49 30.69 -6.69
CA PRO C 522 18.34 30.27 -5.59
C PRO C 522 19.04 31.42 -4.85
N GLN C 523 18.73 31.59 -3.56
CA GLN C 523 19.50 32.44 -2.65
C GLN C 523 20.53 31.55 -1.90
N PRO C 524 21.71 32.10 -1.55
CA PRO C 524 22.64 31.28 -0.77
C PRO C 524 22.05 30.82 0.58
N VAL C 525 22.29 29.57 0.93
CA VAL C 525 21.85 28.96 2.17
C VAL C 525 22.81 29.29 3.34
N PHE C 526 24.12 29.26 3.04
CA PHE C 526 25.17 29.47 4.04
C PHE C 526 26.06 30.64 3.73
N PRO C 527 25.68 31.83 4.17
CA PRO C 527 26.56 32.95 3.94
C PRO C 527 27.91 32.72 4.58
N ARG C 528 28.94 33.07 3.85
CA ARG C 528 30.29 33.10 4.37
C ARG C 528 30.40 34.08 5.59
N TYR C 529 31.25 33.77 6.56
CA TYR C 529 31.28 34.53 7.81
C TYR C 529 31.78 35.98 7.65
#